data_5S8W
# 
_entry.id   5S8W 
# 
_audit_conform.dict_name       mmcif_pdbx.dic 
_audit_conform.dict_version    5.387 
_audit_conform.dict_location   http://mmcif.pdb.org/dictionaries/ascii/mmcif_pdbx.dic 
# 
loop_
_database_2.database_id 
_database_2.database_code 
_database_2.pdbx_database_accession 
_database_2.pdbx_DOI 
PDB   5S8W         pdb_00005s8w 10.2210/pdb5s8w/pdb 
WWPDB D_1001404205 ?            ?                   
# 
loop_
_pdbx_audit_revision_history.ordinal 
_pdbx_audit_revision_history.data_content_type 
_pdbx_audit_revision_history.major_revision 
_pdbx_audit_revision_history.minor_revision 
_pdbx_audit_revision_history.revision_date 
1 'Structure model' 1 0 2021-02-17 
2 'Structure model' 1 1 2024-03-06 
# 
_pdbx_audit_revision_details.ordinal             1 
_pdbx_audit_revision_details.revision_ordinal    1 
_pdbx_audit_revision_details.data_content_type   'Structure model' 
_pdbx_audit_revision_details.provider            repository 
_pdbx_audit_revision_details.type                'Initial release' 
_pdbx_audit_revision_details.description         ? 
_pdbx_audit_revision_details.details             ? 
# 
loop_
_pdbx_audit_revision_group.ordinal 
_pdbx_audit_revision_group.revision_ordinal 
_pdbx_audit_revision_group.data_content_type 
_pdbx_audit_revision_group.group 
1 2 'Structure model' 'Data collection'     
2 2 'Structure model' 'Database references' 
# 
loop_
_pdbx_audit_revision_category.ordinal 
_pdbx_audit_revision_category.revision_ordinal 
_pdbx_audit_revision_category.data_content_type 
_pdbx_audit_revision_category.category 
1 2 'Structure model' chem_comp_atom 
2 2 'Structure model' chem_comp_bond 
3 2 'Structure model' database_2     
# 
loop_
_pdbx_audit_revision_item.ordinal 
_pdbx_audit_revision_item.revision_ordinal 
_pdbx_audit_revision_item.data_content_type 
_pdbx_audit_revision_item.item 
1 2 'Structure model' '_database_2.pdbx_DOI'                
2 2 'Structure model' '_database_2.pdbx_database_accession' 
# 
_pdbx_database_status.entry_id                        5S8W 
_pdbx_database_status.status_code                     REL 
_pdbx_database_status.status_code_sf                  REL 
_pdbx_database_status.status_code_mr                  ? 
_pdbx_database_status.status_code_cs                  ? 
_pdbx_database_status.recvd_initial_deposition_date   2021-01-22 
_pdbx_database_status.status_code_nmr_data            ? 
_pdbx_database_status.deposit_site                    RCSB 
_pdbx_database_status.process_site                    RCSB 
_pdbx_database_status.SG_entry                        ? 
_pdbx_database_status.pdb_format_compatible           Y 
_pdbx_database_status.methods_development_category    ? 
# 
loop_
_audit_author.name 
_audit_author.pdbx_ordinal 
_audit_author.identifier_ORCID 
'Grosjean, H.'     1  ? 
'Aimon, A.'        2  ? 
'Hassel-Hart , S.' 3  ? 
'Krojer, T.'       4  ? 
'Talon, R.'        5  ? 
'Douangamath, A.'  6  ? 
'Koekemoer, L.'    7  ? 
'Biggin, P.C.'     8  ? 
'Spencer, J.'      9  ? 
'von Delft, F.'    10 ? 
# 
_citation.id                        primary 
_citation.title                     
;Crystal Structures of the second bromodomain of Pleckstrin homology domain interacting protein (PHIP) in space group C2 soaked with crude reaction mixtures
;
_citation.journal_abbrev            'To Be Published' 
_citation.journal_volume            ? 
_citation.page_first                ? 
_citation.page_last                 ? 
_citation.year                      ? 
_citation.journal_id_ASTM           ? 
_citation.country                   ? 
_citation.journal_id_ISSN           ? 
_citation.journal_id_CSD            0353 
_citation.book_publisher            ? 
_citation.pdbx_database_id_PubMed   ? 
_citation.pdbx_database_id_DOI      ? 
# 
loop_
_citation_author.citation_id 
_citation_author.name 
_citation_author.identifier_ORCID 
_citation_author.ordinal 
primary 'Grosjean, H.'    ? 1  
primary 'Aimon, A.'       ? 2  
primary 'Hart , S.'       ? 3  
primary 'Krojer, T.'      ? 4  
primary 'Talon, R.'       ? 5  
primary 'Douangamath, A.' ? 6  
primary 'Koekemoer, L.'   ? 7  
primary 'Biggin, P.C.'    ? 8  
primary 'Spencer, J.'     ? 9  
primary 'von Delft, F.'   ? 10 
# 
loop_
_entity.id 
_entity.type 
_entity.src_method 
_entity.pdbx_description 
_entity.formula_weight 
_entity.pdbx_number_of_molecules 
_entity.pdbx_ec 
_entity.pdbx_mutation 
_entity.pdbx_fragment 
_entity.details 
1 polymer     man 'PH-interacting protein'                                              17627.859 1   ? ? ? ? 
2 non-polymer syn 'N-(2,4-difluorophenyl)-4-(furan-2-carbonyl)piperazine-1-carboxamide' 335.305   1   ? ? ? ? 
3 water       nat water                                                                 18.015    191 ? ? ? ? 
# 
_entity_name_com.entity_id   1 
_entity_name_com.name        
'PHIP,DDB1- and CUL4-associated factor 14,IRS-1 PH domain-binding protein,WD repeat-containing protein 11' 
# 
_entity_poly.entity_id                      1 
_entity_poly.type                           'polypeptide(L)' 
_entity_poly.nstd_linkage                   no 
_entity_poly.nstd_monomer                   no 
_entity_poly.pdbx_seq_one_letter_code       
;MHHHHHHSSGVDLGTENLYFQSMSYDIQAWKKQCEELLNLIFQCEDSEPFRQPVDLLEYPDYRDIIDTPMDFATVRETLE
AGNYESPMELCKDVRLIFSNSKAYTPSKRSRIYSMSLRLSAFFEEHISSVLSDYKSALRFHKRNTITKR
;
_entity_poly.pdbx_seq_one_letter_code_can   
;MHHHHHHSSGVDLGTENLYFQSMSYDIQAWKKQCEELLNLIFQCEDSEPFRQPVDLLEYPDYRDIIDTPMDFATVRETLE
AGNYESPMELCKDVRLIFSNSKAYTPSKRSRIYSMSLRLSAFFEEHISSVLSDYKSALRFHKRNTITKR
;
_entity_poly.pdbx_strand_id                 A 
_entity_poly.pdbx_target_identifier         ? 
# 
loop_
_pdbx_entity_nonpoly.entity_id 
_pdbx_entity_nonpoly.name 
_pdbx_entity_nonpoly.comp_id 
2 'N-(2,4-difluorophenyl)-4-(furan-2-carbonyl)piperazine-1-carboxamide' Y1D 
3 water                                                                 HOH 
# 
loop_
_entity_poly_seq.entity_id 
_entity_poly_seq.num 
_entity_poly_seq.mon_id 
_entity_poly_seq.hetero 
1 1   MET n 
1 2   HIS n 
1 3   HIS n 
1 4   HIS n 
1 5   HIS n 
1 6   HIS n 
1 7   HIS n 
1 8   SER n 
1 9   SER n 
1 10  GLY n 
1 11  VAL n 
1 12  ASP n 
1 13  LEU n 
1 14  GLY n 
1 15  THR n 
1 16  GLU n 
1 17  ASN n 
1 18  LEU n 
1 19  TYR n 
1 20  PHE n 
1 21  GLN n 
1 22  SER n 
1 23  MET n 
1 24  SER n 
1 25  TYR n 
1 26  ASP n 
1 27  ILE n 
1 28  GLN n 
1 29  ALA n 
1 30  TRP n 
1 31  LYS n 
1 32  LYS n 
1 33  GLN n 
1 34  CYS n 
1 35  GLU n 
1 36  GLU n 
1 37  LEU n 
1 38  LEU n 
1 39  ASN n 
1 40  LEU n 
1 41  ILE n 
1 42  PHE n 
1 43  GLN n 
1 44  CYS n 
1 45  GLU n 
1 46  ASP n 
1 47  SER n 
1 48  GLU n 
1 49  PRO n 
1 50  PHE n 
1 51  ARG n 
1 52  GLN n 
1 53  PRO n 
1 54  VAL n 
1 55  ASP n 
1 56  LEU n 
1 57  LEU n 
1 58  GLU n 
1 59  TYR n 
1 60  PRO n 
1 61  ASP n 
1 62  TYR n 
1 63  ARG n 
1 64  ASP n 
1 65  ILE n 
1 66  ILE n 
1 67  ASP n 
1 68  THR n 
1 69  PRO n 
1 70  MET n 
1 71  ASP n 
1 72  PHE n 
1 73  ALA n 
1 74  THR n 
1 75  VAL n 
1 76  ARG n 
1 77  GLU n 
1 78  THR n 
1 79  LEU n 
1 80  GLU n 
1 81  ALA n 
1 82  GLY n 
1 83  ASN n 
1 84  TYR n 
1 85  GLU n 
1 86  SER n 
1 87  PRO n 
1 88  MET n 
1 89  GLU n 
1 90  LEU n 
1 91  CYS n 
1 92  LYS n 
1 93  ASP n 
1 94  VAL n 
1 95  ARG n 
1 96  LEU n 
1 97  ILE n 
1 98  PHE n 
1 99  SER n 
1 100 ASN n 
1 101 SER n 
1 102 LYS n 
1 103 ALA n 
1 104 TYR n 
1 105 THR n 
1 106 PRO n 
1 107 SER n 
1 108 LYS n 
1 109 ARG n 
1 110 SER n 
1 111 ARG n 
1 112 ILE n 
1 113 TYR n 
1 114 SER n 
1 115 MET n 
1 116 SER n 
1 117 LEU n 
1 118 ARG n 
1 119 LEU n 
1 120 SER n 
1 121 ALA n 
1 122 PHE n 
1 123 PHE n 
1 124 GLU n 
1 125 GLU n 
1 126 HIS n 
1 127 ILE n 
1 128 SER n 
1 129 SER n 
1 130 VAL n 
1 131 LEU n 
1 132 SER n 
1 133 ASP n 
1 134 TYR n 
1 135 LYS n 
1 136 SER n 
1 137 ALA n 
1 138 LEU n 
1 139 ARG n 
1 140 PHE n 
1 141 HIS n 
1 142 LYS n 
1 143 ARG n 
1 144 ASN n 
1 145 THR n 
1 146 ILE n 
1 147 THR n 
1 148 LYS n 
1 149 ARG n 
# 
_entity_src_gen.entity_id                          1 
_entity_src_gen.pdbx_src_id                        1 
_entity_src_gen.pdbx_alt_source_flag               sample 
_entity_src_gen.pdbx_seq_type                      'Biological sequence' 
_entity_src_gen.pdbx_beg_seq_num                   1 
_entity_src_gen.pdbx_end_seq_num                   149 
_entity_src_gen.gene_src_common_name               Human 
_entity_src_gen.gene_src_genus                     ? 
_entity_src_gen.pdbx_gene_src_gene                 'PHIP, DCAF14, WDR11' 
_entity_src_gen.gene_src_species                   ? 
_entity_src_gen.gene_src_strain                    ? 
_entity_src_gen.gene_src_tissue                    ? 
_entity_src_gen.gene_src_tissue_fraction           ? 
_entity_src_gen.gene_src_details                   ? 
_entity_src_gen.pdbx_gene_src_fragment             ? 
_entity_src_gen.pdbx_gene_src_scientific_name      'Homo sapiens' 
_entity_src_gen.pdbx_gene_src_ncbi_taxonomy_id     9606 
_entity_src_gen.pdbx_gene_src_variant              ? 
_entity_src_gen.pdbx_gene_src_cell_line            ? 
_entity_src_gen.pdbx_gene_src_atcc                 ? 
_entity_src_gen.pdbx_gene_src_organ                ? 
_entity_src_gen.pdbx_gene_src_organelle            ? 
_entity_src_gen.pdbx_gene_src_cell                 ? 
_entity_src_gen.pdbx_gene_src_cellular_location    ? 
_entity_src_gen.host_org_common_name               ? 
_entity_src_gen.pdbx_host_org_scientific_name      'Escherichia coli' 
_entity_src_gen.pdbx_host_org_ncbi_taxonomy_id     562 
_entity_src_gen.host_org_genus                     ? 
_entity_src_gen.pdbx_host_org_gene                 ? 
_entity_src_gen.pdbx_host_org_organ                ? 
_entity_src_gen.host_org_species                   ? 
_entity_src_gen.pdbx_host_org_tissue               ? 
_entity_src_gen.pdbx_host_org_tissue_fraction      ? 
_entity_src_gen.pdbx_host_org_strain               ? 
_entity_src_gen.pdbx_host_org_variant              ? 
_entity_src_gen.pdbx_host_org_cell_line            ? 
_entity_src_gen.pdbx_host_org_atcc                 ? 
_entity_src_gen.pdbx_host_org_culture_collection   ? 
_entity_src_gen.pdbx_host_org_cell                 ? 
_entity_src_gen.pdbx_host_org_organelle            ? 
_entity_src_gen.pdbx_host_org_cellular_location    ? 
_entity_src_gen.pdbx_host_org_vector_type          ? 
_entity_src_gen.pdbx_host_org_vector               ? 
_entity_src_gen.host_org_details                   ? 
_entity_src_gen.expression_system_id               ? 
_entity_src_gen.plasmid_name                       ? 
_entity_src_gen.plasmid_details                    ? 
_entity_src_gen.pdbx_description                   ? 
# 
loop_
_chem_comp.id 
_chem_comp.type 
_chem_comp.mon_nstd_flag 
_chem_comp.name 
_chem_comp.pdbx_synonyms 
_chem_comp.formula 
_chem_comp.formula_weight 
ALA 'L-peptide linking' y ALANINE                                                               ? 'C3 H7 N O2'       89.093  
ARG 'L-peptide linking' y ARGININE                                                              ? 'C6 H15 N4 O2 1'   175.209 
ASN 'L-peptide linking' y ASPARAGINE                                                            ? 'C4 H8 N2 O3'      132.118 
ASP 'L-peptide linking' y 'ASPARTIC ACID'                                                       ? 'C4 H7 N O4'       133.103 
CYS 'L-peptide linking' y CYSTEINE                                                              ? 'C3 H7 N O2 S'     121.158 
GLN 'L-peptide linking' y GLUTAMINE                                                             ? 'C5 H10 N2 O3'     146.144 
GLU 'L-peptide linking' y 'GLUTAMIC ACID'                                                       ? 'C5 H9 N O4'       147.129 
GLY 'peptide linking'   y GLYCINE                                                               ? 'C2 H5 N O2'       75.067  
HIS 'L-peptide linking' y HISTIDINE                                                             ? 'C6 H10 N3 O2 1'   156.162 
HOH non-polymer         . WATER                                                                 ? 'H2 O'             18.015  
ILE 'L-peptide linking' y ISOLEUCINE                                                            ? 'C6 H13 N O2'      131.173 
LEU 'L-peptide linking' y LEUCINE                                                               ? 'C6 H13 N O2'      131.173 
LYS 'L-peptide linking' y LYSINE                                                                ? 'C6 H15 N2 O2 1'   147.195 
MET 'L-peptide linking' y METHIONINE                                                            ? 'C5 H11 N O2 S'    149.211 
PHE 'L-peptide linking' y PHENYLALANINE                                                         ? 'C9 H11 N O2'      165.189 
PRO 'L-peptide linking' y PROLINE                                                               ? 'C5 H9 N O2'       115.130 
SER 'L-peptide linking' y SERINE                                                                ? 'C3 H7 N O3'       105.093 
THR 'L-peptide linking' y THREONINE                                                             ? 'C4 H9 N O3'       119.119 
TRP 'L-peptide linking' y TRYPTOPHAN                                                            ? 'C11 H12 N2 O2'    204.225 
TYR 'L-peptide linking' y TYROSINE                                                              ? 'C9 H11 N O3'      181.189 
VAL 'L-peptide linking' y VALINE                                                                ? 'C5 H11 N O2'      117.146 
Y1D non-polymer         . 'N-(2,4-difluorophenyl)-4-(furan-2-carbonyl)piperazine-1-carboxamide' ? 'C16 H15 F2 N3 O3' 335.305 
# 
loop_
_pdbx_poly_seq_scheme.asym_id 
_pdbx_poly_seq_scheme.entity_id 
_pdbx_poly_seq_scheme.seq_id 
_pdbx_poly_seq_scheme.mon_id 
_pdbx_poly_seq_scheme.ndb_seq_num 
_pdbx_poly_seq_scheme.pdb_seq_num 
_pdbx_poly_seq_scheme.auth_seq_num 
_pdbx_poly_seq_scheme.pdb_mon_id 
_pdbx_poly_seq_scheme.auth_mon_id 
_pdbx_poly_seq_scheme.pdb_strand_id 
_pdbx_poly_seq_scheme.pdb_ins_code 
_pdbx_poly_seq_scheme.hetero 
A 1 1   MET 1   1292 ?    ?   ?   A . n 
A 1 2   HIS 2   1293 ?    ?   ?   A . n 
A 1 3   HIS 3   1294 ?    ?   ?   A . n 
A 1 4   HIS 4   1295 ?    ?   ?   A . n 
A 1 5   HIS 5   1296 ?    ?   ?   A . n 
A 1 6   HIS 6   1297 ?    ?   ?   A . n 
A 1 7   HIS 7   1298 ?    ?   ?   A . n 
A 1 8   SER 8   1299 ?    ?   ?   A . n 
A 1 9   SER 9   1300 ?    ?   ?   A . n 
A 1 10  GLY 10  1301 ?    ?   ?   A . n 
A 1 11  VAL 11  1302 ?    ?   ?   A . n 
A 1 12  ASP 12  1303 ?    ?   ?   A . n 
A 1 13  LEU 13  1304 ?    ?   ?   A . n 
A 1 14  GLY 14  1305 ?    ?   ?   A . n 
A 1 15  THR 15  1306 ?    ?   ?   A . n 
A 1 16  GLU 16  1307 ?    ?   ?   A . n 
A 1 17  ASN 17  1308 ?    ?   ?   A . n 
A 1 18  LEU 18  1309 ?    ?   ?   A . n 
A 1 19  TYR 19  1310 ?    ?   ?   A . n 
A 1 20  PHE 20  1311 ?    ?   ?   A . n 
A 1 21  GLN 21  1312 ?    ?   ?   A . n 
A 1 22  SER 22  1313 ?    ?   ?   A . n 
A 1 23  MET 23  1314 ?    ?   ?   A . n 
A 1 24  SER 24  1315 ?    ?   ?   A . n 
A 1 25  TYR 25  1316 1316 TYR TYR A . n 
A 1 26  ASP 26  1317 1317 ASP ASP A . n 
A 1 27  ILE 27  1318 1318 ILE ILE A . n 
A 1 28  GLN 28  1319 1319 GLN GLN A . n 
A 1 29  ALA 29  1320 1320 ALA ALA A . n 
A 1 30  TRP 30  1321 1321 TRP TRP A . n 
A 1 31  LYS 31  1322 1322 LYS LYS A . n 
A 1 32  LYS 32  1323 1323 LYS LYS A . n 
A 1 33  GLN 33  1324 1324 GLN GLN A . n 
A 1 34  CYS 34  1325 1325 CYS CYS A . n 
A 1 35  GLU 35  1326 1326 GLU GLU A . n 
A 1 36  GLU 36  1327 1327 GLU GLU A . n 
A 1 37  LEU 37  1328 1328 LEU LEU A . n 
A 1 38  LEU 38  1329 1329 LEU LEU A . n 
A 1 39  ASN 39  1330 1330 ASN ASN A . n 
A 1 40  LEU 40  1331 1331 LEU LEU A . n 
A 1 41  ILE 41  1332 1332 ILE ILE A . n 
A 1 42  PHE 42  1333 1333 PHE PHE A . n 
A 1 43  GLN 43  1334 1334 GLN GLN A . n 
A 1 44  CYS 44  1335 1335 CYS CYS A . n 
A 1 45  GLU 45  1336 1336 GLU GLU A . n 
A 1 46  ASP 46  1337 1337 ASP ASP A . n 
A 1 47  SER 47  1338 1338 SER SER A . n 
A 1 48  GLU 48  1339 1339 GLU GLU A . n 
A 1 49  PRO 49  1340 1340 PRO PRO A . n 
A 1 50  PHE 50  1341 1341 PHE PHE A . n 
A 1 51  ARG 51  1342 1342 ARG ARG A . n 
A 1 52  GLN 52  1343 1343 GLN GLN A . n 
A 1 53  PRO 53  1344 1344 PRO PRO A . n 
A 1 54  VAL 54  1345 1345 VAL VAL A . n 
A 1 55  ASP 55  1346 1346 ASP ASP A . n 
A 1 56  LEU 56  1347 1347 LEU LEU A . n 
A 1 57  LEU 57  1348 1348 LEU LEU A . n 
A 1 58  GLU 58  1349 1349 GLU GLU A . n 
A 1 59  TYR 59  1350 1350 TYR TYR A . n 
A 1 60  PRO 60  1351 1351 PRO PRO A . n 
A 1 61  ASP 61  1352 1352 ASP ASP A . n 
A 1 62  TYR 62  1353 1353 TYR TYR A . n 
A 1 63  ARG 63  1354 1354 ARG ARG A . n 
A 1 64  ASP 64  1355 1355 ASP ASP A . n 
A 1 65  ILE 65  1356 1356 ILE ILE A . n 
A 1 66  ILE 66  1357 1357 ILE ILE A . n 
A 1 67  ASP 67  1358 1358 ASP ASP A . n 
A 1 68  THR 68  1359 1359 THR THR A . n 
A 1 69  PRO 69  1360 1360 PRO PRO A . n 
A 1 70  MET 70  1361 1361 MET MET A . n 
A 1 71  ASP 71  1362 1362 ASP ASP A . n 
A 1 72  PHE 72  1363 1363 PHE PHE A . n 
A 1 73  ALA 73  1364 1364 ALA ALA A . n 
A 1 74  THR 74  1365 1365 THR THR A . n 
A 1 75  VAL 75  1366 1366 VAL VAL A . n 
A 1 76  ARG 76  1367 1367 ARG ARG A . n 
A 1 77  GLU 77  1368 1368 GLU GLU A . n 
A 1 78  THR 78  1369 1369 THR THR A . n 
A 1 79  LEU 79  1370 1370 LEU LEU A . n 
A 1 80  GLU 80  1371 1371 GLU GLU A . n 
A 1 81  ALA 81  1372 1372 ALA ALA A . n 
A 1 82  GLY 82  1373 1373 GLY GLY A . n 
A 1 83  ASN 83  1374 1374 ASN ASN A . n 
A 1 84  TYR 84  1375 1375 TYR TYR A . n 
A 1 85  GLU 85  1376 1376 GLU GLU A . n 
A 1 86  SER 86  1377 1377 SER SER A . n 
A 1 87  PRO 87  1378 1378 PRO PRO A . n 
A 1 88  MET 88  1379 1379 MET MET A . n 
A 1 89  GLU 89  1380 1380 GLU GLU A . n 
A 1 90  LEU 90  1381 1381 LEU LEU A . n 
A 1 91  CYS 91  1382 1382 CYS CYS A . n 
A 1 92  LYS 92  1383 1383 LYS LYS A . n 
A 1 93  ASP 93  1384 1384 ASP ASP A . n 
A 1 94  VAL 94  1385 1385 VAL VAL A . n 
A 1 95  ARG 95  1386 1386 ARG ARG A . n 
A 1 96  LEU 96  1387 1387 LEU LEU A . n 
A 1 97  ILE 97  1388 1388 ILE ILE A . n 
A 1 98  PHE 98  1389 1389 PHE PHE A . n 
A 1 99  SER 99  1390 1390 SER SER A . n 
A 1 100 ASN 100 1391 1391 ASN ASN A . n 
A 1 101 SER 101 1392 1392 SER SER A . n 
A 1 102 LYS 102 1393 1393 LYS LYS A . n 
A 1 103 ALA 103 1394 1394 ALA ALA A . n 
A 1 104 TYR 104 1395 1395 TYR TYR A . n 
A 1 105 THR 105 1396 1396 THR THR A . n 
A 1 106 PRO 106 1397 1397 PRO PRO A . n 
A 1 107 SER 107 1398 1398 SER SER A . n 
A 1 108 LYS 108 1399 1399 LYS LYS A . n 
A 1 109 ARG 109 1400 1400 ARG ARG A . n 
A 1 110 SER 110 1401 1401 SER SER A . n 
A 1 111 ARG 111 1402 1402 ARG ARG A . n 
A 1 112 ILE 112 1403 1403 ILE ILE A . n 
A 1 113 TYR 113 1404 1404 TYR TYR A . n 
A 1 114 SER 114 1405 1405 SER SER A . n 
A 1 115 MET 115 1406 1406 MET MET A . n 
A 1 116 SER 116 1407 1407 SER SER A . n 
A 1 117 LEU 117 1408 1408 LEU LEU A . n 
A 1 118 ARG 118 1409 1409 ARG ARG A . n 
A 1 119 LEU 119 1410 1410 LEU LEU A . n 
A 1 120 SER 120 1411 1411 SER SER A . n 
A 1 121 ALA 121 1412 1412 ALA ALA A . n 
A 1 122 PHE 122 1413 1413 PHE PHE A . n 
A 1 123 PHE 123 1414 1414 PHE PHE A . n 
A 1 124 GLU 124 1415 1415 GLU GLU A . n 
A 1 125 GLU 125 1416 1416 GLU GLU A . n 
A 1 126 HIS 126 1417 1417 HIS HIS A . n 
A 1 127 ILE 127 1418 1418 ILE ILE A . n 
A 1 128 SER 128 1419 1419 SER SER A . n 
A 1 129 SER 129 1420 1420 SER SER A . n 
A 1 130 VAL 130 1421 1421 VAL VAL A . n 
A 1 131 LEU 131 1422 1422 LEU LEU A . n 
A 1 132 SER 132 1423 1423 SER SER A . n 
A 1 133 ASP 133 1424 1424 ASP ASP A . n 
A 1 134 TYR 134 1425 1425 TYR TYR A . n 
A 1 135 LYS 135 1426 1426 LYS LYS A . n 
A 1 136 SER 136 1427 1427 SER SER A . n 
A 1 137 ALA 137 1428 1428 ALA ALA A . n 
A 1 138 LEU 138 1429 1429 LEU LEU A . n 
A 1 139 ARG 139 1430 1430 ARG ARG A . n 
A 1 140 PHE 140 1431 1431 PHE PHE A . n 
A 1 141 HIS 141 1432 1432 HIS HIS A . n 
A 1 142 LYS 142 1433 1433 LYS LYS A . n 
A 1 143 ARG 143 1434 1434 ARG ARG A . n 
A 1 144 ASN 144 1435 ?    ?   ?   A . n 
A 1 145 THR 145 1436 ?    ?   ?   A . n 
A 1 146 ILE 146 1437 ?    ?   ?   A . n 
A 1 147 THR 147 1438 ?    ?   ?   A . n 
A 1 148 LYS 148 1439 ?    ?   ?   A . n 
A 1 149 ARG 149 1440 ?    ?   ?   A . n 
# 
loop_
_pdbx_nonpoly_scheme.asym_id 
_pdbx_nonpoly_scheme.entity_id 
_pdbx_nonpoly_scheme.mon_id 
_pdbx_nonpoly_scheme.ndb_seq_num 
_pdbx_nonpoly_scheme.pdb_seq_num 
_pdbx_nonpoly_scheme.auth_seq_num 
_pdbx_nonpoly_scheme.pdb_mon_id 
_pdbx_nonpoly_scheme.auth_mon_id 
_pdbx_nonpoly_scheme.pdb_strand_id 
_pdbx_nonpoly_scheme.pdb_ins_code 
B 2 Y1D 1   1501 1501 Y1D LIG A . 
C 3 HOH 1   1601 128  HOH HOH A . 
C 3 HOH 2   1602 172  HOH HOH A . 
C 3 HOH 3   1603 197  HOH HOH A . 
C 3 HOH 4   1604 85   HOH HOH A . 
C 3 HOH 5   1605 98   HOH HOH A . 
C 3 HOH 6   1606 151  HOH HOH A . 
C 3 HOH 7   1607 183  HOH HOH A . 
C 3 HOH 8   1608 184  HOH HOH A . 
C 3 HOH 9   1609 162  HOH HOH A . 
C 3 HOH 10  1610 26   HOH HOH A . 
C 3 HOH 11  1611 167  HOH HOH A . 
C 3 HOH 12  1612 17   HOH HOH A . 
C 3 HOH 13  1613 187  HOH HOH A . 
C 3 HOH 14  1614 89   HOH HOH A . 
C 3 HOH 15  1615 135  HOH HOH A . 
C 3 HOH 16  1616 121  HOH HOH A . 
C 3 HOH 17  1617 174  HOH HOH A . 
C 3 HOH 18  1618 44   HOH HOH A . 
C 3 HOH 19  1619 124  HOH HOH A . 
C 3 HOH 20  1620 86   HOH HOH A . 
C 3 HOH 21  1621 7    HOH HOH A . 
C 3 HOH 22  1622 74   HOH HOH A . 
C 3 HOH 23  1623 10   HOH HOH A . 
C 3 HOH 24  1624 129  HOH HOH A . 
C 3 HOH 25  1625 31   HOH HOH A . 
C 3 HOH 26  1626 21   HOH HOH A . 
C 3 HOH 27  1627 123  HOH HOH A . 
C 3 HOH 28  1628 70   HOH HOH A . 
C 3 HOH 29  1629 33   HOH HOH A . 
C 3 HOH 30  1630 159  HOH HOH A . 
C 3 HOH 31  1631 50   HOH HOH A . 
C 3 HOH 32  1632 12   HOH HOH A . 
C 3 HOH 33  1633 65   HOH HOH A . 
C 3 HOH 34  1634 16   HOH HOH A . 
C 3 HOH 35  1635 179  HOH HOH A . 
C 3 HOH 36  1636 141  HOH HOH A . 
C 3 HOH 37  1637 55   HOH HOH A . 
C 3 HOH 38  1638 25   HOH HOH A . 
C 3 HOH 39  1639 171  HOH HOH A . 
C 3 HOH 40  1640 140  HOH HOH A . 
C 3 HOH 41  1641 83   HOH HOH A . 
C 3 HOH 42  1642 84   HOH HOH A . 
C 3 HOH 43  1643 9    HOH HOH A . 
C 3 HOH 44  1644 36   HOH HOH A . 
C 3 HOH 45  1645 160  HOH HOH A . 
C 3 HOH 46  1646 41   HOH HOH A . 
C 3 HOH 47  1647 20   HOH HOH A . 
C 3 HOH 48  1648 176  HOH HOH A . 
C 3 HOH 49  1649 75   HOH HOH A . 
C 3 HOH 50  1650 3    HOH HOH A . 
C 3 HOH 51  1651 182  HOH HOH A . 
C 3 HOH 52  1652 130  HOH HOH A . 
C 3 HOH 53  1653 76   HOH HOH A . 
C 3 HOH 54  1654 139  HOH HOH A . 
C 3 HOH 55  1655 35   HOH HOH A . 
C 3 HOH 56  1656 77   HOH HOH A . 
C 3 HOH 57  1657 64   HOH HOH A . 
C 3 HOH 58  1658 108  HOH HOH A . 
C 3 HOH 59  1659 157  HOH HOH A . 
C 3 HOH 60  1660 14   HOH HOH A . 
C 3 HOH 61  1661 161  HOH HOH A . 
C 3 HOH 62  1662 45   HOH HOH A . 
C 3 HOH 63  1663 92   HOH HOH A . 
C 3 HOH 64  1664 4    HOH HOH A . 
C 3 HOH 65  1665 94   HOH HOH A . 
C 3 HOH 66  1666 5    HOH HOH A . 
C 3 HOH 67  1667 143  HOH HOH A . 
C 3 HOH 68  1668 54   HOH HOH A . 
C 3 HOH 69  1669 82   HOH HOH A . 
C 3 HOH 70  1670 80   HOH HOH A . 
C 3 HOH 71  1671 1    HOH HOH A . 
C 3 HOH 72  1672 62   HOH HOH A . 
C 3 HOH 73  1673 59   HOH HOH A . 
C 3 HOH 74  1674 39   HOH HOH A . 
C 3 HOH 75  1675 52   HOH HOH A . 
C 3 HOH 76  1676 28   HOH HOH A . 
C 3 HOH 77  1677 19   HOH HOH A . 
C 3 HOH 78  1678 11   HOH HOH A . 
C 3 HOH 79  1679 191  HOH HOH A . 
C 3 HOH 80  1680 6    HOH HOH A . 
C 3 HOH 81  1681 23   HOH HOH A . 
C 3 HOH 82  1682 119  HOH HOH A . 
C 3 HOH 83  1683 149  HOH HOH A . 
C 3 HOH 84  1684 113  HOH HOH A . 
C 3 HOH 85  1685 29   HOH HOH A . 
C 3 HOH 86  1686 27   HOH HOH A . 
C 3 HOH 87  1687 106  HOH HOH A . 
C 3 HOH 88  1688 81   HOH HOH A . 
C 3 HOH 89  1689 60   HOH HOH A . 
C 3 HOH 90  1690 56   HOH HOH A . 
C 3 HOH 91  1691 180  HOH HOH A . 
C 3 HOH 92  1692 48   HOH HOH A . 
C 3 HOH 93  1693 71   HOH HOH A . 
C 3 HOH 94  1694 105  HOH HOH A . 
C 3 HOH 95  1695 152  HOH HOH A . 
C 3 HOH 96  1696 96   HOH HOH A . 
C 3 HOH 97  1697 69   HOH HOH A . 
C 3 HOH 98  1698 63   HOH HOH A . 
C 3 HOH 99  1699 177  HOH HOH A . 
C 3 HOH 100 1700 138  HOH HOH A . 
C 3 HOH 101 1701 37   HOH HOH A . 
C 3 HOH 102 1702 40   HOH HOH A . 
C 3 HOH 103 1703 15   HOH HOH A . 
C 3 HOH 104 1704 137  HOH HOH A . 
C 3 HOH 105 1705 116  HOH HOH A . 
C 3 HOH 106 1706 158  HOH HOH A . 
C 3 HOH 107 1707 122  HOH HOH A . 
C 3 HOH 108 1708 67   HOH HOH A . 
C 3 HOH 109 1709 42   HOH HOH A . 
C 3 HOH 110 1710 91   HOH HOH A . 
C 3 HOH 111 1711 118  HOH HOH A . 
C 3 HOH 112 1712 126  HOH HOH A . 
C 3 HOH 113 1713 132  HOH HOH A . 
C 3 HOH 114 1714 163  HOH HOH A . 
C 3 HOH 115 1715 154  HOH HOH A . 
C 3 HOH 116 1716 134  HOH HOH A . 
C 3 HOH 117 1717 90   HOH HOH A . 
C 3 HOH 118 1718 178  HOH HOH A . 
C 3 HOH 119 1719 145  HOH HOH A . 
C 3 HOH 120 1720 173  HOH HOH A . 
C 3 HOH 121 1721 88   HOH HOH A . 
C 3 HOH 122 1722 93   HOH HOH A . 
C 3 HOH 123 1723 22   HOH HOH A . 
C 3 HOH 124 1724 144  HOH HOH A . 
C 3 HOH 125 1725 38   HOH HOH A . 
C 3 HOH 126 1726 49   HOH HOH A . 
C 3 HOH 127 1727 101  HOH HOH A . 
C 3 HOH 128 1728 131  HOH HOH A . 
C 3 HOH 129 1729 136  HOH HOH A . 
C 3 HOH 130 1730 150  HOH HOH A . 
C 3 HOH 131 1731 53   HOH HOH A . 
C 3 HOH 132 1732 2    HOH HOH A . 
C 3 HOH 133 1733 57   HOH HOH A . 
C 3 HOH 134 1734 34   HOH HOH A . 
C 3 HOH 135 1735 120  HOH HOH A . 
C 3 HOH 136 1736 127  HOH HOH A . 
C 3 HOH 137 1737 66   HOH HOH A . 
C 3 HOH 138 1738 72   HOH HOH A . 
C 3 HOH 139 1739 125  HOH HOH A . 
C 3 HOH 140 1740 165  HOH HOH A . 
C 3 HOH 141 1741 117  HOH HOH A . 
C 3 HOH 142 1742 95   HOH HOH A . 
C 3 HOH 143 1743 13   HOH HOH A . 
C 3 HOH 144 1744 146  HOH HOH A . 
C 3 HOH 145 1745 166  HOH HOH A . 
C 3 HOH 146 1746 109  HOH HOH A . 
C 3 HOH 147 1747 181  HOH HOH A . 
C 3 HOH 148 1748 142  HOH HOH A . 
C 3 HOH 149 1749 153  HOH HOH A . 
C 3 HOH 150 1750 175  HOH HOH A . 
C 3 HOH 151 1751 202  HOH HOH A . 
C 3 HOH 152 1752 164  HOH HOH A . 
C 3 HOH 153 1753 156  HOH HOH A . 
C 3 HOH 154 1754 104  HOH HOH A . 
C 3 HOH 155 1755 114  HOH HOH A . 
C 3 HOH 156 1756 115  HOH HOH A . 
C 3 HOH 157 1757 185  HOH HOH A . 
C 3 HOH 158 1758 8    HOH HOH A . 
C 3 HOH 159 1759 186  HOH HOH A . 
C 3 HOH 160 1760 30   HOH HOH A . 
C 3 HOH 161 1761 199  HOH HOH A . 
C 3 HOH 162 1762 107  HOH HOH A . 
C 3 HOH 163 1763 61   HOH HOH A . 
C 3 HOH 164 1764 170  HOH HOH A . 
C 3 HOH 165 1765 99   HOH HOH A . 
C 3 HOH 166 1766 188  HOH HOH A . 
C 3 HOH 167 1767 190  HOH HOH A . 
C 3 HOH 168 1768 51   HOH HOH A . 
C 3 HOH 169 1769 193  HOH HOH A . 
C 3 HOH 170 1770 148  HOH HOH A . 
C 3 HOH 171 1771 198  HOH HOH A . 
C 3 HOH 172 1772 112  HOH HOH A . 
C 3 HOH 173 1773 168  HOH HOH A . 
C 3 HOH 174 1774 78   HOH HOH A . 
C 3 HOH 175 1775 110  HOH HOH A . 
C 3 HOH 176 1776 103  HOH HOH A . 
C 3 HOH 177 1777 68   HOH HOH A . 
C 3 HOH 178 1778 102  HOH HOH A . 
C 3 HOH 179 1779 46   HOH HOH A . 
C 3 HOH 180 1780 73   HOH HOH A . 
C 3 HOH 181 1781 201  HOH HOH A . 
C 3 HOH 182 1782 196  HOH HOH A . 
C 3 HOH 183 1783 100  HOH HOH A . 
C 3 HOH 184 1784 200  HOH HOH A . 
C 3 HOH 185 1785 192  HOH HOH A . 
C 3 HOH 186 1786 189  HOH HOH A . 
C 3 HOH 187 1787 97   HOH HOH A . 
C 3 HOH 188 1788 111  HOH HOH A . 
C 3 HOH 189 1789 87   HOH HOH A . 
C 3 HOH 190 1790 203  HOH HOH A . 
C 3 HOH 191 1791 79   HOH HOH A . 
# 
loop_
_pdbx_unobs_or_zero_occ_atoms.id 
_pdbx_unobs_or_zero_occ_atoms.PDB_model_num 
_pdbx_unobs_or_zero_occ_atoms.polymer_flag 
_pdbx_unobs_or_zero_occ_atoms.occupancy_flag 
_pdbx_unobs_or_zero_occ_atoms.auth_asym_id 
_pdbx_unobs_or_zero_occ_atoms.auth_comp_id 
_pdbx_unobs_or_zero_occ_atoms.auth_seq_id 
_pdbx_unobs_or_zero_occ_atoms.PDB_ins_code 
_pdbx_unobs_or_zero_occ_atoms.auth_atom_id 
_pdbx_unobs_or_zero_occ_atoms.label_alt_id 
_pdbx_unobs_or_zero_occ_atoms.label_asym_id 
_pdbx_unobs_or_zero_occ_atoms.label_comp_id 
_pdbx_unobs_or_zero_occ_atoms.label_seq_id 
_pdbx_unobs_or_zero_occ_atoms.label_atom_id 
1 1 Y 1 A LYS 1323 ? CE ? A LYS 32 CE 
2 1 Y 1 A LYS 1323 ? NZ ? A LYS 32 NZ 
# 
loop_
_software.pdbx_ordinal 
_software.name 
_software.version 
_software.date 
_software.type 
_software.contact_author 
_software.contact_author_email 
_software.classification 
_software.location 
_software.language 
_software.citation_id 
1 REFMAC      5.8.0267 ?               program 'Garib N. Murshudov' garib@ysbl.york.ac.uk    refinement        
http://www.ccp4.ac.uk/dist/html/refmac5.html        Fortran_77 ? 
2 Aimless     0.7.4    13/12/18        program 'Phil Evans'         ?                        'data scaling'    
http://www.mrc-lmb.cam.ac.uk/harry/pre/aimless.html ?          ? 
3 PDB_EXTRACT 3.23     'SEP. 23, 2016' package PDB                  deposit@deposit.rcsb.org 'data extraction' 
http://sw-tools.pdb.org/apps/PDB_EXTRACT/           C++        ? 
4 XDS         .        ?               program ?                    ?                        'data reduction'  ? ?          ? 
5 REFMAC      .        ?               program ?                    ?                        phasing           ? ?          ? 
# 
_cell.entry_id           5S8W 
_cell.length_a           81.690 
_cell.length_b           27.140 
_cell.length_c           55.900 
_cell.angle_alpha        90.000 
_cell.angle_beta         100.120 
_cell.angle_gamma        90.000 
_cell.Z_PDB              4 
_cell.pdbx_unique_axis   ? 
# 
_symmetry.entry_id                         5S8W 
_symmetry.Int_Tables_number                5 
_symmetry.space_group_name_H-M             'C 1 2 1' 
_symmetry.pdbx_full_space_group_name_H-M   ? 
_symmetry.cell_setting                     ? 
# 
_exptl.crystals_number   1 
_exptl.entry_id          5S8W 
_exptl.method            'X-RAY DIFFRACTION' 
# 
_exptl_crystal.id                    1 
_exptl_crystal.pdbx_mosaicity        0.000 
_exptl_crystal.pdbx_mosaicity_esd    ? 
_exptl_crystal.density_Matthews      1.73 
_exptl_crystal.density_diffrn        ? 
_exptl_crystal.density_meas          ? 
_exptl_crystal.density_meas_temp     ? 
_exptl_crystal.density_percent_sol   28.91 
_exptl_crystal.size_max              ? 
_exptl_crystal.size_mid              ? 
_exptl_crystal.size_min              ? 
_exptl_crystal.size_rad              ? 
_exptl_crystal.description           ? 
_exptl_crystal.preparation           ? 
# 
_exptl_crystal_grow.crystal_id      1 
_exptl_crystal_grow.method          'VAPOR DIFFUSION, SITTING DROP' 
_exptl_crystal_grow.pH              5.6 
_exptl_crystal_grow.temp            277 
_exptl_crystal_grow.pdbx_details    '20% PEG 8000, 0.04M POTASSIUM PHOSPHATE' 
_exptl_crystal_grow.temp_details    ? 
_exptl_crystal_grow.pdbx_pH_range   ? 
# 
_diffrn.id                               1 
_diffrn.ambient_temp                     100 
_diffrn.crystal_id                       1 
_diffrn.ambient_temp_details             ? 
_diffrn.pdbx_serial_crystal_experiment   ? 
# 
_diffrn_detector.detector               PIXEL 
_diffrn_detector.type                   'DECTRIS PILATUS 6M' 
_diffrn_detector.pdbx_collection_date   2019-04-08 
_diffrn_detector.diffrn_id              1 
_diffrn_detector.details                ? 
# 
_diffrn_radiation.diffrn_id                        1 
_diffrn_radiation.wavelength_id                    1 
_diffrn_radiation.pdbx_diffrn_protocol             'SINGLE WAVELENGTH' 
_diffrn_radiation.pdbx_monochromatic_or_laue_m_l   ? 
_diffrn_radiation.monochromator                    ? 
_diffrn_radiation.pdbx_scattering_type             x-ray 
# 
_diffrn_radiation_wavelength.id           1 
_diffrn_radiation_wavelength.wavelength   0.9159 
_diffrn_radiation_wavelength.wt           1.0 
# 
_diffrn_source.diffrn_id                   1 
_diffrn_source.source                      SYNCHROTRON 
_diffrn_source.type                        'DIAMOND BEAMLINE I04-1' 
_diffrn_source.pdbx_wavelength_list        0.9159 
_diffrn_source.pdbx_synchrotron_site       Diamond 
_diffrn_source.pdbx_synchrotron_beamline   I04-1 
_diffrn_source.pdbx_wavelength             ? 
# 
_reflns.entry_id                     5S8W 
_reflns.pdbx_diffrn_id               1 
_reflns.pdbx_ordinal                 1 
_reflns.observed_criterion_sigma_I   ? 
_reflns.observed_criterion_sigma_F   ? 
_reflns.d_resolution_low             35.580 
_reflns.d_resolution_high            1.200 
_reflns.number_obs                   29693 
_reflns.number_all                   ? 
_reflns.percent_possible_obs         78.100 
_reflns.pdbx_Rmerge_I_obs            0.025 
_reflns.pdbx_Rsym_value              ? 
_reflns.pdbx_netI_over_sigmaI        18.400 
_reflns.B_iso_Wilson_estimate        ? 
_reflns.pdbx_redundancy              2.700 
_reflns.pdbx_Rrim_I_all              0.030 
_reflns.pdbx_Rpim_I_all              0.017 
_reflns.pdbx_CC_half                 0.999 
_reflns.pdbx_netI_over_av_sigmaI     ? 
_reflns.pdbx_number_measured_all     81274 
_reflns.pdbx_scaling_rejects         1 
_reflns.pdbx_chi_squared             ? 
_reflns.Rmerge_F_all                 ? 
_reflns.Rmerge_F_obs                 ? 
_reflns.observed_criterion_F_max     ? 
_reflns.observed_criterion_F_min     ? 
_reflns.observed_criterion_I_max     ? 
_reflns.observed_criterion_I_min     ? 
_reflns.pdbx_d_res_high_opt          ? 
_reflns.pdbx_d_res_low_opt           ? 
_reflns.details                      ? 
_reflns.pdbx_CC_star                 ? 
# 
loop_
_reflns_shell.pdbx_diffrn_id 
_reflns_shell.pdbx_ordinal 
_reflns_shell.d_res_high 
_reflns_shell.d_res_low 
_reflns_shell.number_measured_obs 
_reflns_shell.number_measured_all 
_reflns_shell.number_unique_obs 
_reflns_shell.pdbx_rejects 
_reflns_shell.Rmerge_I_obs 
_reflns_shell.meanI_over_sigI_obs 
_reflns_shell.pdbx_Rsym_value 
_reflns_shell.pdbx_chi_squared 
_reflns_shell.pdbx_redundancy 
_reflns_shell.percent_possible_obs 
_reflns_shell.pdbx_netI_over_sigmaI_obs 
_reflns_shell.number_possible 
_reflns_shell.number_unique_all 
_reflns_shell.Rmerge_F_all 
_reflns_shell.Rmerge_F_obs 
_reflns_shell.Rmerge_I_all 
_reflns_shell.meanI_over_sigI_all 
_reflns_shell.percent_possible_all 
_reflns_shell.pdbx_Rrim_I_all 
_reflns_shell.pdbx_Rpim_I_all 
_reflns_shell.pdbx_CC_half 
_reflns_shell.pdbx_CC_star 
1 1 1.200 1.230  ? 887  ? ? 0.443 ? ? ? 1.400 ? 1.000  ? 657 ? ? ? ? 23.700 0.626 0.443 0.675 ? 
1 2 5.370 35.580 ? 1320 ? ? 0.022 ? ? ? 2.900 ? 45.000 ? 448 ? ? ? ? 96.000 0.027 0.015 0.999 ? 
# 
_refine.entry_id                                 5S8W 
_refine.pdbx_refine_id                           'X-RAY DIFFRACTION' 
_refine.ls_d_res_high                            1.2000 
_refine.ls_d_res_low                             35.6100 
_refine.pdbx_ls_sigma_F                          0.000 
_refine.pdbx_data_cutoff_high_absF               ? 
_refine.pdbx_data_cutoff_low_absF                ? 
_refine.ls_percent_reflns_obs                    77.7700 
_refine.ls_number_reflns_obs                     28181 
_refine.ls_number_reflns_all                     ? 
_refine.pdbx_ls_cross_valid_method               THROUGHOUT 
_refine.ls_matrix_type                           ? 
_refine.pdbx_R_Free_selection_details            RANDOM 
_refine.details                                  
'HYDROGENS HAVE BEEN ADDED IN THE RIDING POSITIONS U VALUES      : REFINED INDIVIDUALLY' 
_refine.ls_R_factor_all                          ? 
_refine.ls_R_factor_obs                          0.1715 
_refine.ls_R_factor_R_work                       0.1702 
_refine.ls_wR_factor_R_work                      ? 
_refine.ls_R_factor_R_free                       0.1959 
_refine.ls_wR_factor_R_free                      ? 
_refine.ls_percent_reflns_R_free                 5.1000 
_refine.ls_number_reflns_R_free                  1512 
_refine.ls_number_reflns_R_work                  ? 
_refine.ls_R_factor_R_free_error                 ? 
_refine.B_iso_mean                               20.1490 
_refine.solvent_model_param_bsol                 ? 
_refine.solvent_model_param_ksol                 ? 
_refine.pdbx_isotropic_thermal_model             ? 
_refine.aniso_B[1][1]                            0.0400 
_refine.aniso_B[2][2]                            1.3000 
_refine.aniso_B[3][3]                            -1.3600 
_refine.aniso_B[1][2]                            -0.0000 
_refine.aniso_B[1][3]                            0.2700 
_refine.aniso_B[2][3]                            0.0000 
_refine.correlation_coeff_Fo_to_Fc               0.9740 
_refine.correlation_coeff_Fo_to_Fc_free          0.9640 
_refine.overall_SU_R_Cruickshank_DPI             ? 
_refine.pdbx_overall_SU_R_free_Cruickshank_DPI   ? 
_refine.pdbx_overall_SU_R_Blow_DPI               ? 
_refine.pdbx_overall_SU_R_free_Blow_DPI          ? 
_refine.overall_SU_R_free                        ? 
_refine.pdbx_overall_ESU_R                       0.0650 
_refine.pdbx_overall_ESU_R_Free                  0.0650 
_refine.overall_SU_ML                            0.0460 
_refine.overall_SU_B                             1.0710 
_refine.solvent_model_details                    MASK 
_refine.pdbx_solvent_vdw_probe_radii             1.2000 
_refine.pdbx_solvent_ion_probe_radii             0.8000 
_refine.pdbx_solvent_shrinkage_radii             0.8000 
_refine.ls_number_parameters                     ? 
_refine.ls_number_restraints                     ? 
_refine.pdbx_starting_model                      5RJI 
_refine.pdbx_method_to_determine_struct          'FOURIER SYNTHESIS' 
_refine.pdbx_stereochemistry_target_values       'MAXIMUM LIKELIHOOD' 
_refine.pdbx_stereochem_target_val_spec_case     ? 
_refine.overall_FOM_work_R_set                   ? 
_refine.B_iso_max                                58.060 
_refine.B_iso_min                                11.430 
_refine.pdbx_overall_phase_error                 ? 
_refine.occupancy_max                            ? 
_refine.occupancy_min                            ? 
_refine.pdbx_diffrn_id                           1 
_refine.pdbx_TLS_residual_ADP_flag               ? 
_refine.pdbx_ls_sigma_I                          ? 
_refine.pdbx_data_cutoff_high_rms_absF           ? 
_refine.ls_R_factor_R_free_error_details         ? 
# 
_refine_hist.cycle_id                         final 
_refine_hist.pdbx_refine_id                   'X-RAY DIFFRACTION' 
_refine_hist.d_res_high                       1.2000 
_refine_hist.d_res_low                        35.6100 
_refine_hist.pdbx_number_atoms_ligand         24 
_refine_hist.number_atoms_solvent             191 
_refine_hist.number_atoms_total               1205 
_refine_hist.pdbx_number_residues_total       119 
_refine_hist.pdbx_B_iso_mean_ligand           27.24 
_refine_hist.pdbx_B_iso_mean_solvent          31.10 
_refine_hist.pdbx_number_atoms_protein        990 
_refine_hist.pdbx_number_atoms_nucleic_acid   0 
# 
loop_
_refine_ls_restr.pdbx_refine_id 
_refine_ls_restr.type 
_refine_ls_restr.number 
_refine_ls_restr.dev_ideal 
_refine_ls_restr.dev_ideal_target 
_refine_ls_restr.weight 
_refine_ls_restr.pdbx_restraint_function 
'X-RAY DIFFRACTION' r_bond_refined_d       2074 0.011  0.015  ? ? 
'X-RAY DIFFRACTION' r_bond_other_d         1458 0.001  0.017  ? ? 
'X-RAY DIFFRACTION' r_angle_refined_deg    2241 1.681  1.683  ? ? 
'X-RAY DIFFRACTION' r_angle_other_deg      3418 1.551  1.609  ? ? 
'X-RAY DIFFRACTION' r_dihedral_angle_1_deg 220  5.594  5.000  ? ? 
'X-RAY DIFFRACTION' r_dihedral_angle_2_deg 86   24.127 22.093 ? ? 
'X-RAY DIFFRACTION' r_dihedral_angle_3_deg 285  12.339 15.000 ? ? 
'X-RAY DIFFRACTION' r_dihedral_angle_4_deg 12   10.867 15.000 ? ? 
'X-RAY DIFFRACTION' r_chiral_restr         201  0.092  0.200  ? ? 
'X-RAY DIFFRACTION' r_gen_planes_refined   2131 0.009  0.020  ? ? 
'X-RAY DIFFRACTION' r_gen_planes_other     381  0.002  0.020  ? ? 
'X-RAY DIFFRACTION' r_mcbond_it            1000 1.161  1.893  ? ? 
'X-RAY DIFFRACTION' r_mcbond_other         986  1.169  1.874  ? ? 
'X-RAY DIFFRACTION' r_mcangle_it           1026 1.976  2.731  ? ? 
# 
_refine_ls_shell.d_res_high                       1.2000 
_refine_ls_shell.d_res_low                        1.2310 
_refine_ls_shell.pdbx_total_number_of_bins_used   20 
_refine_ls_shell.percent_reflns_obs               23.3700 
_refine_ls_shell.number_reflns_R_work             616 
_refine_ls_shell.R_factor_all                     ? 
_refine_ls_shell.R_factor_R_work                  0.3560 
_refine_ls_shell.R_factor_R_free                  0.3210 
_refine_ls_shell.percent_reflns_R_free            ? 
_refine_ls_shell.number_reflns_R_free             38 
_refine_ls_shell.R_factor_R_free_error            ? 
_refine_ls_shell.number_reflns_all                654 
_refine_ls_shell.number_reflns_obs                ? 
_refine_ls_shell.pdbx_refine_id                   'X-RAY DIFFRACTION' 
_refine_ls_shell.R_factor_obs                     ? 
# 
_struct.entry_id                  5S8W 
_struct.title                     
'PanDDA analysis group deposition -- Crystal Structure of PHIP in complex with Z198194396 synthetic derivative' 
_struct.pdbx_model_details        ? 
_struct.pdbx_CASP_flag            ? 
_struct.pdbx_model_type_details   ? 
# 
_struct_keywords.entry_id        5S8W 
_struct_keywords.text            
;SGC - Diamond I04-1 fragment screening, PanDDA, XChemExplorer, Robotic chemistry, Crystal soaking, Reaction crudes, SIGNALING PROTEIN
;
_struct_keywords.pdbx_keywords   'SIGNALING PROTEIN' 
# 
loop_
_struct_asym.id 
_struct_asym.pdbx_blank_PDB_chainid_flag 
_struct_asym.pdbx_modified 
_struct_asym.entity_id 
_struct_asym.details 
A N N 1 ? 
B N N 2 ? 
C N N 3 ? 
# 
_struct_ref.id                         1 
_struct_ref.db_name                    UNP 
_struct_ref.db_code                    PHIP_HUMAN 
_struct_ref.pdbx_db_accession          Q8WWQ0 
_struct_ref.pdbx_db_isoform            ? 
_struct_ref.entity_id                  1 
_struct_ref.pdbx_seq_one_letter_code   
;SYDIQAWKKQCEELLNLIFQCEDSEPFRQPVDLLEYPDYRDIIDTPMDFATVRETLEAGNYESPMELCKDVRLIFSNSKA
YTPSKRSRIYSMSLRLSAFFEEHISSVLSDYKSALRFHKRNTITKR
;
_struct_ref.pdbx_align_begin           1315 
# 
_struct_ref_seq.align_id                      1 
_struct_ref_seq.ref_id                        1 
_struct_ref_seq.pdbx_PDB_id_code              5S8W 
_struct_ref_seq.pdbx_strand_id                A 
_struct_ref_seq.seq_align_beg                 24 
_struct_ref_seq.pdbx_seq_align_beg_ins_code   ? 
_struct_ref_seq.seq_align_end                 149 
_struct_ref_seq.pdbx_seq_align_end_ins_code   ? 
_struct_ref_seq.pdbx_db_accession             Q8WWQ0 
_struct_ref_seq.db_align_beg                  1315 
_struct_ref_seq.pdbx_db_align_beg_ins_code    ? 
_struct_ref_seq.db_align_end                  1440 
_struct_ref_seq.pdbx_db_align_end_ins_code    ? 
_struct_ref_seq.pdbx_auth_seq_align_beg       1315 
_struct_ref_seq.pdbx_auth_seq_align_end       1440 
# 
loop_
_struct_ref_seq_dif.align_id 
_struct_ref_seq_dif.pdbx_pdb_id_code 
_struct_ref_seq_dif.mon_id 
_struct_ref_seq_dif.pdbx_pdb_strand_id 
_struct_ref_seq_dif.seq_num 
_struct_ref_seq_dif.pdbx_pdb_ins_code 
_struct_ref_seq_dif.pdbx_seq_db_name 
_struct_ref_seq_dif.pdbx_seq_db_accession_code 
_struct_ref_seq_dif.db_mon_id 
_struct_ref_seq_dif.pdbx_seq_db_seq_num 
_struct_ref_seq_dif.details 
_struct_ref_seq_dif.pdbx_auth_seq_num 
_struct_ref_seq_dif.pdbx_ordinal 
1 5S8W MET A 1  ? UNP Q8WWQ0 ? ? 'initiating methionine' 1292 1  
1 5S8W HIS A 2  ? UNP Q8WWQ0 ? ? 'expression tag'        1293 2  
1 5S8W HIS A 3  ? UNP Q8WWQ0 ? ? 'expression tag'        1294 3  
1 5S8W HIS A 4  ? UNP Q8WWQ0 ? ? 'expression tag'        1295 4  
1 5S8W HIS A 5  ? UNP Q8WWQ0 ? ? 'expression tag'        1296 5  
1 5S8W HIS A 6  ? UNP Q8WWQ0 ? ? 'expression tag'        1297 6  
1 5S8W HIS A 7  ? UNP Q8WWQ0 ? ? 'expression tag'        1298 7  
1 5S8W SER A 8  ? UNP Q8WWQ0 ? ? 'expression tag'        1299 8  
1 5S8W SER A 9  ? UNP Q8WWQ0 ? ? 'expression tag'        1300 9  
1 5S8W GLY A 10 ? UNP Q8WWQ0 ? ? 'expression tag'        1301 10 
1 5S8W VAL A 11 ? UNP Q8WWQ0 ? ? 'expression tag'        1302 11 
1 5S8W ASP A 12 ? UNP Q8WWQ0 ? ? 'expression tag'        1303 12 
1 5S8W LEU A 13 ? UNP Q8WWQ0 ? ? 'expression tag'        1304 13 
1 5S8W GLY A 14 ? UNP Q8WWQ0 ? ? 'expression tag'        1305 14 
1 5S8W THR A 15 ? UNP Q8WWQ0 ? ? 'expression tag'        1306 15 
1 5S8W GLU A 16 ? UNP Q8WWQ0 ? ? 'expression tag'        1307 16 
1 5S8W ASN A 17 ? UNP Q8WWQ0 ? ? 'expression tag'        1308 17 
1 5S8W LEU A 18 ? UNP Q8WWQ0 ? ? 'expression tag'        1309 18 
1 5S8W TYR A 19 ? UNP Q8WWQ0 ? ? 'expression tag'        1310 19 
1 5S8W PHE A 20 ? UNP Q8WWQ0 ? ? 'expression tag'        1311 20 
1 5S8W GLN A 21 ? UNP Q8WWQ0 ? ? 'expression tag'        1312 21 
1 5S8W SER A 22 ? UNP Q8WWQ0 ? ? 'expression tag'        1313 22 
1 5S8W MET A 23 ? UNP Q8WWQ0 ? ? 'expression tag'        1314 23 
# 
_pdbx_struct_assembly.id                   1 
_pdbx_struct_assembly.details              author_and_software_defined_assembly 
_pdbx_struct_assembly.method_details       PISA 
_pdbx_struct_assembly.oligomeric_details   monomeric 
_pdbx_struct_assembly.oligomeric_count     1 
# 
_pdbx_struct_assembly_gen.assembly_id       1 
_pdbx_struct_assembly_gen.oper_expression   1 
_pdbx_struct_assembly_gen.asym_id_list      A,B,C 
# 
_pdbx_struct_oper_list.id                   1 
_pdbx_struct_oper_list.type                 'identity operation' 
_pdbx_struct_oper_list.name                 1_555 
_pdbx_struct_oper_list.symmetry_operation   x,y,z 
_pdbx_struct_oper_list.matrix[1][1]         1.0000000000 
_pdbx_struct_oper_list.matrix[1][2]         0.0000000000 
_pdbx_struct_oper_list.matrix[1][3]         0.0000000000 
_pdbx_struct_oper_list.vector[1]            0.0000000000 
_pdbx_struct_oper_list.matrix[2][1]         0.0000000000 
_pdbx_struct_oper_list.matrix[2][2]         1.0000000000 
_pdbx_struct_oper_list.matrix[2][3]         0.0000000000 
_pdbx_struct_oper_list.vector[2]            0.0000000000 
_pdbx_struct_oper_list.matrix[3][1]         0.0000000000 
_pdbx_struct_oper_list.matrix[3][2]         0.0000000000 
_pdbx_struct_oper_list.matrix[3][3]         1.0000000000 
_pdbx_struct_oper_list.vector[3]            0.0000000000 
# 
loop_
_struct_conf.conf_type_id 
_struct_conf.id 
_struct_conf.pdbx_PDB_helix_id 
_struct_conf.beg_label_comp_id 
_struct_conf.beg_label_asym_id 
_struct_conf.beg_label_seq_id 
_struct_conf.pdbx_beg_PDB_ins_code 
_struct_conf.end_label_comp_id 
_struct_conf.end_label_asym_id 
_struct_conf.end_label_seq_id 
_struct_conf.pdbx_end_PDB_ins_code 
_struct_conf.beg_auth_comp_id 
_struct_conf.beg_auth_asym_id 
_struct_conf.beg_auth_seq_id 
_struct_conf.end_auth_comp_id 
_struct_conf.end_auth_asym_id 
_struct_conf.end_auth_seq_id 
_struct_conf.pdbx_PDB_helix_class 
_struct_conf.details 
_struct_conf.pdbx_PDB_helix_length 
HELX_P HELX_P1 AA1 ALA A 29  ? CYS A 44  ? ALA A 1320 CYS A 1335 1 ? 16 
HELX_P HELX_P2 AA2 GLU A 45  ? ARG A 51  ? GLU A 1336 ARG A 1342 5 ? 7  
HELX_P HELX_P3 AA3 ASP A 61  ? ILE A 66  ? ASP A 1352 ILE A 1357 1 ? 6  
HELX_P HELX_P4 AA4 ASP A 71  ? ALA A 81  ? ASP A 1362 ALA A 1372 1 ? 11 
HELX_P HELX_P5 AA5 SER A 86  ? THR A 105 ? SER A 1377 THR A 1396 1 ? 20 
HELX_P HELX_P6 AA6 SER A 110 ? LYS A 142 ? SER A 1401 LYS A 1433 1 ? 33 
# 
_struct_conf_type.id          HELX_P 
_struct_conf_type.criteria    ? 
_struct_conf_type.reference   ? 
# 
_struct_site.id                   AC1 
_struct_site.pdbx_evidence_code   Software 
_struct_site.pdbx_auth_asym_id    A 
_struct_site.pdbx_auth_comp_id    Y1D 
_struct_site.pdbx_auth_seq_id     1501 
_struct_site.pdbx_auth_ins_code   ? 
_struct_site.pdbx_num_residues    14 
_struct_site.details              'binding site for residue Y1D A 1501' 
# 
loop_
_struct_site_gen.id 
_struct_site_gen.site_id 
_struct_site_gen.pdbx_num_res 
_struct_site_gen.label_comp_id 
_struct_site_gen.label_asym_id 
_struct_site_gen.label_seq_id 
_struct_site_gen.pdbx_auth_ins_code 
_struct_site_gen.auth_comp_id 
_struct_site_gen.auth_asym_id 
_struct_site_gen.auth_seq_id 
_struct_site_gen.label_atom_id 
_struct_site_gen.label_alt_id 
_struct_site_gen.symmetry 
_struct_site_gen.details 
1  AC1 14 PRO A 49  ? PRO A 1340 . ? 1_555 ? 
2  AC1 14 PHE A 50  ? PHE A 1341 . ? 1_555 ? 
3  AC1 14 VAL A 54  ? VAL A 1345 . ? 1_555 ? 
4  AC1 14 ASP A 55  ? ASP A 1346 . ? 1_555 ? 
5  AC1 14 GLU A 58  ? GLU A 1349 . ? 1_555 ? 
6  AC1 14 TYR A 59  ? TYR A 1350 . ? 1_555 ? 
7  AC1 14 SER A 101 ? SER A 1392 . ? 1_555 ? 
8  AC1 14 THR A 105 ? THR A 1396 . ? 1_555 ? 
9  AC1 14 SER A 110 ? SER A 1401 . ? 1_555 ? 
10 AC1 14 ILE A 112 ? ILE A 1403 . ? 1_555 ? 
11 AC1 14 HOH C .   ? HOH A 1610 . ? 1_555 ? 
12 AC1 14 HOH C .   ? HOH A 1612 . ? 1_555 ? 
13 AC1 14 HOH C .   ? HOH A 1626 . ? 4_456 ? 
14 AC1 14 HOH C .   ? HOH A 1722 . ? 1_555 ? 
# 
loop_
_pdbx_validate_close_contact.id 
_pdbx_validate_close_contact.PDB_model_num 
_pdbx_validate_close_contact.auth_atom_id_1 
_pdbx_validate_close_contact.auth_asym_id_1 
_pdbx_validate_close_contact.auth_comp_id_1 
_pdbx_validate_close_contact.auth_seq_id_1 
_pdbx_validate_close_contact.PDB_ins_code_1 
_pdbx_validate_close_contact.label_alt_id_1 
_pdbx_validate_close_contact.auth_atom_id_2 
_pdbx_validate_close_contact.auth_asym_id_2 
_pdbx_validate_close_contact.auth_comp_id_2 
_pdbx_validate_close_contact.auth_seq_id_2 
_pdbx_validate_close_contact.PDB_ins_code_2 
_pdbx_validate_close_contact.label_alt_id_2 
_pdbx_validate_close_contact.dist 
1 1 O   A HOH 1639 ? ? O A HOH 1667 ? ? 1.78 
2 1 O   A HOH 1679 ? ? O A HOH 1700 ? ? 1.79 
3 1 OE1 A GLU 1327 ? ? O A HOH 1601 ? ? 2.08 
4 1 O   A HOH 1683 ? ? O A HOH 1753 ? ? 2.11 
5 1 O   A HOH 1661 ? ? O A HOH 1745 ? ? 2.16 
# 
loop_
_pdbx_struct_special_symmetry.id 
_pdbx_struct_special_symmetry.PDB_model_num 
_pdbx_struct_special_symmetry.auth_asym_id 
_pdbx_struct_special_symmetry.auth_comp_id 
_pdbx_struct_special_symmetry.auth_seq_id 
_pdbx_struct_special_symmetry.PDB_ins_code 
_pdbx_struct_special_symmetry.label_asym_id 
_pdbx_struct_special_symmetry.label_comp_id 
_pdbx_struct_special_symmetry.label_seq_id 
1 1 A HOH 1687 ? C HOH . 
2 1 A HOH 1788 ? C HOH . 
# 
_phasing.method   MR 
# 
loop_
_pdbx_unobs_or_zero_occ_residues.id 
_pdbx_unobs_or_zero_occ_residues.PDB_model_num 
_pdbx_unobs_or_zero_occ_residues.polymer_flag 
_pdbx_unobs_or_zero_occ_residues.occupancy_flag 
_pdbx_unobs_or_zero_occ_residues.auth_asym_id 
_pdbx_unobs_or_zero_occ_residues.auth_comp_id 
_pdbx_unobs_or_zero_occ_residues.auth_seq_id 
_pdbx_unobs_or_zero_occ_residues.PDB_ins_code 
_pdbx_unobs_or_zero_occ_residues.label_asym_id 
_pdbx_unobs_or_zero_occ_residues.label_comp_id 
_pdbx_unobs_or_zero_occ_residues.label_seq_id 
1  1 Y 1 A MET 1292 ? A MET 1   
2  1 Y 1 A HIS 1293 ? A HIS 2   
3  1 Y 1 A HIS 1294 ? A HIS 3   
4  1 Y 1 A HIS 1295 ? A HIS 4   
5  1 Y 1 A HIS 1296 ? A HIS 5   
6  1 Y 1 A HIS 1297 ? A HIS 6   
7  1 Y 1 A HIS 1298 ? A HIS 7   
8  1 Y 1 A SER 1299 ? A SER 8   
9  1 Y 1 A SER 1300 ? A SER 9   
10 1 Y 1 A GLY 1301 ? A GLY 10  
11 1 Y 1 A VAL 1302 ? A VAL 11  
12 1 Y 1 A ASP 1303 ? A ASP 12  
13 1 Y 1 A LEU 1304 ? A LEU 13  
14 1 Y 1 A GLY 1305 ? A GLY 14  
15 1 Y 1 A THR 1306 ? A THR 15  
16 1 Y 1 A GLU 1307 ? A GLU 16  
17 1 Y 1 A ASN 1308 ? A ASN 17  
18 1 Y 1 A LEU 1309 ? A LEU 18  
19 1 Y 1 A TYR 1310 ? A TYR 19  
20 1 Y 1 A PHE 1311 ? A PHE 20  
21 1 Y 1 A GLN 1312 ? A GLN 21  
22 1 Y 1 A SER 1313 ? A SER 22  
23 1 Y 1 A MET 1314 ? A MET 23  
24 1 Y 1 A SER 1315 ? A SER 24  
25 1 Y 1 A ASN 1435 ? A ASN 144 
26 1 Y 1 A THR 1436 ? A THR 145 
27 1 Y 1 A ILE 1437 ? A ILE 146 
28 1 Y 1 A THR 1438 ? A THR 147 
29 1 Y 1 A LYS 1439 ? A LYS 148 
30 1 Y 1 A ARG 1440 ? A ARG 149 
# 
loop_
_chem_comp_atom.comp_id 
_chem_comp_atom.atom_id 
_chem_comp_atom.type_symbol 
_chem_comp_atom.pdbx_aromatic_flag 
_chem_comp_atom.pdbx_stereo_config 
_chem_comp_atom.pdbx_ordinal 
ALA N    N N N 1   
ALA CA   C N S 2   
ALA C    C N N 3   
ALA O    O N N 4   
ALA CB   C N N 5   
ALA OXT  O N N 6   
ALA H    H N N 7   
ALA H2   H N N 8   
ALA HA   H N N 9   
ALA HB1  H N N 10  
ALA HB2  H N N 11  
ALA HB3  H N N 12  
ALA HXT  H N N 13  
ARG N    N N N 14  
ARG CA   C N S 15  
ARG C    C N N 16  
ARG O    O N N 17  
ARG CB   C N N 18  
ARG CG   C N N 19  
ARG CD   C N N 20  
ARG NE   N N N 21  
ARG CZ   C N N 22  
ARG NH1  N N N 23  
ARG NH2  N N N 24  
ARG OXT  O N N 25  
ARG H    H N N 26  
ARG H2   H N N 27  
ARG HA   H N N 28  
ARG HB2  H N N 29  
ARG HB3  H N N 30  
ARG HG2  H N N 31  
ARG HG3  H N N 32  
ARG HD2  H N N 33  
ARG HD3  H N N 34  
ARG HE   H N N 35  
ARG HH11 H N N 36  
ARG HH12 H N N 37  
ARG HH21 H N N 38  
ARG HH22 H N N 39  
ARG HXT  H N N 40  
ASN N    N N N 41  
ASN CA   C N S 42  
ASN C    C N N 43  
ASN O    O N N 44  
ASN CB   C N N 45  
ASN CG   C N N 46  
ASN OD1  O N N 47  
ASN ND2  N N N 48  
ASN OXT  O N N 49  
ASN H    H N N 50  
ASN H2   H N N 51  
ASN HA   H N N 52  
ASN HB2  H N N 53  
ASN HB3  H N N 54  
ASN HD21 H N N 55  
ASN HD22 H N N 56  
ASN HXT  H N N 57  
ASP N    N N N 58  
ASP CA   C N S 59  
ASP C    C N N 60  
ASP O    O N N 61  
ASP CB   C N N 62  
ASP CG   C N N 63  
ASP OD1  O N N 64  
ASP OD2  O N N 65  
ASP OXT  O N N 66  
ASP H    H N N 67  
ASP H2   H N N 68  
ASP HA   H N N 69  
ASP HB2  H N N 70  
ASP HB3  H N N 71  
ASP HD2  H N N 72  
ASP HXT  H N N 73  
CYS N    N N N 74  
CYS CA   C N R 75  
CYS C    C N N 76  
CYS O    O N N 77  
CYS CB   C N N 78  
CYS SG   S N N 79  
CYS OXT  O N N 80  
CYS H    H N N 81  
CYS H2   H N N 82  
CYS HA   H N N 83  
CYS HB2  H N N 84  
CYS HB3  H N N 85  
CYS HG   H N N 86  
CYS HXT  H N N 87  
GLN N    N N N 88  
GLN CA   C N S 89  
GLN C    C N N 90  
GLN O    O N N 91  
GLN CB   C N N 92  
GLN CG   C N N 93  
GLN CD   C N N 94  
GLN OE1  O N N 95  
GLN NE2  N N N 96  
GLN OXT  O N N 97  
GLN H    H N N 98  
GLN H2   H N N 99  
GLN HA   H N N 100 
GLN HB2  H N N 101 
GLN HB3  H N N 102 
GLN HG2  H N N 103 
GLN HG3  H N N 104 
GLN HE21 H N N 105 
GLN HE22 H N N 106 
GLN HXT  H N N 107 
GLU N    N N N 108 
GLU CA   C N S 109 
GLU C    C N N 110 
GLU O    O N N 111 
GLU CB   C N N 112 
GLU CG   C N N 113 
GLU CD   C N N 114 
GLU OE1  O N N 115 
GLU OE2  O N N 116 
GLU OXT  O N N 117 
GLU H    H N N 118 
GLU H2   H N N 119 
GLU HA   H N N 120 
GLU HB2  H N N 121 
GLU HB3  H N N 122 
GLU HG2  H N N 123 
GLU HG3  H N N 124 
GLU HE2  H N N 125 
GLU HXT  H N N 126 
GLY N    N N N 127 
GLY CA   C N N 128 
GLY C    C N N 129 
GLY O    O N N 130 
GLY OXT  O N N 131 
GLY H    H N N 132 
GLY H2   H N N 133 
GLY HA2  H N N 134 
GLY HA3  H N N 135 
GLY HXT  H N N 136 
HIS N    N N N 137 
HIS CA   C N S 138 
HIS C    C N N 139 
HIS O    O N N 140 
HIS CB   C N N 141 
HIS CG   C Y N 142 
HIS ND1  N Y N 143 
HIS CD2  C Y N 144 
HIS CE1  C Y N 145 
HIS NE2  N Y N 146 
HIS OXT  O N N 147 
HIS H    H N N 148 
HIS H2   H N N 149 
HIS HA   H N N 150 
HIS HB2  H N N 151 
HIS HB3  H N N 152 
HIS HD1  H N N 153 
HIS HD2  H N N 154 
HIS HE1  H N N 155 
HIS HE2  H N N 156 
HIS HXT  H N N 157 
HOH O    O N N 158 
HOH H1   H N N 159 
HOH H2   H N N 160 
ILE N    N N N 161 
ILE CA   C N S 162 
ILE C    C N N 163 
ILE O    O N N 164 
ILE CB   C N S 165 
ILE CG1  C N N 166 
ILE CG2  C N N 167 
ILE CD1  C N N 168 
ILE OXT  O N N 169 
ILE H    H N N 170 
ILE H2   H N N 171 
ILE HA   H N N 172 
ILE HB   H N N 173 
ILE HG12 H N N 174 
ILE HG13 H N N 175 
ILE HG21 H N N 176 
ILE HG22 H N N 177 
ILE HG23 H N N 178 
ILE HD11 H N N 179 
ILE HD12 H N N 180 
ILE HD13 H N N 181 
ILE HXT  H N N 182 
LEU N    N N N 183 
LEU CA   C N S 184 
LEU C    C N N 185 
LEU O    O N N 186 
LEU CB   C N N 187 
LEU CG   C N N 188 
LEU CD1  C N N 189 
LEU CD2  C N N 190 
LEU OXT  O N N 191 
LEU H    H N N 192 
LEU H2   H N N 193 
LEU HA   H N N 194 
LEU HB2  H N N 195 
LEU HB3  H N N 196 
LEU HG   H N N 197 
LEU HD11 H N N 198 
LEU HD12 H N N 199 
LEU HD13 H N N 200 
LEU HD21 H N N 201 
LEU HD22 H N N 202 
LEU HD23 H N N 203 
LEU HXT  H N N 204 
LYS N    N N N 205 
LYS CA   C N S 206 
LYS C    C N N 207 
LYS O    O N N 208 
LYS CB   C N N 209 
LYS CG   C N N 210 
LYS CD   C N N 211 
LYS CE   C N N 212 
LYS NZ   N N N 213 
LYS OXT  O N N 214 
LYS H    H N N 215 
LYS H2   H N N 216 
LYS HA   H N N 217 
LYS HB2  H N N 218 
LYS HB3  H N N 219 
LYS HG2  H N N 220 
LYS HG3  H N N 221 
LYS HD2  H N N 222 
LYS HD3  H N N 223 
LYS HE2  H N N 224 
LYS HE3  H N N 225 
LYS HZ1  H N N 226 
LYS HZ2  H N N 227 
LYS HZ3  H N N 228 
LYS HXT  H N N 229 
MET N    N N N 230 
MET CA   C N S 231 
MET C    C N N 232 
MET O    O N N 233 
MET CB   C N N 234 
MET CG   C N N 235 
MET SD   S N N 236 
MET CE   C N N 237 
MET OXT  O N N 238 
MET H    H N N 239 
MET H2   H N N 240 
MET HA   H N N 241 
MET HB2  H N N 242 
MET HB3  H N N 243 
MET HG2  H N N 244 
MET HG3  H N N 245 
MET HE1  H N N 246 
MET HE2  H N N 247 
MET HE3  H N N 248 
MET HXT  H N N 249 
PHE N    N N N 250 
PHE CA   C N S 251 
PHE C    C N N 252 
PHE O    O N N 253 
PHE CB   C N N 254 
PHE CG   C Y N 255 
PHE CD1  C Y N 256 
PHE CD2  C Y N 257 
PHE CE1  C Y N 258 
PHE CE2  C Y N 259 
PHE CZ   C Y N 260 
PHE OXT  O N N 261 
PHE H    H N N 262 
PHE H2   H N N 263 
PHE HA   H N N 264 
PHE HB2  H N N 265 
PHE HB3  H N N 266 
PHE HD1  H N N 267 
PHE HD2  H N N 268 
PHE HE1  H N N 269 
PHE HE2  H N N 270 
PHE HZ   H N N 271 
PHE HXT  H N N 272 
PRO N    N N N 273 
PRO CA   C N S 274 
PRO C    C N N 275 
PRO O    O N N 276 
PRO CB   C N N 277 
PRO CG   C N N 278 
PRO CD   C N N 279 
PRO OXT  O N N 280 
PRO H    H N N 281 
PRO HA   H N N 282 
PRO HB2  H N N 283 
PRO HB3  H N N 284 
PRO HG2  H N N 285 
PRO HG3  H N N 286 
PRO HD2  H N N 287 
PRO HD3  H N N 288 
PRO HXT  H N N 289 
SER N    N N N 290 
SER CA   C N S 291 
SER C    C N N 292 
SER O    O N N 293 
SER CB   C N N 294 
SER OG   O N N 295 
SER OXT  O N N 296 
SER H    H N N 297 
SER H2   H N N 298 
SER HA   H N N 299 
SER HB2  H N N 300 
SER HB3  H N N 301 
SER HG   H N N 302 
SER HXT  H N N 303 
THR N    N N N 304 
THR CA   C N S 305 
THR C    C N N 306 
THR O    O N N 307 
THR CB   C N R 308 
THR OG1  O N N 309 
THR CG2  C N N 310 
THR OXT  O N N 311 
THR H    H N N 312 
THR H2   H N N 313 
THR HA   H N N 314 
THR HB   H N N 315 
THR HG1  H N N 316 
THR HG21 H N N 317 
THR HG22 H N N 318 
THR HG23 H N N 319 
THR HXT  H N N 320 
TRP N    N N N 321 
TRP CA   C N S 322 
TRP C    C N N 323 
TRP O    O N N 324 
TRP CB   C N N 325 
TRP CG   C Y N 326 
TRP CD1  C Y N 327 
TRP CD2  C Y N 328 
TRP NE1  N Y N 329 
TRP CE2  C Y N 330 
TRP CE3  C Y N 331 
TRP CZ2  C Y N 332 
TRP CZ3  C Y N 333 
TRP CH2  C Y N 334 
TRP OXT  O N N 335 
TRP H    H N N 336 
TRP H2   H N N 337 
TRP HA   H N N 338 
TRP HB2  H N N 339 
TRP HB3  H N N 340 
TRP HD1  H N N 341 
TRP HE1  H N N 342 
TRP HE3  H N N 343 
TRP HZ2  H N N 344 
TRP HZ3  H N N 345 
TRP HH2  H N N 346 
TRP HXT  H N N 347 
TYR N    N N N 348 
TYR CA   C N S 349 
TYR C    C N N 350 
TYR O    O N N 351 
TYR CB   C N N 352 
TYR CG   C Y N 353 
TYR CD1  C Y N 354 
TYR CD2  C Y N 355 
TYR CE1  C Y N 356 
TYR CE2  C Y N 357 
TYR CZ   C Y N 358 
TYR OH   O N N 359 
TYR OXT  O N N 360 
TYR H    H N N 361 
TYR H2   H N N 362 
TYR HA   H N N 363 
TYR HB2  H N N 364 
TYR HB3  H N N 365 
TYR HD1  H N N 366 
TYR HD2  H N N 367 
TYR HE1  H N N 368 
TYR HE2  H N N 369 
TYR HH   H N N 370 
TYR HXT  H N N 371 
VAL N    N N N 372 
VAL CA   C N S 373 
VAL C    C N N 374 
VAL O    O N N 375 
VAL CB   C N N 376 
VAL CG1  C N N 377 
VAL CG2  C N N 378 
VAL OXT  O N N 379 
VAL H    H N N 380 
VAL H2   H N N 381 
VAL HA   H N N 382 
VAL HB   H N N 383 
VAL HG11 H N N 384 
VAL HG12 H N N 385 
VAL HG13 H N N 386 
VAL HG21 H N N 387 
VAL HG22 H N N 388 
VAL HG23 H N N 389 
VAL HXT  H N N 390 
Y1D N1   N N N 391 
Y1D C4   C Y N 392 
Y1D C5   C Y N 393 
Y1D C6   C Y N 394 
Y1D C7   C N N 395 
Y1D C8   C N N 396 
Y1D C10  C Y N 397 
Y1D C13  C Y N 398 
Y1D C15  C N N 399 
Y1D N    N N N 400 
Y1D C    C N N 401 
Y1D O    O N N 402 
Y1D C1   C Y N 403 
Y1D C11  C Y N 404 
Y1D C12  C Y N 405 
Y1D C14  C N N 406 
Y1D C2   C Y N 407 
Y1D C3   C Y N 408 
Y1D C9   C N N 409 
Y1D F    F N N 410 
Y1D F1   F N N 411 
Y1D N2   N N N 412 
Y1D O1   O N N 413 
Y1D O2   O Y N 414 
Y1D H3   H N N 415 
Y1D H5   H N N 416 
Y1D H4   H N N 417 
Y1D H7   H N N 418 
Y1D H6   H N N 419 
Y1D H10  H N N 420 
Y1D H14  H N N 421 
Y1D H13  H N N 422 
Y1D H    H N N 423 
Y1D H8   H N N 424 
Y1D H9   H N N 425 
Y1D H12  H N N 426 
Y1D H11  H N N 427 
Y1D H1   H N N 428 
Y1D H2   H N N 429 
# 
loop_
_chem_comp_bond.comp_id 
_chem_comp_bond.atom_id_1 
_chem_comp_bond.atom_id_2 
_chem_comp_bond.value_order 
_chem_comp_bond.pdbx_aromatic_flag 
_chem_comp_bond.pdbx_stereo_config 
_chem_comp_bond.pdbx_ordinal 
ALA N   CA   sing N N 1   
ALA N   H    sing N N 2   
ALA N   H2   sing N N 3   
ALA CA  C    sing N N 4   
ALA CA  CB   sing N N 5   
ALA CA  HA   sing N N 6   
ALA C   O    doub N N 7   
ALA C   OXT  sing N N 8   
ALA CB  HB1  sing N N 9   
ALA CB  HB2  sing N N 10  
ALA CB  HB3  sing N N 11  
ALA OXT HXT  sing N N 12  
ARG N   CA   sing N N 13  
ARG N   H    sing N N 14  
ARG N   H2   sing N N 15  
ARG CA  C    sing N N 16  
ARG CA  CB   sing N N 17  
ARG CA  HA   sing N N 18  
ARG C   O    doub N N 19  
ARG C   OXT  sing N N 20  
ARG CB  CG   sing N N 21  
ARG CB  HB2  sing N N 22  
ARG CB  HB3  sing N N 23  
ARG CG  CD   sing N N 24  
ARG CG  HG2  sing N N 25  
ARG CG  HG3  sing N N 26  
ARG CD  NE   sing N N 27  
ARG CD  HD2  sing N N 28  
ARG CD  HD3  sing N N 29  
ARG NE  CZ   sing N N 30  
ARG NE  HE   sing N N 31  
ARG CZ  NH1  sing N N 32  
ARG CZ  NH2  doub N N 33  
ARG NH1 HH11 sing N N 34  
ARG NH1 HH12 sing N N 35  
ARG NH2 HH21 sing N N 36  
ARG NH2 HH22 sing N N 37  
ARG OXT HXT  sing N N 38  
ASN N   CA   sing N N 39  
ASN N   H    sing N N 40  
ASN N   H2   sing N N 41  
ASN CA  C    sing N N 42  
ASN CA  CB   sing N N 43  
ASN CA  HA   sing N N 44  
ASN C   O    doub N N 45  
ASN C   OXT  sing N N 46  
ASN CB  CG   sing N N 47  
ASN CB  HB2  sing N N 48  
ASN CB  HB3  sing N N 49  
ASN CG  OD1  doub N N 50  
ASN CG  ND2  sing N N 51  
ASN ND2 HD21 sing N N 52  
ASN ND2 HD22 sing N N 53  
ASN OXT HXT  sing N N 54  
ASP N   CA   sing N N 55  
ASP N   H    sing N N 56  
ASP N   H2   sing N N 57  
ASP CA  C    sing N N 58  
ASP CA  CB   sing N N 59  
ASP CA  HA   sing N N 60  
ASP C   O    doub N N 61  
ASP C   OXT  sing N N 62  
ASP CB  CG   sing N N 63  
ASP CB  HB2  sing N N 64  
ASP CB  HB3  sing N N 65  
ASP CG  OD1  doub N N 66  
ASP CG  OD2  sing N N 67  
ASP OD2 HD2  sing N N 68  
ASP OXT HXT  sing N N 69  
CYS N   CA   sing N N 70  
CYS N   H    sing N N 71  
CYS N   H2   sing N N 72  
CYS CA  C    sing N N 73  
CYS CA  CB   sing N N 74  
CYS CA  HA   sing N N 75  
CYS C   O    doub N N 76  
CYS C   OXT  sing N N 77  
CYS CB  SG   sing N N 78  
CYS CB  HB2  sing N N 79  
CYS CB  HB3  sing N N 80  
CYS SG  HG   sing N N 81  
CYS OXT HXT  sing N N 82  
GLN N   CA   sing N N 83  
GLN N   H    sing N N 84  
GLN N   H2   sing N N 85  
GLN CA  C    sing N N 86  
GLN CA  CB   sing N N 87  
GLN CA  HA   sing N N 88  
GLN C   O    doub N N 89  
GLN C   OXT  sing N N 90  
GLN CB  CG   sing N N 91  
GLN CB  HB2  sing N N 92  
GLN CB  HB3  sing N N 93  
GLN CG  CD   sing N N 94  
GLN CG  HG2  sing N N 95  
GLN CG  HG3  sing N N 96  
GLN CD  OE1  doub N N 97  
GLN CD  NE2  sing N N 98  
GLN NE2 HE21 sing N N 99  
GLN NE2 HE22 sing N N 100 
GLN OXT HXT  sing N N 101 
GLU N   CA   sing N N 102 
GLU N   H    sing N N 103 
GLU N   H2   sing N N 104 
GLU CA  C    sing N N 105 
GLU CA  CB   sing N N 106 
GLU CA  HA   sing N N 107 
GLU C   O    doub N N 108 
GLU C   OXT  sing N N 109 
GLU CB  CG   sing N N 110 
GLU CB  HB2  sing N N 111 
GLU CB  HB3  sing N N 112 
GLU CG  CD   sing N N 113 
GLU CG  HG2  sing N N 114 
GLU CG  HG3  sing N N 115 
GLU CD  OE1  doub N N 116 
GLU CD  OE2  sing N N 117 
GLU OE2 HE2  sing N N 118 
GLU OXT HXT  sing N N 119 
GLY N   CA   sing N N 120 
GLY N   H    sing N N 121 
GLY N   H2   sing N N 122 
GLY CA  C    sing N N 123 
GLY CA  HA2  sing N N 124 
GLY CA  HA3  sing N N 125 
GLY C   O    doub N N 126 
GLY C   OXT  sing N N 127 
GLY OXT HXT  sing N N 128 
HIS N   CA   sing N N 129 
HIS N   H    sing N N 130 
HIS N   H2   sing N N 131 
HIS CA  C    sing N N 132 
HIS CA  CB   sing N N 133 
HIS CA  HA   sing N N 134 
HIS C   O    doub N N 135 
HIS C   OXT  sing N N 136 
HIS CB  CG   sing N N 137 
HIS CB  HB2  sing N N 138 
HIS CB  HB3  sing N N 139 
HIS CG  ND1  sing Y N 140 
HIS CG  CD2  doub Y N 141 
HIS ND1 CE1  doub Y N 142 
HIS ND1 HD1  sing N N 143 
HIS CD2 NE2  sing Y N 144 
HIS CD2 HD2  sing N N 145 
HIS CE1 NE2  sing Y N 146 
HIS CE1 HE1  sing N N 147 
HIS NE2 HE2  sing N N 148 
HIS OXT HXT  sing N N 149 
HOH O   H1   sing N N 150 
HOH O   H2   sing N N 151 
ILE N   CA   sing N N 152 
ILE N   H    sing N N 153 
ILE N   H2   sing N N 154 
ILE CA  C    sing N N 155 
ILE CA  CB   sing N N 156 
ILE CA  HA   sing N N 157 
ILE C   O    doub N N 158 
ILE C   OXT  sing N N 159 
ILE CB  CG1  sing N N 160 
ILE CB  CG2  sing N N 161 
ILE CB  HB   sing N N 162 
ILE CG1 CD1  sing N N 163 
ILE CG1 HG12 sing N N 164 
ILE CG1 HG13 sing N N 165 
ILE CG2 HG21 sing N N 166 
ILE CG2 HG22 sing N N 167 
ILE CG2 HG23 sing N N 168 
ILE CD1 HD11 sing N N 169 
ILE CD1 HD12 sing N N 170 
ILE CD1 HD13 sing N N 171 
ILE OXT HXT  sing N N 172 
LEU N   CA   sing N N 173 
LEU N   H    sing N N 174 
LEU N   H2   sing N N 175 
LEU CA  C    sing N N 176 
LEU CA  CB   sing N N 177 
LEU CA  HA   sing N N 178 
LEU C   O    doub N N 179 
LEU C   OXT  sing N N 180 
LEU CB  CG   sing N N 181 
LEU CB  HB2  sing N N 182 
LEU CB  HB3  sing N N 183 
LEU CG  CD1  sing N N 184 
LEU CG  CD2  sing N N 185 
LEU CG  HG   sing N N 186 
LEU CD1 HD11 sing N N 187 
LEU CD1 HD12 sing N N 188 
LEU CD1 HD13 sing N N 189 
LEU CD2 HD21 sing N N 190 
LEU CD2 HD22 sing N N 191 
LEU CD2 HD23 sing N N 192 
LEU OXT HXT  sing N N 193 
LYS N   CA   sing N N 194 
LYS N   H    sing N N 195 
LYS N   H2   sing N N 196 
LYS CA  C    sing N N 197 
LYS CA  CB   sing N N 198 
LYS CA  HA   sing N N 199 
LYS C   O    doub N N 200 
LYS C   OXT  sing N N 201 
LYS CB  CG   sing N N 202 
LYS CB  HB2  sing N N 203 
LYS CB  HB3  sing N N 204 
LYS CG  CD   sing N N 205 
LYS CG  HG2  sing N N 206 
LYS CG  HG3  sing N N 207 
LYS CD  CE   sing N N 208 
LYS CD  HD2  sing N N 209 
LYS CD  HD3  sing N N 210 
LYS CE  NZ   sing N N 211 
LYS CE  HE2  sing N N 212 
LYS CE  HE3  sing N N 213 
LYS NZ  HZ1  sing N N 214 
LYS NZ  HZ2  sing N N 215 
LYS NZ  HZ3  sing N N 216 
LYS OXT HXT  sing N N 217 
MET N   CA   sing N N 218 
MET N   H    sing N N 219 
MET N   H2   sing N N 220 
MET CA  C    sing N N 221 
MET CA  CB   sing N N 222 
MET CA  HA   sing N N 223 
MET C   O    doub N N 224 
MET C   OXT  sing N N 225 
MET CB  CG   sing N N 226 
MET CB  HB2  sing N N 227 
MET CB  HB3  sing N N 228 
MET CG  SD   sing N N 229 
MET CG  HG2  sing N N 230 
MET CG  HG3  sing N N 231 
MET SD  CE   sing N N 232 
MET CE  HE1  sing N N 233 
MET CE  HE2  sing N N 234 
MET CE  HE3  sing N N 235 
MET OXT HXT  sing N N 236 
PHE N   CA   sing N N 237 
PHE N   H    sing N N 238 
PHE N   H2   sing N N 239 
PHE CA  C    sing N N 240 
PHE CA  CB   sing N N 241 
PHE CA  HA   sing N N 242 
PHE C   O    doub N N 243 
PHE C   OXT  sing N N 244 
PHE CB  CG   sing N N 245 
PHE CB  HB2  sing N N 246 
PHE CB  HB3  sing N N 247 
PHE CG  CD1  doub Y N 248 
PHE CG  CD2  sing Y N 249 
PHE CD1 CE1  sing Y N 250 
PHE CD1 HD1  sing N N 251 
PHE CD2 CE2  doub Y N 252 
PHE CD2 HD2  sing N N 253 
PHE CE1 CZ   doub Y N 254 
PHE CE1 HE1  sing N N 255 
PHE CE2 CZ   sing Y N 256 
PHE CE2 HE2  sing N N 257 
PHE CZ  HZ   sing N N 258 
PHE OXT HXT  sing N N 259 
PRO N   CA   sing N N 260 
PRO N   CD   sing N N 261 
PRO N   H    sing N N 262 
PRO CA  C    sing N N 263 
PRO CA  CB   sing N N 264 
PRO CA  HA   sing N N 265 
PRO C   O    doub N N 266 
PRO C   OXT  sing N N 267 
PRO CB  CG   sing N N 268 
PRO CB  HB2  sing N N 269 
PRO CB  HB3  sing N N 270 
PRO CG  CD   sing N N 271 
PRO CG  HG2  sing N N 272 
PRO CG  HG3  sing N N 273 
PRO CD  HD2  sing N N 274 
PRO CD  HD3  sing N N 275 
PRO OXT HXT  sing N N 276 
SER N   CA   sing N N 277 
SER N   H    sing N N 278 
SER N   H2   sing N N 279 
SER CA  C    sing N N 280 
SER CA  CB   sing N N 281 
SER CA  HA   sing N N 282 
SER C   O    doub N N 283 
SER C   OXT  sing N N 284 
SER CB  OG   sing N N 285 
SER CB  HB2  sing N N 286 
SER CB  HB3  sing N N 287 
SER OG  HG   sing N N 288 
SER OXT HXT  sing N N 289 
THR N   CA   sing N N 290 
THR N   H    sing N N 291 
THR N   H2   sing N N 292 
THR CA  C    sing N N 293 
THR CA  CB   sing N N 294 
THR CA  HA   sing N N 295 
THR C   O    doub N N 296 
THR C   OXT  sing N N 297 
THR CB  OG1  sing N N 298 
THR CB  CG2  sing N N 299 
THR CB  HB   sing N N 300 
THR OG1 HG1  sing N N 301 
THR CG2 HG21 sing N N 302 
THR CG2 HG22 sing N N 303 
THR CG2 HG23 sing N N 304 
THR OXT HXT  sing N N 305 
TRP N   CA   sing N N 306 
TRP N   H    sing N N 307 
TRP N   H2   sing N N 308 
TRP CA  C    sing N N 309 
TRP CA  CB   sing N N 310 
TRP CA  HA   sing N N 311 
TRP C   O    doub N N 312 
TRP C   OXT  sing N N 313 
TRP CB  CG   sing N N 314 
TRP CB  HB2  sing N N 315 
TRP CB  HB3  sing N N 316 
TRP CG  CD1  doub Y N 317 
TRP CG  CD2  sing Y N 318 
TRP CD1 NE1  sing Y N 319 
TRP CD1 HD1  sing N N 320 
TRP CD2 CE2  doub Y N 321 
TRP CD2 CE3  sing Y N 322 
TRP NE1 CE2  sing Y N 323 
TRP NE1 HE1  sing N N 324 
TRP CE2 CZ2  sing Y N 325 
TRP CE3 CZ3  doub Y N 326 
TRP CE3 HE3  sing N N 327 
TRP CZ2 CH2  doub Y N 328 
TRP CZ2 HZ2  sing N N 329 
TRP CZ3 CH2  sing Y N 330 
TRP CZ3 HZ3  sing N N 331 
TRP CH2 HH2  sing N N 332 
TRP OXT HXT  sing N N 333 
TYR N   CA   sing N N 334 
TYR N   H    sing N N 335 
TYR N   H2   sing N N 336 
TYR CA  C    sing N N 337 
TYR CA  CB   sing N N 338 
TYR CA  HA   sing N N 339 
TYR C   O    doub N N 340 
TYR C   OXT  sing N N 341 
TYR CB  CG   sing N N 342 
TYR CB  HB2  sing N N 343 
TYR CB  HB3  sing N N 344 
TYR CG  CD1  doub Y N 345 
TYR CG  CD2  sing Y N 346 
TYR CD1 CE1  sing Y N 347 
TYR CD1 HD1  sing N N 348 
TYR CD2 CE2  doub Y N 349 
TYR CD2 HD2  sing N N 350 
TYR CE1 CZ   doub Y N 351 
TYR CE1 HE1  sing N N 352 
TYR CE2 CZ   sing Y N 353 
TYR CE2 HE2  sing N N 354 
TYR CZ  OH   sing N N 355 
TYR OH  HH   sing N N 356 
TYR OXT HXT  sing N N 357 
VAL N   CA   sing N N 358 
VAL N   H    sing N N 359 
VAL N   H2   sing N N 360 
VAL CA  C    sing N N 361 
VAL CA  CB   sing N N 362 
VAL CA  HA   sing N N 363 
VAL C   O    doub N N 364 
VAL C   OXT  sing N N 365 
VAL CB  CG1  sing N N 366 
VAL CB  CG2  sing N N 367 
VAL CB  HB   sing N N 368 
VAL CG1 HG11 sing N N 369 
VAL CG1 HG12 sing N N 370 
VAL CG1 HG13 sing N N 371 
VAL CG2 HG21 sing N N 372 
VAL CG2 HG22 sing N N 373 
VAL CG2 HG23 sing N N 374 
VAL OXT HXT  sing N N 375 
Y1D O   C    doub N N 376 
Y1D N   C    sing N N 377 
Y1D C1  N    sing N N 378 
Y1D C1  C2   doub Y N 379 
Y1D C2  C3   sing Y N 380 
Y1D C3  C4   doub Y N 381 
Y1D F   C4   sing N N 382 
Y1D C4  C5   sing Y N 383 
Y1D C5  C6   doub Y N 384 
Y1D C6  C1   sing Y N 385 
Y1D F1  C6   sing N N 386 
Y1D C   N1   sing N N 387 
Y1D N1  C7   sing N N 388 
Y1D C7  C8   sing N N 389 
Y1D C8  N2   sing N N 390 
Y1D N2  C9   sing N N 391 
Y1D C9  O1   doub N N 392 
Y1D C10 C9   sing N N 393 
Y1D C10 C11  doub Y N 394 
Y1D C11 C12  sing Y N 395 
Y1D C12 C13  doub Y N 396 
Y1D C13 O2   sing Y N 397 
Y1D O2  C10  sing Y N 398 
Y1D C14 N2   sing N N 399 
Y1D C15 C14  sing N N 400 
Y1D N1  C15  sing N N 401 
Y1D C5  H3   sing N N 402 
Y1D C7  H5   sing N N 403 
Y1D C7  H4   sing N N 404 
Y1D C8  H7   sing N N 405 
Y1D C8  H6   sing N N 406 
Y1D C13 H10  sing N N 407 
Y1D C15 H14  sing N N 408 
Y1D C15 H13  sing N N 409 
Y1D N   H    sing N N 410 
Y1D C11 H8   sing N N 411 
Y1D C12 H9   sing N N 412 
Y1D C14 H12  sing N N 413 
Y1D C14 H11  sing N N 414 
Y1D C2  H1   sing N N 415 
Y1D C3  H2   sing N N 416 
# 
_pdbx_deposit_group.group_id            G_1002190 
_pdbx_deposit_group.group_description   
;XDomainX of XOrganismX PHIP screened against crude reaction mixtures by X-ray Crystallography at the XChem facility of Diamond Light Source beamline I04-1
;
_pdbx_deposit_group.group_title         'PanDDA analysis group deposition' 
_pdbx_deposit_group.group_type          'changed state' 
# 
_atom_sites.entry_id                    5S8W 
_atom_sites.fract_transf_matrix[1][1]   -0.01214382 
_atom_sites.fract_transf_matrix[1][2]   -0.00223188 
_atom_sites.fract_transf_matrix[1][3]   -0.00147060 
_atom_sites.fract_transf_matrix[2][1]   0.00582480 
_atom_sites.fract_transf_matrix[2][2]   -0.03583543 
_atom_sites.fract_transf_matrix[2][3]   0.00628662 
_atom_sites.fract_transf_matrix[3][1]   -0.00572411 
_atom_sites.fract_transf_matrix[3][2]   0.00207328 
_atom_sites.fract_transf_matrix[3][3]   0.01712185 
_atom_sites.fract_transf_vector[1]      -0.146825 
_atom_sites.fract_transf_vector[2]      0.458648 
_atom_sites.fract_transf_vector[3]      0.230480 
# 
loop_
_atom_type.symbol 
C 
F 
N 
O 
S 
# 
loop_
_atom_site.group_PDB 
_atom_site.id 
_atom_site.type_symbol 
_atom_site.label_atom_id 
_atom_site.label_alt_id 
_atom_site.label_comp_id 
_atom_site.label_asym_id 
_atom_site.label_entity_id 
_atom_site.label_seq_id 
_atom_site.pdbx_PDB_ins_code 
_atom_site.Cartn_x 
_atom_site.Cartn_y 
_atom_site.Cartn_z 
_atom_site.occupancy 
_atom_site.B_iso_or_equiv 
_atom_site.pdbx_formal_charge 
_atom_site.auth_seq_id 
_atom_site.auth_comp_id 
_atom_site.auth_asym_id 
_atom_site.auth_atom_id 
_atom_site.pdbx_PDB_model_num 
ATOM   1    N N   . TYR A 1 25  ? 1.561   -3.717  -23.858 1.00 23.38 ? 1316 TYR A N   1 
ATOM   2    C CA  . TYR A 1 25  ? 0.523   -2.686  -23.911 1.00 20.54 ? 1316 TYR A CA  1 
ATOM   3    C C   . TYR A 1 25  ? -0.787  -3.272  -23.355 1.00 17.63 ? 1316 TYR A C   1 
ATOM   4    O O   . TYR A 1 25  ? -1.857  -2.795  -23.727 1.00 17.97 ? 1316 TYR A O   1 
ATOM   5    C CB  . TYR A 1 25  ? 0.355   -2.101  -25.304 1.00 25.26 ? 1316 TYR A CB  1 
ATOM   6    C CG  . TYR A 1 25  ? 1.585   -1.462  -25.899 1.00 23.09 ? 1316 TYR A CG  1 
ATOM   7    C CD1 . TYR A 1 25  ? 2.240   -0.406  -25.277 1.00 23.09 ? 1316 TYR A CD1 1 
ATOM   8    C CD2 . TYR A 1 25  ? 1.973   -1.823  -27.174 1.00 24.55 ? 1316 TYR A CD2 1 
ATOM   9    C CE1 . TYR A 1 25  ? 3.360   0.176   -25.850 1.00 22.78 ? 1316 TYR A CE1 1 
ATOM   10   C CE2 . TYR A 1 25  ? 3.070   -1.234  -27.772 1.00 25.48 ? 1316 TYR A CE2 1 
ATOM   11   C CZ  . TYR A 1 25  ? 3.731   -0.204  -27.128 1.00 24.89 ? 1316 TYR A CZ  1 
ATOM   12   O OH  . TYR A 1 25  ? 4.799   0.428   -27.736 1.00 25.62 ? 1316 TYR A OH  1 
ATOM   13   N N   . ASP A 1 26  ? -0.687  -4.233  -22.447 1.00 16.05 ? 1317 ASP A N   1 
ATOM   14   C CA  . ASP A 1 26  ? -1.870  -4.843  -21.776 1.00 16.05 ? 1317 ASP A CA  1 
ATOM   15   C C   . ASP A 1 26  ? -2.359  -3.909  -20.680 1.00 15.99 ? 1317 ASP A C   1 
ATOM   16   O O   . ASP A 1 26  ? -1.708  -3.749  -19.645 1.00 16.94 ? 1317 ASP A O   1 
ATOM   17   C CB  . ASP A 1 26  ? -1.530  -6.215  -21.256 1.00 16.42 ? 1317 ASP A CB  1 
ATOM   18   C CG  . ASP A 1 26  ? -2.671  -6.962  -20.598 1.00 16.85 ? 1317 ASP A CG  1 
ATOM   19   O OD1 . ASP A 1 26  ? -3.673  -6.325  -20.241 1.00 17.21 ? 1317 ASP A OD1 1 
ATOM   20   O OD2 . ASP A 1 26  ? -2.569  -8.214  -20.541 1.00 21.34 ? 1317 ASP A OD2 1 
ATOM   21   N N   . ILE A 1 27  ? -3.528  -3.316  -20.858 0.50 15.41 ? 1318 ILE A N   1 
ATOM   22   C CA  . ILE A 1 27  ? -3.997  -2.283  -19.899 0.50 15.38 ? 1318 ILE A CA  1 
ATOM   23   C C   . ILE A 1 27  ? -4.696  -2.937  -18.714 0.50 14.90 ? 1318 ILE A C   1 
ATOM   24   O O   . ILE A 1 27  ? -5.005  -2.190  -17.777 0.50 16.16 ? 1318 ILE A O   1 
ATOM   25   C CB  . ILE A 1 27  ? -4.868  -1.234  -20.597 0.50 16.13 ? 1318 ILE A CB  1 
ATOM   26   C CG1 . ILE A 1 27  ? -6.171  -1.820  -21.131 0.50 17.51 ? 1318 ILE A CG1 1 
ATOM   27   C CG2 . ILE A 1 27  ? -4.068  -0.534  -21.685 0.50 16.86 ? 1318 ILE A CG2 1 
ATOM   28   C CD1 . ILE A 1 27  ? -6.909  -0.868  -21.999 0.50 17.30 ? 1318 ILE A CD1 1 
ATOM   29   N N   . GLN A 1 28  ? -4.822  -4.266  -18.713 1.00 13.78 ? 1319 GLN A N   1 
ATOM   30   C CA  . GLN A 1 28  ? -5.331  -4.980  -17.513 1.00 14.26 ? 1319 GLN A CA  1 
ATOM   31   C C   . GLN A 1 28  ? -4.245  -5.641  -16.672 1.00 14.90 ? 1319 GLN A C   1 
ATOM   32   O O   . GLN A 1 28  ? -4.520  -6.092  -15.568 1.00 14.94 ? 1319 GLN A O   1 
ATOM   33   C CB  . GLN A 1 28  ? -6.357  -6.058  -17.908 1.00 15.14 ? 1319 GLN A CB  1 
ATOM   34   C CG  . GLN A 1 28  ? -7.735  -5.483  -18.250 1.00 16.69 ? 1319 GLN A CG  1 
ATOM   35   C CD  . GLN A 1 28  ? -7.919  -5.157  -19.717 1.00 15.80 ? 1319 GLN A CD  1 
ATOM   36   O OE1 . GLN A 1 28  ? -7.670  -5.992  -20.578 1.00 16.19 ? 1319 GLN A OE1 1 
ATOM   37   N NE2 . GLN A 1 28  ? -8.413  -3.996  -19.990 1.00 15.85 ? 1319 GLN A NE2 1 
ATOM   38   N N   . ALA A 1 29  ? -2.973  -5.684  -17.155 1.00 15.71 ? 1320 ALA A N   1 
ATOM   39   C CA  . ALA A 1 29  ? -1.927  -6.524  -16.531 1.00 14.79 ? 1320 ALA A CA  1 
ATOM   40   C C   . ALA A 1 29  ? -1.589  -6.040  -15.096 1.00 13.35 ? 1320 ALA A C   1 
ATOM   41   O O   . ALA A 1 29  ? -1.170  -6.834  -14.311 1.00 15.31 ? 1320 ALA A O   1 
ATOM   42   C CB  . ALA A 1 29  ? -0.682  -6.520  -17.407 1.00 16.79 ? 1320 ALA A CB  1 
ATOM   43   N N   . TRP A 1 30  ? -1.825  -4.759  -14.830 1.00 13.64 ? 1321 TRP A N   1 
ATOM   44   C CA  . TRP A 1 30  ? -1.488  -4.198  -13.508 1.00 13.91 ? 1321 TRP A CA  1 
ATOM   45   C C   . TRP A 1 30  ? -2.172  -4.952  -12.372 1.00 14.18 ? 1321 TRP A C   1 
ATOM   46   O O   . TRP A 1 30  ? -1.634  -5.014  -11.294 1.00 14.62 ? 1321 TRP A O   1 
ATOM   47   C CB  . TRP A 1 30  ? -1.849  -2.728  -13.434 1.00 13.96 ? 1321 TRP A CB  1 
ATOM   48   C CG  . TRP A 1 30  ? -3.331  -2.500  -13.531 1.00 14.19 ? 1321 TRP A CG  1 
ATOM   49   C CD1 . TRP A 1 30  ? -4.051  -2.407  -14.673 1.00 14.13 ? 1321 TRP A CD1 1 
ATOM   50   C CD2 . TRP A 1 30  ? -4.280  -2.427  -12.451 1.00 14.53 ? 1321 TRP A CD2 1 
ATOM   51   N NE1 . TRP A 1 30  ? -5.399  -2.307  -14.387 1.00 15.00 ? 1321 TRP A NE1 1 
ATOM   52   C CE2 . TRP A 1 30  ? -5.547  -2.265  -13.045 1.00 14.77 ? 1321 TRP A CE2 1 
ATOM   53   C CE3 . TRP A 1 30  ? -4.209  -2.418  -11.060 1.00 15.61 ? 1321 TRP A CE3 1 
ATOM   54   C CZ2 . TRP A 1 30  ? -6.726  -2.167  -12.307 1.00 16.30 ? 1321 TRP A CZ2 1 
ATOM   55   C CZ3 . TRP A 1 30  ? -5.364  -2.283  -10.324 1.00 16.01 ? 1321 TRP A CZ3 1 
ATOM   56   C CH2 . TRP A 1 30  ? -6.601  -2.186  -10.948 1.00 17.32 ? 1321 TRP A CH2 1 
ATOM   57   N N   . LYS A 1 31  ? -3.366  -5.520  -12.631 1.00 14.41 ? 1322 LYS A N   1 
ATOM   58   C CA  . LYS A 1 31  ? -4.130  -6.083  -11.512 1.00 14.18 ? 1322 LYS A CA  1 
ATOM   59   C C   . LYS A 1 31  ? -3.430  -7.326  -10.951 1.00 13.56 ? 1322 LYS A C   1 
ATOM   60   O O   . LYS A 1 31  ? -3.160  -7.406  -9.729  1.00 14.82 ? 1322 LYS A O   1 
ATOM   61   C CB  . LYS A 1 31  ? -5.574  -6.292  -11.943 1.00 13.77 ? 1322 LYS A CB  1 
ATOM   62   C CG  . LYS A 1 31  ? -6.429  -6.920  -10.831 1.00 14.99 ? 1322 LYS A CG  1 
ATOM   63   C CD  . LYS A 1 31  ? -7.867  -7.025  -11.231 1.00 15.74 ? 1322 LYS A CD  1 
ATOM   64   C CE  . LYS A 1 31  ? -8.791  -7.495  -10.104 1.00 16.60 ? 1322 LYS A CE  1 
ATOM   65   N NZ  . LYS A 1 31  ? -10.176 -7.501  -10.635 1.00 17.31 ? 1322 LYS A NZ  1 
ATOM   66   N N   . LYS A 1 32  ? -3.062  -8.253  -11.817 1.00 15.74 ? 1323 LYS A N   1 
ATOM   67   C CA  . LYS A 1 32  ? -2.331  -9.417  -11.312 1.00 15.58 ? 1323 LYS A CA  1 
ATOM   68   C C   . LYS A 1 32  ? -0.948  -9.010  -10.802 1.00 15.32 ? 1323 LYS A C   1 
ATOM   69   O O   . LYS A 1 32  ? -0.490  -9.588  -9.830  1.00 16.03 ? 1323 LYS A O   1 
ATOM   70   C CB  . LYS A 1 32  ? -2.182  -10.480 -12.409 1.00 19.78 ? 1323 LYS A CB  1 
ATOM   71   C CG  . LYS A 1 32  ? -1.637  -11.813 -11.950 1.00 27.61 ? 1323 LYS A CG  1 
ATOM   72   C CD  . LYS A 1 32  ? -1.669  -12.904 -13.031 1.00 30.08 ? 1323 LYS A CD  1 
ATOM   73   N N   . GLN A 1 33  ? -0.320  -8.020  -11.417 1.00 15.26 ? 1324 GLN A N   1 
ATOM   74   C CA  . GLN A 1 33  ? 0.996   -7.548  -10.921 1.00 16.03 ? 1324 GLN A CA  1 
ATOM   75   C C   . GLN A 1 33  ? 0.852   -7.002  -9.488  1.00 15.91 ? 1324 GLN A C   1 
ATOM   76   O O   . GLN A 1 33  ? 1.663   -7.304  -8.619  1.00 15.62 ? 1324 GLN A O   1 
ATOM   77   C CB  . GLN A 1 33  ? 1.583   -6.477  -11.828 1.00 16.63 ? 1324 GLN A CB  1 
ATOM   78   C CG  . GLN A 1 33  ? 2.058   -7.059  -13.159 1.00 17.10 ? 1324 GLN A CG  1 
ATOM   79   C CD  . GLN A 1 33  ? 2.164   -6.011  -14.222 1.00 17.36 ? 1324 GLN A CD  1 
ATOM   80   O OE1 . GLN A 1 33  ? 1.927   -4.834  -14.038 1.00 19.07 ? 1324 GLN A OE1 1 
ATOM   81   N NE2 . GLN A 1 33  ? 2.461   -6.435  -15.443 1.00 18.78 ? 1324 GLN A NE2 1 
ATOM   82   N N   . CYS A 1 34  ? -0.248  -6.311  -9.220  1.00 14.53 ? 1325 CYS A N   1 
ATOM   83   C CA  . CYS A 1 34  ? -0.510  -5.808  -7.866  1.00 14.56 ? 1325 CYS A CA  1 
ATOM   84   C C   . CYS A 1 34  ? -0.870  -6.933  -6.911  1.00 13.92 ? 1325 CYS A C   1 
ATOM   85   O O   . CYS A 1 34  ? -0.473  -6.919  -5.738  1.00 14.53 ? 1325 CYS A O   1 
ATOM   86   C CB  . CYS A 1 34  ? -1.575  -4.740  -7.872  1.00 14.82 ? 1325 CYS A CB  1 
ATOM   87   S SG  . CYS A 1 34  ? -1.060  -3.153  -8.569  1.00 15.43 ? 1325 CYS A SG  1 
ATOM   88   N N   . GLU A 1 35  ? -1.624  -7.919  -7.365  1.00 15.33 ? 1326 GLU A N   1 
ATOM   89   C CA  . GLU A 1 35  ? -1.914  -9.084  -6.509  1.00 15.49 ? 1326 GLU A CA  1 
ATOM   90   C C   . GLU A 1 35  ? -0.612  -9.751  -6.069  1.00 15.61 ? 1326 GLU A C   1 
ATOM   91   O O   . GLU A 1 35  ? -0.496  -10.117 -4.906  1.00 17.53 ? 1326 GLU A O   1 
ATOM   92   C CB  . GLU A 1 35  ? -2.770  -10.107 -7.267  1.00 18.65 ? 1326 GLU A CB  1 
ATOM   93   C CG  . GLU A 1 35  ? -4.191  -9.675  -7.516  1.00 22.27 ? 1326 GLU A CG  1 
ATOM   94   C CD  . GLU A 1 35  ? -5.002  -10.492 -8.516  1.00 27.30 ? 1326 GLU A CD  1 
ATOM   95   O OE1 . GLU A 1 35  ? -4.428  -11.313 -9.236  1.00 30.57 ? 1326 GLU A OE1 1 
ATOM   96   O OE2 . GLU A 1 35  ? -6.242  -10.256 -8.590  1.00 29.72 ? 1326 GLU A OE2 1 
ATOM   97   N N   . GLU A 1 36  ? 0.283   -9.962  -7.016  1.00 17.50 ? 1327 GLU A N   1 
ATOM   98   C CA  . GLU A 1 36  ? 1.568   -10.627 -6.742  1.00 18.31 ? 1327 GLU A CA  1 
ATOM   99   C C   . GLU A 1 36  ? 2.381   -9.763  -5.796  1.00 16.32 ? 1327 GLU A C   1 
ATOM   100  O O   . GLU A 1 36  ? 2.971   -10.309 -4.839  1.00 17.71 ? 1327 GLU A O   1 
ATOM   101  C CB  . GLU A 1 36  ? 2.278   -10.937 -8.059  1.00 22.80 ? 1327 GLU A CB  1 
ATOM   102  C CG  . GLU A 1 36  ? 1.513   -12.005 -8.851  1.00 32.68 ? 1327 GLU A CG  1 
ATOM   103  C CD  . GLU A 1 36  ? 1.223   -13.321 -8.135  1.00 41.31 ? 1327 GLU A CD  1 
ATOM   104  O OE1 . GLU A 1 36  ? 2.092   -13.788 -7.348  1.00 49.57 ? 1327 GLU A OE1 1 
ATOM   105  O OE2 . GLU A 1 36  ? 0.120   -13.881 -8.343  1.00 45.86 ? 1327 GLU A OE2 1 
ATOM   106  N N   . LEU A 1 37  ? 2.413   -8.445  -6.010  1.00 16.54 ? 1328 LEU A N   1 
ATOM   107  C CA  . LEU A 1 37  ? 3.188   -7.603  -5.078  1.00 14.79 ? 1328 LEU A CA  1 
ATOM   108  C C   . LEU A 1 37  ? 2.562   -7.625  -3.677  1.00 15.50 ? 1328 LEU A C   1 
ATOM   109  O O   . LEU A 1 37  ? 3.303   -7.664  -2.679  1.00 15.92 ? 1328 LEU A O   1 
ATOM   110  C CB  . LEU A 1 37  ? 3.252   -6.200  -5.636  1.00 16.08 ? 1328 LEU A CB  1 
ATOM   111  C CG  . LEU A 1 37  ? 3.931   -5.143  -4.794  1.00 16.15 ? 1328 LEU A CG  1 
ATOM   112  C CD1 . LEU A 1 37  ? 5.325   -5.563  -4.365  1.00 18.00 ? 1328 LEU A CD1 1 
ATOM   113  C CD2 . LEU A 1 37  ? 4.021   -3.865  -5.555  1.00 17.71 ? 1328 LEU A CD2 1 
ATOM   114  N N   . LEU A 1 38  ? 1.235   -7.641  -3.558  1.00 15.49 ? 1329 LEU A N   1 
ATOM   115  C CA  . LEU A 1 38  ? 0.623   -7.757  -2.224  1.00 15.31 ? 1329 LEU A CA  1 
ATOM   116  C C   . LEU A 1 38  ? 1.007   -9.070  -1.586  1.00 15.69 ? 1329 LEU A C   1 
ATOM   117  O O   . LEU A 1 38  ? 1.266   -9.087  -0.384  1.00 17.79 ? 1329 LEU A O   1 
ATOM   118  C CB  . LEU A 1 38  ? -0.892  -7.596  -2.344  1.00 15.12 ? 1329 LEU A CB  1 
ATOM   119  C CG  . LEU A 1 38  ? -1.353  -6.173  -2.649  1.00 15.09 ? 1329 LEU A CG  1 
ATOM   120  C CD1 . LEU A 1 38  ? -2.817  -6.153  -3.029  1.00 17.11 ? 1329 LEU A CD1 1 
ATOM   121  C CD2 . LEU A 1 38  ? -1.115  -5.211  -1.492  1.00 17.10 ? 1329 LEU A CD2 1 
ATOM   122  N N   . ASN A 1 39  ? 1.027   -10.141 -2.348  1.00 18.17 ? 1330 ASN A N   1 
ATOM   123  C CA  . ASN A 1 39  ? 1.463   -11.449 -1.811  1.00 19.99 ? 1330 ASN A CA  1 
ATOM   124  C C   . ASN A 1 39  ? 2.888   -11.304 -1.263  1.00 18.19 ? 1330 ASN A C   1 
ATOM   125  O O   . ASN A 1 39  ? 3.128   -11.790 -0.105  1.00 20.81 ? 1330 ASN A O   1 
ATOM   126  C CB  . ASN A 1 39  ? 1.352   -12.536 -2.877  1.00 21.91 ? 1330 ASN A CB  1 
ATOM   127  C CG  . ASN A 1 39  ? -0.069  -12.956 -3.198  1.00 25.94 ? 1330 ASN A CG  1 
ATOM   128  O OD1 . ASN A 1 39  ? -1.002  -12.645 -2.472  1.00 29.97 ? 1330 ASN A OD1 1 
ATOM   129  N ND2 . ASN A 1 39  ? -0.233  -13.668 -4.300  1.00 29.20 ? 1330 ASN A ND2 1 
ATOM   130  N N   . LEU A 1 40  ? 3.794   -10.700 -1.978  1.00 17.23 ? 1331 LEU A N   1 
ATOM   131  C CA  . LEU A 1 40  ? 5.181   -10.499 -1.478  1.00 18.66 ? 1331 LEU A CA  1 
ATOM   132  C C   . LEU A 1 40  ? 5.133   -9.648  -0.213  1.00 18.17 ? 1331 LEU A C   1 
ATOM   133  O O   . LEU A 1 40  ? 5.847   -9.981  0.779   1.00 19.31 ? 1331 LEU A O   1 
ATOM   134  C CB  . LEU A 1 40  ? 6.069   -9.824  -2.515  1.00 18.43 ? 1331 LEU A CB  1 
ATOM   135  C CG  . LEU A 1 40  ? 6.401   -10.638 -3.765  1.00 18.56 ? 1331 LEU A CG  1 
ATOM   136  C CD1 . LEU A 1 40  ? 7.116   -9.781  -4.771  1.00 21.90 ? 1331 LEU A CD1 1 
ATOM   137  C CD2 . LEU A 1 40  ? 7.166   -11.943 -3.435  1.00 21.99 ? 1331 LEU A CD2 1 
ATOM   138  N N   . ILE A 1 41  ? 4.302   -8.601  -0.168  1.00 17.02 ? 1332 ILE A N   1 
ATOM   139  C CA  . ILE A 1 41  ? 4.239   -7.719  1.015   1.00 15.86 ? 1332 ILE A CA  1 
ATOM   140  C C   . ILE A 1 41  ? 3.749   -8.540  2.209   1.00 16.30 ? 1332 ILE A C   1 
ATOM   141  O O   . ILE A 1 41  ? 4.317   -8.402  3.287   1.00 16.58 ? 1332 ILE A O   1 
ATOM   142  C CB  . ILE A 1 41  ? 3.348   -6.495  0.726   1.00 16.22 ? 1332 ILE A CB  1 
ATOM   143  C CG1 . ILE A 1 41  ? 4.160   -5.569  -0.183  1.00 17.16 ? 1332 ILE A CG1 1 
ATOM   144  C CG2 . ILE A 1 41  ? 2.909   -5.821  2.012   1.00 15.44 ? 1332 ILE A CG2 1 
ATOM   145  C CD1 . ILE A 1 41  ? 3.396   -4.458  -0.778  1.00 17.77 ? 1332 ILE A CD1 1 
ATOM   146  N N   . PHE A 1 42  ? 2.733   -9.372  2.023   1.00 17.90 ? 1333 PHE A N   1 
ATOM   147  C CA  . PHE A 1 42  ? 2.220   -10.224 3.132   1.00 19.56 ? 1333 PHE A CA  1 
ATOM   148  C C   . PHE A 1 42  ? 3.312   -11.208 3.610   1.00 21.80 ? 1333 PHE A C   1 
ATOM   149  O O   . PHE A 1 42  ? 3.353   -11.457 4.840   1.00 26.04 ? 1333 PHE A O   1 
ATOM   150  C CB  . PHE A 1 42  ? 0.901   -10.877 2.710   1.00 19.27 ? 1333 PHE A CB  1 
ATOM   151  C CG  . PHE A 1 42  ? -0.330  -10.054 2.991   1.00 19.73 ? 1333 PHE A CG  1 
ATOM   152  C CD1 . PHE A 1 42  ? -0.818  -9.135  2.063   1.00 21.91 ? 1333 PHE A CD1 1 
ATOM   153  C CD2 . PHE A 1 42  ? -1.005  -10.166 4.202   1.00 21.88 ? 1333 PHE A CD2 1 
ATOM   154  C CE1 . PHE A 1 42  ? -1.961  -8.396  2.333   1.00 21.49 ? 1333 PHE A CE1 1 
ATOM   155  C CE2 . PHE A 1 42  ? -2.150  -9.410  4.461   1.00 22.55 ? 1333 PHE A CE2 1 
ATOM   156  C CZ  . PHE A 1 42  ? -2.604  -8.511  3.532   1.00 22.42 ? 1333 PHE A CZ  1 
ATOM   157  N N   . GLN A 1 43  ? 4.234   -11.651 2.760   1.00 21.16 ? 1334 GLN A N   1 
ATOM   158  C CA  . GLN A 1 43  ? 5.364   -12.562 3.189   1.00 23.02 ? 1334 GLN A CA  1 
ATOM   159  C C   . GLN A 1 43  ? 6.443   -11.825 3.976   1.00 23.26 ? 1334 GLN A C   1 
ATOM   160  O O   . GLN A 1 43  ? 7.159   -12.444 4.735   1.00 24.36 ? 1334 GLN A O   1 
ATOM   161  C CB  . GLN A 1 43  ? 6.004   -13.250 1.977   1.00 22.63 ? 1334 GLN A CB  1 
ATOM   162  C CG  . GLN A 1 43  ? 5.106   -14.343 1.405   1.00 26.85 ? 1334 GLN A CG  1 
ATOM   163  C CD  . GLN A 1 43  ? 4.856   -15.480 2.389   1.00 29.34 ? 1334 GLN A CD  1 
ATOM   164  O OE1 . GLN A 1 43  ? 5.795   -16.051 3.016   1.00 29.17 ? 1334 GLN A OE1 1 
ATOM   165  N NE2 . GLN A 1 43  ? 3.582   -15.841 2.552   1.00 30.37 ? 1334 GLN A NE2 1 
ATOM   166  N N   A CYS A 1 44  ? 6.585   -10.509 3.760   0.18 21.06 ? 1335 CYS A N   1 
ATOM   167  N N   B CYS A 1 44  ? 6.535   -10.512 3.793   0.18 21.75 ? 1335 CYS A N   1 
ATOM   168  C CA  A CYS A 1 44  ? 7.576   -9.646  4.459   0.18 20.05 ? 1335 CYS A CA  1 
ATOM   169  C CA  B CYS A 1 44  ? 7.559   -9.661  4.434   0.18 21.04 ? 1335 CYS A CA  1 
ATOM   170  C C   A CYS A 1 44  ? 7.194   -9.525  5.931   0.18 19.46 ? 1335 CYS A C   1 
ATOM   171  C C   B CYS A 1 44  ? 7.210   -9.487  5.918   0.18 19.93 ? 1335 CYS A C   1 
ATOM   172  O O   A CYS A 1 44  ? 6.055   -9.119  6.225   0.18 18.26 ? 1335 CYS A O   1 
ATOM   173  O O   B CYS A 1 44  ? 6.087   -9.042  6.212   0.18 18.47 ? 1335 CYS A O   1 
ATOM   174  C CB  A CYS A 1 44  ? 7.637   -8.238  3.883   0.18 20.13 ? 1335 CYS A CB  1 
ATOM   175  C CB  B CYS A 1 44  ? 7.622   -8.320  3.719   0.18 21.69 ? 1335 CYS A CB  1 
ATOM   176  S SG  A CYS A 1 44  ? 8.267   -8.188  2.191   0.18 20.55 ? 1335 CYS A SG  1 
ATOM   177  S SG  B CYS A 1 44  ? 9.085   -7.374  4.188   0.18 23.90 ? 1335 CYS A SG  1 
ATOM   178  N N   . GLU A 1 45  ? 8.126   -9.822  6.836   1.00 18.78 ? 1336 GLU A N   1 
ATOM   179  C CA  . GLU A 1 45  ? 7.839   -9.635  8.271   1.00 19.23 ? 1336 GLU A CA  1 
ATOM   180  C C   . GLU A 1 45  ? 7.532   -8.166  8.619   1.00 17.15 ? 1336 GLU A C   1 
ATOM   181  O O   . GLU A 1 45  ? 6.713   -7.917  9.492   1.00 18.29 ? 1336 GLU A O   1 
ATOM   182  C CB  . GLU A 1 45  ? 9.018   -10.101 9.095   1.00 20.19 ? 1336 GLU A CB  1 
ATOM   183  C CG  . GLU A 1 45  ? 9.234   -11.598 8.967   1.00 23.02 ? 1336 GLU A CG  1 
ATOM   184  C CD  . GLU A 1 45  ? 10.458  -12.135 9.679   1.00 28.31 ? 1336 GLU A CD  1 
ATOM   185  O OE1 . GLU A 1 45  ? 11.163  -11.347 10.370  1.00 28.24 ? 1336 GLU A OE1 1 
ATOM   186  O OE2 . GLU A 1 45  ? 10.686  -13.356 9.571   1.00 29.69 ? 1336 GLU A OE2 1 
ATOM   187  N N   . ASP A 1 46  ? 8.098   -7.251  7.845   1.00 16.37 ? 1337 ASP A N   1 
ATOM   188  C CA  . ASP A 1 46  ? 7.871   -5.805  8.058   1.00 16.62 ? 1337 ASP A CA  1 
ATOM   189  C C   . ASP A 1 46  ? 6.400   -5.427  7.820   1.00 15.44 ? 1337 ASP A C   1 
ATOM   190  O O   . ASP A 1 46  ? 6.025   -4.333  8.249   1.00 15.80 ? 1337 ASP A O   1 
ATOM   191  C CB  . ASP A 1 46  ? 8.771   -4.939  7.199   1.00 16.44 ? 1337 ASP A CB  1 
ATOM   192  C CG  . ASP A 1 46  ? 10.212  -4.905  7.699   1.00 17.41 ? 1337 ASP A CG  1 
ATOM   193  O OD1 . ASP A 1 46  ? 10.412  -5.135  8.923   1.00 18.64 ? 1337 ASP A OD1 1 
ATOM   194  O OD2 . ASP A 1 46  ? 11.098  -4.550  6.928   1.00 16.84 ? 1337 ASP A OD2 1 
ATOM   195  N N   . SER A 1 47  ? 5.594   -6.229  7.133   1.00 15.63 ? 1338 SER A N   1 
ATOM   196  C CA  . SER A 1 47  ? 4.184   -5.845  6.922   1.00 15.41 ? 1338 SER A CA  1 
ATOM   197  C C   . SER A 1 47  ? 3.269   -6.165  8.092   1.00 15.96 ? 1338 SER A C   1 
ATOM   198  O O   . SER A 1 47  ? 2.134   -5.747  8.096   1.00 15.80 ? 1338 SER A O   1 
ATOM   199  C CB  . SER A 1 47  ? 3.609   -6.421  5.683   1.00 14.65 ? 1338 SER A CB  1 
ATOM   200  O OG  . SER A 1 47  ? 3.442   -7.845  5.788   1.00 16.67 ? 1338 SER A OG  1 
ATOM   201  N N   . GLU A 1 48  ? 3.795   -6.898  9.080   0.36 17.04 ? 1339 GLU A N   1 
ATOM   202  C CA  . GLU A 1 48  ? 2.997   -7.481  10.189  0.36 18.48 ? 1339 GLU A CA  1 
ATOM   203  C C   . GLU A 1 48  ? 2.050   -6.433  10.779  0.36 16.85 ? 1339 GLU A C   1 
ATOM   204  O O   . GLU A 1 48  ? 0.847   -6.675  10.864  0.36 17.31 ? 1339 GLU A O   1 
ATOM   205  C CB  . GLU A 1 48  ? 3.924   -8.108  11.236  0.36 20.51 ? 1339 GLU A CB  1 
ATOM   206  C CG  . GLU A 1 48  ? 3.300   -9.306  11.926  0.36 23.93 ? 1339 GLU A CG  1 
ATOM   207  C CD  . GLU A 1 48  ? 2.697   -8.999  13.278  0.36 25.66 ? 1339 GLU A CD  1 
ATOM   208  O OE1 . GLU A 1 48  ? 2.615   -7.807  13.620  0.36 27.93 ? 1339 GLU A OE1 1 
ATOM   209  O OE2 . GLU A 1 48  ? 2.321   -9.957  13.988  0.36 26.96 ? 1339 GLU A OE2 1 
ATOM   210  N N   . PRO A 1 49  ? 2.541   -5.236  11.182  0.36 16.24 ? 1340 PRO A N   1 
ATOM   211  C CA  . PRO A 1 49  ? 1.702   -4.216  11.822  0.36 15.64 ? 1340 PRO A CA  1 
ATOM   212  C C   . PRO A 1 49  ? 0.637   -3.587  10.915  0.36 15.00 ? 1340 PRO A C   1 
ATOM   213  O O   . PRO A 1 49  ? -0.249  -2.936  11.430  0.36 15.66 ? 1340 PRO A O   1 
ATOM   214  C CB  . PRO A 1 49  ? 2.694   -3.104  12.203  0.36 16.65 ? 1340 PRO A CB  1 
ATOM   215  C CG  . PRO A 1 49  ? 4.040   -3.788  12.226  0.36 17.12 ? 1340 PRO A CG  1 
ATOM   216  C CD  . PRO A 1 49  ? 3.948   -4.810  11.111  0.36 16.55 ? 1340 PRO A CD  1 
ATOM   217  N N   . PHE A 1 50  ? 0.744   -3.812  9.610   1.00 14.09 ? 1341 PHE A N   1 
ATOM   218  C CA  . PHE A 1 50  ? -0.087  -3.135  8.609   1.00 14.08 ? 1341 PHE A CA  1 
ATOM   219  C C   . PHE A 1 50  ? -1.017  -4.092  7.876   1.00 16.28 ? 1341 PHE A C   1 
ATOM   220  O O   . PHE A 1 50  ? -1.608  -3.696  6.901   1.00 16.06 ? 1341 PHE A O   1 
ATOM   221  C CB  . PHE A 1 50  ? 0.879   -2.449  7.634   1.00 14.13 ? 1341 PHE A CB  1 
ATOM   222  C CG  . PHE A 1 50  ? 1.945   -1.608  8.308   1.00 13.18 ? 1341 PHE A CG  1 
ATOM   223  C CD1 . PHE A 1 50  ? 1.600   -0.486  9.034   1.00 15.28 ? 1341 PHE A CD1 1 
ATOM   224  C CD2 . PHE A 1 50  ? 3.261   -2.013  8.318   1.00 14.09 ? 1341 PHE A CD2 1 
ATOM   225  C CE1 . PHE A 1 50  ? 2.568   0.231   9.709   1.00 16.43 ? 1341 PHE A CE1 1 
ATOM   226  C CE2 . PHE A 1 50  ? 4.214   -1.310  9.020   1.00 14.97 ? 1341 PHE A CE2 1 
ATOM   227  C CZ  . PHE A 1 50  ? 3.852   -0.196  9.711   1.00 16.17 ? 1341 PHE A CZ  1 
ATOM   228  N N   . ARG A 1 51  ? -1.112  -5.352  8.285   1.00 17.09 ? 1342 ARG A N   1 
ATOM   229  C CA  . ARG A 1 51  ? -1.865  -6.350  7.504   1.00 16.53 ? 1342 ARG A CA  1 
ATOM   230  C C   . ARG A 1 51  ? -3.339  -6.239  7.765   1.00 18.60 ? 1342 ARG A C   1 
ATOM   231  O O   . ARG A 1 51  ? -4.117  -6.711  6.905   1.00 23.96 ? 1342 ARG A O   1 
ATOM   232  C CB  . ARG A 1 51  ? -1.432  -7.780  7.826   1.00 18.29 ? 1342 ARG A CB  1 
ATOM   233  C CG  . ARG A 1 51  ? -0.029  -8.066  7.328   1.00 18.78 ? 1342 ARG A CG  1 
ATOM   234  C CD  . ARG A 1 51  ? 0.431   -9.442  7.722   1.00 20.28 ? 1342 ARG A CD  1 
ATOM   235  N NE  . ARG A 1 51  ? 1.840   -9.581  7.435   1.00 21.33 ? 1342 ARG A NE  1 
ATOM   236  C CZ  . ARG A 1 51  ? 2.670   -10.434 8.017   1.00 23.21 ? 1342 ARG A CZ  1 
ATOM   237  N NH1 . ARG A 1 51  ? 2.219   -11.314 8.897   1.00 26.67 ? 1342 ARG A NH1 1 
ATOM   238  N NH2 . ARG A 1 51  ? 3.933   -10.446 7.678   1.00 22.50 ? 1342 ARG A NH2 1 
ATOM   239  N N   . GLN A 1 52  ? -3.733  -5.674  8.910   0.36 19.28 ? 1343 GLN A N   1 
ATOM   240  C CA  . GLN A 1 52  ? -5.149  -5.519  9.320   0.36 20.71 ? 1343 GLN A CA  1 
ATOM   241  C C   . GLN A 1 52  ? -5.324  -4.116  9.890   0.36 20.08 ? 1343 GLN A C   1 
ATOM   242  O O   . GLN A 1 52  ? -4.341  -3.492  10.291  0.36 20.33 ? 1343 GLN A O   1 
ATOM   243  C CB  . GLN A 1 52  ? -5.531  -6.591  10.346  0.36 22.83 ? 1343 GLN A CB  1 
ATOM   244  C CG  . GLN A 1 52  ? -5.257  -8.018  9.887   0.36 26.06 ? 1343 GLN A CG  1 
ATOM   245  C CD  . GLN A 1 52  ? -6.113  -8.479  8.728   0.36 27.77 ? 1343 GLN A CD  1 
ATOM   246  O OE1 . GLN A 1 52  ? -7.181  -7.933  8.450   0.36 30.66 ? 1343 GLN A OE1 1 
ATOM   247  N NE2 . GLN A 1 52  ? -5.647  -9.508  8.037   0.36 29.71 ? 1343 GLN A NE2 1 
ATOM   248  N N   . PRO A 1 53  ? -6.563  -3.573  9.926   1.00 20.54 ? 1344 PRO A N   1 
ATOM   249  C CA  . PRO A 1 53  ? -6.782  -2.251  10.481  1.00 21.80 ? 1344 PRO A CA  1 
ATOM   250  C C   . PRO A 1 53  ? -6.197  -2.157  11.894  1.00 23.39 ? 1344 PRO A C   1 
ATOM   251  O O   . PRO A 1 53  ? -6.227  -3.142  12.660  1.00 25.57 ? 1344 PRO A O   1 
ATOM   252  C CB  . PRO A 1 53  ? -8.307  -2.119  10.533  1.00 21.93 ? 1344 PRO A CB  1 
ATOM   253  C CG  . PRO A 1 53  ? -8.774  -3.046  9.457   1.00 22.01 ? 1344 PRO A CG  1 
ATOM   254  C CD  . PRO A 1 53  ? -7.800  -4.203  9.424   1.00 21.14 ? 1344 PRO A CD  1 
ATOM   255  N N   . VAL A 1 54  ? -5.727  -0.966  12.255  0.36 23.84 ? 1345 VAL A N   1 
ATOM   256  C CA  . VAL A 1 54  ? -5.390  -0.616  13.663  0.36 23.45 ? 1345 VAL A CA  1 
ATOM   257  C C   . VAL A 1 54  ? -6.631  -0.890  14.521  0.36 23.33 ? 1345 VAL A C   1 
ATOM   258  O O   . VAL A 1 54  ? -7.761  -0.607  14.056  0.36 22.93 ? 1345 VAL A O   1 
ATOM   259  C CB  . VAL A 1 54  ? -4.914  0.843   13.789  0.36 23.06 ? 1345 VAL A CB  1 
ATOM   260  C CG1 . VAL A 1 54  ? -4.812  1.279   15.243  0.36 23.35 ? 1345 VAL A CG1 1 
ATOM   261  C CG2 . VAL A 1 54  ? -3.593  1.048   13.063  0.36 23.70 ? 1345 VAL A CG2 1 
ATOM   262  N N   . ASP A 1 55  ? -6.413  -1.459  15.707  0.36 23.87 ? 1346 ASP A N   1 
ATOM   263  C CA  . ASP A 1 55  ? -7.446  -1.753  16.732  0.36 25.93 ? 1346 ASP A CA  1 
ATOM   264  C C   . ASP A 1 55  ? -7.523  -0.552  17.683  0.36 27.51 ? 1346 ASP A C   1 
ATOM   265  O O   . ASP A 1 55  ? -6.465  -0.142  18.200  0.36 27.97 ? 1346 ASP A O   1 
ATOM   266  C CB  . ASP A 1 55  ? -7.100  -3.058  17.455  0.36 26.00 ? 1346 ASP A CB  1 
ATOM   267  C CG  . ASP A 1 55  ? -8.203  -3.627  18.334  0.36 26.19 ? 1346 ASP A CG  1 
ATOM   268  O OD1 . ASP A 1 55  ? -9.058  -2.846  18.781  0.36 26.30 ? 1346 ASP A OD1 1 
ATOM   269  O OD2 . ASP A 1 55  ? -8.186  -4.854  18.573  0.36 29.19 ? 1346 ASP A OD2 1 
ATOM   270  N N   . LEU A 1 56  ? -8.730  -0.018  17.911  0.36 32.60 ? 1347 LEU A N   1 
ATOM   271  C CA  . LEU A 1 56  ? -8.978  1.205   18.727  0.36 35.53 ? 1347 LEU A CA  1 
ATOM   272  C C   . LEU A 1 56  ? -9.129  0.856   20.216  0.36 36.96 ? 1347 LEU A C   1 
ATOM   273  O O   . LEU A 1 56  ? -9.764  1.657   20.934  0.36 38.72 ? 1347 LEU A O   1 
ATOM   274  C CB  . LEU A 1 56  ? -10.240 1.907   18.214  0.36 37.59 ? 1347 LEU A CB  1 
ATOM   275  C CG  . LEU A 1 56  ? -10.201 2.374   16.760  0.36 38.03 ? 1347 LEU A CG  1 
ATOM   276  C CD1 . LEU A 1 56  ? -11.582 2.807   16.296  0.36 39.75 ? 1347 LEU A CD1 1 
ATOM   277  C CD2 . LEU A 1 56  ? -9.198  3.500   16.571  0.36 38.46 ? 1347 LEU A CD2 1 
ATOM   278  N N   . LEU A 1 57  ? -8.592  -0.287  20.662  0.36 37.14 ? 1348 LEU A N   1 
ATOM   279  C CA  . LEU A 1 57  ? -8.460  -0.639  22.102  0.36 35.41 ? 1348 LEU A CA  1 
ATOM   280  C C   . LEU A 1 57  ? -6.981  -0.600  22.505  0.36 34.51 ? 1348 LEU A C   1 
ATOM   281  O O   . LEU A 1 57  ? -6.689  -0.124  23.623  0.36 34.08 ? 1348 LEU A O   1 
ATOM   282  C CB  . LEU A 1 57  ? -9.076  -2.022  22.346  0.36 36.60 ? 1348 LEU A CB  1 
ATOM   283  C CG  . LEU A 1 57  ? -10.569 -2.134  22.042  0.36 36.67 ? 1348 LEU A CG  1 
ATOM   284  C CD1 . LEU A 1 57  ? -11.127 -3.464  22.522  0.36 36.76 ? 1348 LEU A CD1 1 
ATOM   285  C CD2 . LEU A 1 57  ? -11.343 -0.981  22.664  0.36 37.41 ? 1348 LEU A CD2 1 
ATOM   286  N N   . GLU A 1 58  ? -6.093  -1.074  21.623  0.36 32.06 ? 1349 GLU A N   1 
ATOM   287  C CA  . GLU A 1 58  ? -4.621  -1.088  21.837  0.36 31.43 ? 1349 GLU A CA  1 
ATOM   288  C C   . GLU A 1 58  ? -4.073  0.324   21.606  0.36 29.58 ? 1349 GLU A C   1 
ATOM   289  O O   . GLU A 1 58  ? -3.164  0.732   22.358  0.36 30.27 ? 1349 GLU A O   1 
ATOM   290  C CB  . GLU A 1 58  ? -3.938  -2.075  20.891  0.36 32.98 ? 1349 GLU A CB  1 
ATOM   291  C CG  . GLU A 1 58  ? -4.487  -3.488  20.966  0.36 35.27 ? 1349 GLU A CG  1 
ATOM   292  C CD  . GLU A 1 58  ? -4.333  -4.268  19.673  0.36 36.54 ? 1349 GLU A CD  1 
ATOM   293  O OE1 . GLU A 1 58  ? -3.243  -4.187  19.064  0.36 39.82 ? 1349 GLU A OE1 1 
ATOM   294  O OE2 . GLU A 1 58  ? -5.305  -4.940  19.270  0.36 37.01 ? 1349 GLU A OE2 1 
ATOM   295  N N   . TYR A 1 59  ? -4.614  1.039   20.611  1.00 26.32 ? 1350 TYR A N   1 
ATOM   296  C CA  . TYR A 1 59  ? -4.213  2.447   20.315  1.00 25.32 ? 1350 TYR A CA  1 
ATOM   297  C C   . TYR A 1 59  ? -5.440  3.345   20.421  1.00 25.64 ? 1350 TYR A C   1 
ATOM   298  O O   . TYR A 1 59  ? -6.016  3.767   19.431  1.00 22.03 ? 1350 TYR A O   1 
ATOM   299  C CB  . TYR A 1 59  ? -3.537  2.455   18.940  1.00 23.91 ? 1350 TYR A CB  1 
ATOM   300  C CG  . TYR A 1 59  ? -2.310  1.574   18.879  1.00 22.72 ? 1350 TYR A CG  1 
ATOM   301  C CD1 . TYR A 1 59  ? -1.094  1.966   19.398  1.00 23.76 ? 1350 TYR A CD1 1 
ATOM   302  C CD2 . TYR A 1 59  ? -2.377  0.323   18.287  1.00 24.56 ? 1350 TYR A CD2 1 
ATOM   303  C CE1 . TYR A 1 59  ? 0.023   1.131   19.360  1.00 23.79 ? 1350 TYR A CE1 1 
ATOM   304  C CE2 . TYR A 1 59  ? -1.269  -0.516  18.244  1.00 24.94 ? 1350 TYR A CE2 1 
ATOM   305  C CZ  . TYR A 1 59  ? -0.057  -0.117  18.774  1.00 25.55 ? 1350 TYR A CZ  1 
ATOM   306  O OH  . TYR A 1 59  ? 1.061   -0.940  18.698  1.00 26.33 ? 1350 TYR A OH  1 
ATOM   307  N N   . PRO A 1 60  ? -5.932  3.616   21.648  1.00 26.49 ? 1351 PRO A N   1 
ATOM   308  C CA  . PRO A 1 60  ? -7.231  4.268   21.779  1.00 24.63 ? 1351 PRO A CA  1 
ATOM   309  C C   . PRO A 1 60  ? -7.339  5.708   21.236  1.00 23.88 ? 1351 PRO A C   1 
ATOM   310  O O   . PRO A 1 60  ? -8.417  6.139   20.935  1.00 23.71 ? 1351 PRO A O   1 
ATOM   311  C CB  . PRO A 1 60  ? -7.461  4.199   23.313  1.00 27.11 ? 1351 PRO A CB  1 
ATOM   312  C CG  . PRO A 1 60  ? -6.120  4.075   23.913  1.00 29.73 ? 1351 PRO A CG  1 
ATOM   313  C CD  . PRO A 1 60  ? -5.326  3.223   22.930  1.00 29.21 ? 1351 PRO A CD  1 
ATOM   314  N N   . ASP A 1 61  ? -6.225  6.383   21.025  1.00 23.56 ? 1352 ASP A N   1 
ATOM   315  C CA  . ASP A 1 61  ? -6.243  7.761   20.469  1.00 22.68 ? 1352 ASP A CA  1 
ATOM   316  C C   . ASP A 1 61  ? -6.038  7.753   18.939  1.00 20.31 ? 1352 ASP A C   1 
ATOM   317  O O   . ASP A 1 61  ? -5.963  8.838   18.313  1.00 19.24 ? 1352 ASP A O   1 
ATOM   318  C CB  . ASP A 1 61  ? -5.126  8.581   21.095  1.00 24.89 ? 1352 ASP A CB  1 
ATOM   319  C CG  . ASP A 1 61  ? -3.761  8.048   20.762  1.00 24.25 ? 1352 ASP A CG  1 
ATOM   320  O OD1 . ASP A 1 61  ? -3.661  6.815   20.481  1.00 28.35 ? 1352 ASP A OD1 1 
ATOM   321  O OD2 . ASP A 1 61  ? -2.816  8.824   20.819  1.00 32.55 ? 1352 ASP A OD2 1 
ATOM   322  N N   . TYR A 1 62  ? -6.061  6.582   18.303  1.00 20.05 ? 1353 TYR A N   1 
ATOM   323  C CA  . TYR A 1 62  ? -5.652  6.505   16.869  1.00 18.87 ? 1353 TYR A CA  1 
ATOM   324  C C   . TYR A 1 62  ? -6.456  7.438   15.978  1.00 20.12 ? 1353 TYR A C   1 
ATOM   325  O O   . TYR A 1 62  ? -5.889  8.159   15.157  1.00 18.36 ? 1353 TYR A O   1 
ATOM   326  C CB  . TYR A 1 62  ? -5.678  5.046   16.415  1.00 18.83 ? 1353 TYR A CB  1 
ATOM   327  C CG  . TYR A 1 62  ? -5.040  4.841   15.058  1.00 18.64 ? 1353 TYR A CG  1 
ATOM   328  C CD1 . TYR A 1 62  ? -3.679  4.916   14.945  1.00 17.51 ? 1353 TYR A CD1 1 
ATOM   329  C CD2 . TYR A 1 62  ? -5.794  4.643   13.911  1.00 17.88 ? 1353 TYR A CD2 1 
ATOM   330  C CE1 . TYR A 1 62  ? -3.053  4.705   13.732  1.00 16.82 ? 1353 TYR A CE1 1 
ATOM   331  C CE2 . TYR A 1 62  ? -5.169  4.391   12.675  1.00 18.64 ? 1353 TYR A CE2 1 
ATOM   332  C CZ  . TYR A 1 62  ? -3.796  4.533   12.587  1.00 18.23 ? 1353 TYR A CZ  1 
ATOM   333  O OH  . TYR A 1 62  ? -3.154  4.368   11.390  1.00 17.74 ? 1353 TYR A OH  1 
ATOM   334  N N   . ARG A 1 63  ? -7.784  7.433   16.123  0.36 20.50 ? 1354 ARG A N   1 
ATOM   335  C CA  . ARG A 1 63  ? -8.700  8.207   15.242  0.36 21.83 ? 1354 ARG A CA  1 
ATOM   336  C C   . ARG A 1 63  ? -8.680  9.704   15.598  0.36 21.54 ? 1354 ARG A C   1 
ATOM   337  O O   . ARG A 1 63  ? -9.203  10.489  14.792  0.36 23.47 ? 1354 ARG A O   1 
ATOM   338  C CB  . ARG A 1 63  ? -10.124 7.645   15.287  0.36 23.28 ? 1354 ARG A CB  1 
ATOM   339  C CG  . ARG A 1 63  ? -10.305 6.327   14.545  0.36 24.91 ? 1354 ARG A CG  1 
ATOM   340  C CD  . ARG A 1 63  ? -9.932  6.370   13.073  0.36 26.15 ? 1354 ARG A CD  1 
ATOM   341  N NE  . ARG A 1 63  ? -10.640 7.431   12.371  0.36 28.56 ? 1354 ARG A NE  1 
ATOM   342  C CZ  . ARG A 1 63  ? -11.833 7.312   11.786  0.36 29.16 ? 1354 ARG A CZ  1 
ATOM   343  N NH1 . ARG A 1 63  ? -12.482 6.158   11.779  0.36 29.89 ? 1354 ARG A NH1 1 
ATOM   344  N NH2 . ARG A 1 63  ? -12.370 8.361   11.192  0.36 30.79 ? 1354 ARG A NH2 1 
ATOM   345  N N   . ASP A 1 64  ? -8.069  10.100  16.722  0.36 21.87 ? 1355 ASP A N   1 
ATOM   346  C CA  . ASP A 1 64  ? -7.821  11.531  17.055  0.36 22.54 ? 1355 ASP A CA  1 
ATOM   347  C C   . ASP A 1 64  ? -6.715  12.090  16.150  0.36 22.44 ? 1355 ASP A C   1 
ATOM   348  O O   . ASP A 1 64  ? -6.670  13.322  15.946  0.36 25.65 ? 1355 ASP A O   1 
ATOM   349  C CB  . ASP A 1 64  ? -7.375  11.707  18.505  0.36 23.34 ? 1355 ASP A CB  1 
ATOM   350  C CG  . ASP A 1 64  ? -8.368  11.217  19.541  0.36 24.99 ? 1355 ASP A CG  1 
ATOM   351  O OD1 . ASP A 1 64  ? -9.568  11.093  19.210  0.36 27.97 ? 1355 ASP A OD1 1 
ATOM   352  O OD2 . ASP A 1 64  ? -7.928  10.976  20.675  0.36 27.16 ? 1355 ASP A OD2 1 
ATOM   353  N N   . ILE A 1 65  ? -5.829  11.213  15.674  0.36 21.07 ? 1356 ILE A N   1 
ATOM   354  C CA  . ILE A 1 65  ? -4.631  11.570  14.861  0.36 20.22 ? 1356 ILE A CA  1 
ATOM   355  C C   . ILE A 1 65  ? -4.899  11.250  13.386  0.36 19.44 ? 1356 ILE A C   1 
ATOM   356  O O   . ILE A 1 65  ? -4.548  12.084  12.530  0.36 20.45 ? 1356 ILE A O   1 
ATOM   357  C CB  . ILE A 1 65  ? -3.393  10.824  15.387  0.36 20.34 ? 1356 ILE A CB  1 
ATOM   358  C CG1 . ILE A 1 65  ? -3.244  10.925  16.911  0.36 20.45 ? 1356 ILE A CG1 1 
ATOM   359  C CG2 . ILE A 1 65  ? -2.142  11.290  14.663  0.36 20.37 ? 1356 ILE A CG2 1 
ATOM   360  C CD1 . ILE A 1 65  ? -3.089  12.333  17.435  0.36 21.00 ? 1356 ILE A CD1 1 
ATOM   361  N N   . ILE A 1 66  ? -5.502  10.092  13.101  1.00 18.48 ? 1357 ILE A N   1 
ATOM   362  C CA  . ILE A 1 66  ? -5.608  9.544   11.727  1.00 18.55 ? 1357 ILE A CA  1 
ATOM   363  C C   . ILE A 1 66  ? -7.058  9.632   11.275  1.00 17.95 ? 1357 ILE A C   1 
ATOM   364  O O   . ILE A 1 66  ? -7.901  8.950   11.857  1.00 21.50 ? 1357 ILE A O   1 
ATOM   365  C CB  . ILE A 1 66  ? -5.085  8.095   11.738  1.00 17.57 ? 1357 ILE A CB  1 
ATOM   366  C CG1 . ILE A 1 66  ? -3.624  8.049   12.197  1.00 19.23 ? 1357 ILE A CG1 1 
ATOM   367  C CG2 . ILE A 1 66  ? -5.293  7.455   10.389  1.00 18.66 ? 1357 ILE A CG2 1 
ATOM   368  C CD1 . ILE A 1 66  ? -2.699  8.869   11.372  1.00 19.86 ? 1357 ILE A CD1 1 
ATOM   369  N N   . ASP A 1 67  ? -7.273  10.383  10.208  1.00 22.03 ? 1358 ASP A N   1 
ATOM   370  C CA  . ASP A 1 67  ? -8.628  10.570  9.638   1.00 24.53 ? 1358 ASP A CA  1 
ATOM   371  C C   . ASP A 1 67  ? -9.052  9.382   8.786   1.00 22.73 ? 1358 ASP A C   1 
ATOM   372  O O   . ASP A 1 67  ? -10.246 9.068   8.720   1.00 23.80 ? 1358 ASP A O   1 
ATOM   373  C CB  . ASP A 1 67  ? -8.661  11.778  8.713   1.00 29.05 ? 1358 ASP A CB  1 
ATOM   374  C CG  . ASP A 1 67  ? -8.545  13.104  9.423   1.00 38.93 ? 1358 ASP A CG  1 
ATOM   375  O OD1 . ASP A 1 67  ? -8.877  13.146  10.615  1.00 43.02 ? 1358 ASP A OD1 1 
ATOM   376  O OD2 . ASP A 1 67  ? -8.072  14.061  8.783   1.00 47.28 ? 1358 ASP A OD2 1 
ATOM   377  N N   . THR A 1 68  ? -8.119  8.762   8.035   1.00 21.02 ? 1359 THR A N   1 
ATOM   378  C CA  . THR A 1 68  ? -8.504  7.693   7.090   1.00 21.27 ? 1359 THR A CA  1 
ATOM   379  C C   . THR A 1 68  ? -7.608  6.480   7.314   1.00 20.09 ? 1359 THR A C   1 
ATOM   380  O O   . THR A 1 68  ? -6.521  6.388   6.706   1.00 19.89 ? 1359 THR A O   1 
ATOM   381  C CB  . THR A 1 68  ? -8.416  8.101   5.620   1.00 22.94 ? 1359 THR A CB  1 
ATOM   382  O OG1 . THR A 1 68  ? -9.160  9.314   5.487   1.00 26.44 ? 1359 THR A OG1 1 
ATOM   383  C CG2 . THR A 1 68  ? -8.989  7.015   4.730   1.00 24.90 ? 1359 THR A CG2 1 
ATOM   384  N N   . PRO A 1 69  ? -8.024  5.533   8.152   1.00 18.17 ? 1360 PRO A N   1 
ATOM   385  C CA  . PRO A 1 69  ? -7.285  4.292   8.341   1.00 18.84 ? 1360 PRO A CA  1 
ATOM   386  C C   . PRO A 1 69  ? -7.152  3.549   7.018   1.00 16.87 ? 1360 PRO A C   1 
ATOM   387  O O   . PRO A 1 69  ? -7.999  3.582   6.177   1.00 18.74 ? 1360 PRO A O   1 
ATOM   388  C CB  . PRO A 1 69  ? -8.096  3.488   9.357   1.00 20.48 ? 1360 PRO A CB  1 
ATOM   389  C CG  . PRO A 1 69  ? -8.913  4.550   10.074  1.00 24.35 ? 1360 PRO A CG  1 
ATOM   390  C CD  . PRO A 1 69  ? -9.256  5.561   8.996   1.00 20.76 ? 1360 PRO A CD  1 
ATOM   391  N N   . MET A 1 70  ? -6.040  2.834   6.892   1.00 16.87 ? 1361 MET A N   1 
ATOM   392  C CA  . MET A 1 70  ? -5.821  1.965   5.730   1.00 15.10 ? 1361 MET A CA  1 
ATOM   393  C C   . MET A 1 70  ? -4.862  0.851   6.144   1.00 14.49 ? 1361 MET A C   1 
ATOM   394  O O   . MET A 1 70  ? -4.022  1.045   6.974   1.00 14.85 ? 1361 MET A O   1 
ATOM   395  C CB  . MET A 1 70  ? -5.263  2.758   4.541   1.00 14.47 ? 1361 MET A CB  1 
ATOM   396  C CG  . MET A 1 70  ? -5.216  1.999   3.228   1.00 14.90 ? 1361 MET A CG  1 
ATOM   397  S SD  . MET A 1 70  ? -6.734  1.207   2.715   1.00 15.88 ? 1361 MET A SD  1 
ATOM   398  C CE  . MET A 1 70  ? -7.905  2.558   2.638   1.00 17.84 ? 1361 MET A CE  1 
ATOM   399  N N   . ASP A 1 71  ? -5.008  -0.293  5.522   1.00 14.18 ? 1362 ASP A N   1 
ATOM   400  C CA  . ASP A 1 71  ? -4.185  -1.477  5.810   1.00 13.43 ? 1362 ASP A CA  1 
ATOM   401  C C   . ASP A 1 71  ? -4.149  -2.346  4.564   1.00 13.69 ? 1362 ASP A C   1 
ATOM   402  O O   . ASP A 1 71  ? -4.958  -2.166  3.658   1.00 14.72 ? 1362 ASP A O   1 
ATOM   403  C CB  . ASP A 1 71  ? -4.781  -2.211  7.002   1.00 16.30 ? 1362 ASP A CB  1 
ATOM   404  C CG  . ASP A 1 71  ? -6.117  -2.792  6.645   1.00 17.87 ? 1362 ASP A CG  1 
ATOM   405  O OD1 . ASP A 1 71  ? -7.105  -2.041  6.705   1.00 19.38 ? 1362 ASP A OD1 1 
ATOM   406  O OD2 . ASP A 1 71  ? -6.123  -3.935  6.178   1.00 17.45 ? 1362 ASP A OD2 1 
ATOM   407  N N   . PHE A 1 72  ? -3.243  -3.319  4.556   1.00 12.69 ? 1363 PHE A N   1 
ATOM   408  C CA  . PHE A 1 72  ? -3.040  -4.094  3.338   1.00 13.66 ? 1363 PHE A CA  1 
ATOM   409  C C   . PHE A 1 72  ? -4.160  -5.074  3.057   1.00 14.80 ? 1363 PHE A C   1 
ATOM   410  O O   . PHE A 1 72  ? -4.385  -5.397  1.909   1.00 13.84 ? 1363 PHE A O   1 
ATOM   411  C CB  . PHE A 1 72  ? -1.712  -4.834  3.358   1.00 14.01 ? 1363 PHE A CB  1 
ATOM   412  C CG  . PHE A 1 72  ? -0.548  -3.919  3.103   1.00 13.06 ? 1363 PHE A CG  1 
ATOM   413  C CD1 . PHE A 1 72  ? -0.287  -3.471  1.827   1.00 13.24 ? 1363 PHE A CD1 1 
ATOM   414  C CD2 . PHE A 1 72  ? 0.293   -3.517  4.121   1.00 14.55 ? 1363 PHE A CD2 1 
ATOM   415  C CE1 . PHE A 1 72  ? 0.743   -2.602  1.591   1.00 14.79 ? 1363 PHE A CE1 1 
ATOM   416  C CE2 . PHE A 1 72  ? 1.376   -2.713  3.858   1.00 14.46 ? 1363 PHE A CE2 1 
ATOM   417  C CZ  . PHE A 1 72  ? 1.553   -2.200  2.602   1.00 14.31 ? 1363 PHE A CZ  1 
ATOM   418  N N   . ALA A 1 73  ? -4.840  -5.580  4.082   1.00 14.16 ? 1364 ALA A N   1 
ATOM   419  C CA  . ALA A 1 73  ? -6.027  -6.419  3.818   1.00 15.17 ? 1364 ALA A CA  1 
ATOM   420  C C   . ALA A 1 73  ? -7.129  -5.605  3.136   1.00 14.70 ? 1364 ALA A C   1 
ATOM   421  O O   . ALA A 1 73  ? -7.759  -6.103  2.183   1.00 15.56 ? 1364 ALA A O   1 
ATOM   422  C CB  . ALA A 1 73  ? -6.531  -7.077  5.090   1.00 16.51 ? 1364 ALA A CB  1 
ATOM   423  N N   . THR A 1 74  ? -7.339  -4.385  3.556   1.00 14.78 ? 1365 THR A N   1 
ATOM   424  C CA  . THR A 1 74  ? -8.343  -3.528  2.897   1.00 14.70 ? 1365 THR A CA  1 
ATOM   425  C C   . THR A 1 74  ? -7.908  -3.248  1.449   1.00 13.32 ? 1365 THR A C   1 
ATOM   426  O O   . THR A 1 74  ? -8.742  -3.343  0.535   1.00 14.78 ? 1365 THR A O   1 
ATOM   427  C CB  . THR A 1 74  ? -8.538  -2.232  3.635   1.00 15.98 ? 1365 THR A CB  1 
ATOM   428  O OG1 . THR A 1 74  ? -8.998  -2.564  4.960   1.00 18.52 ? 1365 THR A OG1 1 
ATOM   429  C CG2 . THR A 1 74  ? -9.478  -1.289  2.925   1.00 16.12 ? 1365 THR A CG2 1 
ATOM   430  N N   . VAL A 1 75  ? -6.623  -2.994  1.219   1.00 13.23 ? 1366 VAL A N   1 
ATOM   431  C CA  . VAL A 1 75  ? -6.170  -2.799  -0.181  1.00 13.16 ? 1366 VAL A CA  1 
ATOM   432  C C   . VAL A 1 75  ? -6.417  -4.046  -1.021  1.00 13.17 ? 1366 VAL A C   1 
ATOM   433  O O   . VAL A 1 75  ? -6.936  -3.956  -2.137  1.00 13.48 ? 1366 VAL A O   1 
ATOM   434  C CB  . VAL A 1 75  ? -4.702  -2.363  -0.210  1.00 13.48 ? 1366 VAL A CB  1 
ATOM   435  C CG1 . VAL A 1 75  ? -4.178  -2.335  -1.616  1.00 13.42 ? 1366 VAL A CG1 1 
ATOM   436  C CG2 . VAL A 1 75  ? -4.499  -1.049  0.501   1.00 13.99 ? 1366 VAL A CG2 1 
ATOM   437  N N   . ARG A 1 76  ? -6.023  -5.219  -0.526  1.00 13.08 ? 1367 ARG A N   1 
ATOM   438  C CA  . ARG A 1 76  ? -6.230  -6.473  -1.270  1.00 15.62 ? 1367 ARG A CA  1 
ATOM   439  C C   . ARG A 1 76  ? -7.712  -6.706  -1.532  1.00 14.55 ? 1367 ARG A C   1 
ATOM   440  O O   . ARG A 1 76  ? -8.037  -7.126  -2.652  1.00 15.18 ? 1367 ARG A O   1 
ATOM   441  C CB  . ARG A 1 76  ? -5.645  -7.621  -0.453  1.00 16.93 ? 1367 ARG A CB  1 
ATOM   442  C CG  . ARG A 1 76  ? -5.742  -8.947  -1.188  1.00 20.17 ? 1367 ARG A CG  1 
ATOM   443  C CD  . ARG A 1 76  ? -5.247  -10.007 -0.215  1.00 25.02 ? 1367 ARG A CD  1 
ATOM   444  N NE  . ARG A 1 76  ? -3.917  -10.358 -0.582  1.00 27.41 ? 1367 ARG A NE  1 
ATOM   445  C CZ  . ARG A 1 76  ? -3.084  -11.079 0.177   1.00 27.09 ? 1367 ARG A CZ  1 
ATOM   446  N NH1 . ARG A 1 76  ? -3.395  -11.352 1.430   1.00 25.48 ? 1367 ARG A NH1 1 
ATOM   447  N NH2 . ARG A 1 76  ? -1.928  -11.448 -0.326  1.00 29.37 ? 1367 ARG A NH2 1 
ATOM   448  N N   . GLU A 1 77  ? -8.559  -6.523  -0.531  1.00 14.74 ? 1368 GLU A N   1 
ATOM   449  C CA  . GLU A 1 77  ? -9.997  -6.743  -0.719  1.00 15.61 ? 1368 GLU A CA  1 
ATOM   450  C C   . GLU A 1 77  ? -10.553 -5.762  -1.730  1.00 16.04 ? 1368 GLU A C   1 
ATOM   451  O O   . GLU A 1 77  ? -11.416 -6.158  -2.519  1.00 15.90 ? 1368 GLU A O   1 
ATOM   452  C CB  . GLU A 1 77  ? -10.629 -6.538  0.642   1.00 18.53 ? 1368 GLU A CB  1 
ATOM   453  C CG  . GLU A 1 77  ? -10.470 -7.740  1.548   1.00 22.82 ? 1368 GLU A CG  1 
ATOM   454  C CD  . GLU A 1 77  ? -10.487 -7.461  3.041   1.00 29.95 ? 1368 GLU A CD  1 
ATOM   455  O OE1 . GLU A 1 77  ? -10.886 -6.331  3.434   1.00 31.49 ? 1368 GLU A OE1 1 
ATOM   456  O OE2 . GLU A 1 77  ? -10.063 -8.377  3.813   1.00 41.01 ? 1368 GLU A OE2 1 
ATOM   457  N N   . THR A 1 78  ? -10.116 -4.504  -1.720  1.00 14.60 ? 1369 THR A N   1 
ATOM   458  C CA  . THR A 1 78  ? -10.618 -3.514  -2.714  1.00 13.50 ? 1369 THR A CA  1 
ATOM   459  C C   . THR A 1 78  ? -10.215 -3.970  -4.123  1.00 15.35 ? 1369 THR A C   1 
ATOM   460  O O   . THR A 1 78  ? -11.027 -3.904  -5.086  1.00 15.54 ? 1369 THR A O   1 
ATOM   461  C CB  . THR A 1 78  ? -10.041 -2.138  -2.368  1.00 14.47 ? 1369 THR A CB  1 
ATOM   462  O OG1 . THR A 1 78  ? -10.409 -1.792  -1.027  1.00 15.40 ? 1369 THR A OG1 1 
ATOM   463  C CG2 . THR A 1 78  ? -10.501 -1.068  -3.316  1.00 14.93 ? 1369 THR A CG2 1 
ATOM   464  N N   . LEU A 1 79  ? -8.952  -4.393  -4.265  1.00 14.01 ? 1370 LEU A N   1 
ATOM   465  C CA  . LEU A 1 79  ? -8.475  -4.910  -5.566  1.00 14.24 ? 1370 LEU A CA  1 
ATOM   466  C C   . LEU A 1 79  ? -9.305  -6.104  -6.003  1.00 14.54 ? 1370 LEU A C   1 
ATOM   467  O O   . LEU A 1 79  ? -9.787  -6.172  -7.175  1.00 15.46 ? 1370 LEU A O   1 
ATOM   468  C CB  . LEU A 1 79  ? -6.993  -5.275  -5.394  1.00 13.53 ? 1370 LEU A CB  1 
ATOM   469  C CG  . LEU A 1 79  ? -6.292  -5.732  -6.679  1.00 14.61 ? 1370 LEU A CG  1 
ATOM   470  C CD1 . LEU A 1 79  ? -6.218  -4.592  -7.665  1.00 15.14 ? 1370 LEU A CD1 1 
ATOM   471  C CD2 . LEU A 1 79  ? -4.903  -6.244  -6.367  1.00 15.64 ? 1370 LEU A CD2 1 
ATOM   472  N N   . GLU A 1 80  ? -9.469  -7.072  -5.120  1.00 14.93 ? 1371 GLU A N   1 
ATOM   473  C CA  . GLU A 1 80  ? -10.153 -8.344  -5.476  1.00 17.01 ? 1371 GLU A CA  1 
ATOM   474  C C   . GLU A 1 80  ? -11.641 -8.111  -5.717  1.00 16.92 ? 1371 GLU A C   1 
ATOM   475  O O   . GLU A 1 80  ? -12.212 -8.893  -6.497  1.00 19.15 ? 1371 GLU A O   1 
ATOM   476  C CB  . GLU A 1 80  ? -9.916  -9.389  -4.396  1.00 17.70 ? 1371 GLU A CB  1 
ATOM   477  C CG  . GLU A 1 80  ? -8.444  -9.795  -4.279  1.00 19.92 ? 1371 GLU A CG  1 
ATOM   478  C CD  . GLU A 1 80  ? -7.811  -10.246 -5.592  1.00 28.89 ? 1371 GLU A CD  1 
ATOM   479  O OE1 . GLU A 1 80  ? -7.794  -11.467 -5.789  1.00 39.05 ? 1371 GLU A OE1 1 
ATOM   480  O OE2 . GLU A 1 80  ? -7.404  -9.398  -6.463  1.00 30.80 ? 1371 GLU A OE2 1 
ATOM   481  N N   . ALA A 1 81  ? -12.244 -7.094  -5.158  1.00 15.96 ? 1372 ALA A N   1 
ATOM   482  C CA  . ALA A 1 81  ? -13.661 -6.741  -5.419  1.00 17.09 ? 1372 ALA A CA  1 
ATOM   483  C C   . ALA A 1 81  ? -13.833 -6.107  -6.779  1.00 17.88 ? 1372 ALA A C   1 
ATOM   484  O O   . ALA A 1 81  ? -14.930 -5.823  -7.219  1.00 18.89 ? 1372 ALA A O   1 
ATOM   485  C CB  . ALA A 1 81  ? -14.147 -5.826  -4.351  1.00 18.66 ? 1372 ALA A CB  1 
ATOM   486  N N   . GLY A 1 82  ? -12.735 -5.710  -7.416  1.00 16.41 ? 1373 GLY A N   1 
ATOM   487  C CA  . GLY A 1 82  ? -12.842 -4.965  -8.649  1.00 15.89 ? 1373 GLY A CA  1 
ATOM   488  C C   . GLY A 1 82  ? -13.182 -3.543  -8.375  1.00 14.98 ? 1373 GLY A C   1 
ATOM   489  O O   . GLY A 1 82  ? -13.942 -2.921  -9.124  1.00 15.92 ? 1373 GLY A O   1 
ATOM   490  N N   . ASN A 1 83  ? -12.671 -2.946  -7.290  1.00 14.30 ? 1374 ASN A N   1 
ATOM   491  C CA  . ASN A 1 83  ? -12.997 -1.555  -6.911  1.00 14.40 ? 1374 ASN A CA  1 
ATOM   492  C C   . ASN A 1 83  ? -11.790 -0.596  -7.002  1.00 14.38 ? 1374 ASN A C   1 
ATOM   493  O O   . ASN A 1 83  ? -11.880 0.532   -6.589  1.00 15.17 ? 1374 ASN A O   1 
ATOM   494  C CB  . ASN A 1 83  ? -13.590 -1.516  -5.512  1.00 16.25 ? 1374 ASN A CB  1 
ATOM   495  C CG  . ASN A 1 83  ? -15.011 -2.039  -5.467  1.00 19.00 ? 1374 ASN A CG  1 
ATOM   496  O OD1 . ASN A 1 83  ? -15.674 -2.416  -6.474  1.00 19.58 ? 1374 ASN A OD1 1 
ATOM   497  N ND2 . ASN A 1 83  ? -15.498 -2.075  -4.250  1.00 20.29 ? 1374 ASN A ND2 1 
ATOM   498  N N   . TYR A 1 84  ? -10.727 -1.055  -7.671  1.00 15.07 ? 1375 TYR A N   1 
ATOM   499  C CA  . TYR A 1 84  ? -9.695  -0.144  -8.202  1.00 14.98 ? 1375 TYR A CA  1 
ATOM   500  C C   . TYR A 1 84  ? -9.837  -0.102  -9.722  1.00 14.49 ? 1375 TYR A C   1 
ATOM   501  O O   . TYR A 1 84  ? -9.912  -1.158  -10.328 1.00 16.44 ? 1375 TYR A O   1 
ATOM   502  C CB  . TYR A 1 84  ? -8.277  -0.583  -7.802  1.00 14.42 ? 1375 TYR A CB  1 
ATOM   503  C CG  . TYR A 1 84  ? -7.908  -0.378  -6.354  1.00 12.74 ? 1375 TYR A CG  1 
ATOM   504  C CD1 . TYR A 1 84  ? -8.079  0.828   -5.705  1.00 12.49 ? 1375 TYR A CD1 1 
ATOM   505  C CD2 . TYR A 1 84  ? -7.411  -1.416  -5.616  1.00 12.59 ? 1375 TYR A CD2 1 
ATOM   506  C CE1 . TYR A 1 84  ? -7.744  0.996   -4.377  1.00 12.76 ? 1375 TYR A CE1 1 
ATOM   507  C CE2 . TYR A 1 84  ? -7.072  -1.279  -4.297  1.00 12.83 ? 1375 TYR A CE2 1 
ATOM   508  C CZ  . TYR A 1 84  ? -7.227  -0.058  -3.673  1.00 12.27 ? 1375 TYR A CZ  1 
ATOM   509  O OH  . TYR A 1 84  ? -6.879  0.039   -2.357  1.00 14.41 ? 1375 TYR A OH  1 
ATOM   510  N N   . GLU A 1 85  ? -9.806  1.115   -10.268 1.00 16.90 ? 1376 GLU A N   1 
ATOM   511  C CA  . GLU A 1 85  ? -9.784  1.243   -11.750 1.00 17.56 ? 1376 GLU A CA  1 
ATOM   512  C C   . GLU A 1 85  ? -8.351  1.232   -12.306 1.00 16.93 ? 1376 GLU A C   1 
ATOM   513  O O   . GLU A 1 85  ? -8.121  0.795   -13.471 1.00 20.97 ? 1376 GLU A O   1 
ATOM   514  C CB  . GLU A 1 85  ? -10.450 2.531   -12.169 1.00 19.69 ? 1376 GLU A CB  1 
ATOM   515  C CG  . GLU A 1 85  ? -10.630 2.548   -13.681 1.00 22.73 ? 1376 GLU A CG  1 
ATOM   516  C CD  . GLU A 1 85  ? -11.402 3.758   -14.155 1.00 26.33 ? 1376 GLU A CD  1 
ATOM   517  O OE1 . GLU A 1 85  ? -11.733 4.616   -13.304 1.00 31.77 ? 1376 GLU A OE1 1 
ATOM   518  O OE2 . GLU A 1 85  ? -11.694 3.808   -15.384 1.00 30.79 ? 1376 GLU A OE2 1 
ATOM   519  N N   . SER A 1 86  ? -7.367  1.591   -11.496 1.00 16.41 ? 1377 SER A N   1 
ATOM   520  C CA  . SER A 1 86  ? -5.981  1.792   -11.979 1.00 15.49 ? 1377 SER A CA  1 
ATOM   521  C C   . SER A 1 86  ? -5.043  1.455   -10.852 1.00 15.09 ? 1377 SER A C   1 
ATOM   522  O O   . SER A 1 86  ? -5.385  1.534   -9.669  1.00 14.78 ? 1377 SER A O   1 
ATOM   523  C CB  . SER A 1 86  ? -5.762  3.202   -12.411 1.00 16.03 ? 1377 SER A CB  1 
ATOM   524  O OG  . SER A 1 86  ? -5.731  4.046   -11.281 1.00 16.96 ? 1377 SER A OG  1 
ATOM   525  N N   . PRO A 1 87  ? -3.778  1.208   -11.187 1.00 14.46 ? 1378 PRO A N   1 
ATOM   526  C CA  . PRO A 1 87  ? -2.801  0.964   -10.134 1.00 14.58 ? 1378 PRO A CA  1 
ATOM   527  C C   . PRO A 1 87  ? -2.421  2.246   -9.394  1.00 13.20 ? 1378 PRO A C   1 
ATOM   528  O O   . PRO A 1 87  ? -1.966  2.175   -8.260  1.00 13.51 ? 1378 PRO A O   1 
ATOM   529  C CB  . PRO A 1 87  ? -1.560  0.441   -10.874 1.00 15.19 ? 1378 PRO A CB  1 
ATOM   530  C CG  . PRO A 1 87  ? -1.735  0.990   -12.296 1.00 14.67 ? 1378 PRO A CG  1 
ATOM   531  C CD  . PRO A 1 87  ? -3.229  0.968   -12.543 1.00 15.07 ? 1378 PRO A CD  1 
ATOM   532  N N   . MET A 1 88  ? -2.673  3.419   -9.960  1.00 12.41 ? 1379 MET A N   1 
ATOM   533  C CA  . MET A 1 88  ? -2.469  4.681   -9.246  1.00 13.52 ? 1379 MET A CA  1 
ATOM   534  C C   . MET A 1 88  ? -3.381  4.748   -8.022  1.00 12.57 ? 1379 MET A C   1 
ATOM   535  O O   . MET A 1 88  ? -2.978  5.234   -6.973  1.00 13.08 ? 1379 MET A O   1 
ATOM   536  C CB  . MET A 1 88  ? -2.715  5.905   -10.127 1.00 14.32 ? 1379 MET A CB  1 
ATOM   537  C CG  . MET A 1 88  ? -1.736  6.002   -11.283 1.00 15.49 ? 1379 MET A CG  1 
ATOM   538  S SD  . MET A 1 88  ? -2.126  5.007   -12.757 1.00 17.43 ? 1379 MET A SD  1 
ATOM   539  C CE  . MET A 1 88  ? -3.326  6.093   -13.532 1.00 19.72 ? 1379 MET A CE  1 
ATOM   540  N N   . GLU A 1 89  ? -4.625  4.288   -8.152  1.00 12.86 ? 1380 GLU A N   1 
ATOM   541  C CA  . GLU A 1 89  ? -5.541  4.325   -7.004  1.00 13.54 ? 1380 GLU A CA  1 
ATOM   542  C C   . GLU A 1 89  ? -5.020  3.388   -5.908  1.00 12.90 ? 1380 GLU A C   1 
ATOM   543  O O   . GLU A 1 89  ? -5.075  3.736   -4.715  1.00 13.31 ? 1380 GLU A O   1 
ATOM   544  C CB  . GLU A 1 89  ? -6.940  3.903   -7.432  1.00 14.74 ? 1380 GLU A CB  1 
ATOM   545  C CG  . GLU A 1 89  ? -7.651  4.869   -8.326  1.00 15.42 ? 1380 GLU A CG  1 
ATOM   546  C CD  . GLU A 1 89  ? -9.004  4.339   -8.763  1.00 16.73 ? 1380 GLU A CD  1 
ATOM   547  O OE1 . GLU A 1 89  ? -9.305  3.188   -8.530  1.00 17.19 ? 1380 GLU A OE1 1 
ATOM   548  O OE2 . GLU A 1 89  ? -9.723  5.152   -9.401  1.00 21.61 ? 1380 GLU A OE2 1 
ATOM   549  N N   . LEU A 1 90  ? -4.592  2.173   -6.252  1.00 12.72 ? 1381 LEU A N   1 
ATOM   550  C CA  . LEU A 1 90  ? -4.019  1.235   -5.286  1.00 13.05 ? 1381 LEU A CA  1 
ATOM   551  C C   . LEU A 1 90  ? -2.811  1.847   -4.610  1.00 13.09 ? 1381 LEU A C   1 
ATOM   552  O O   . LEU A 1 90  ? -2.636  1.761   -3.396  1.00 12.34 ? 1381 LEU A O   1 
ATOM   553  C CB  . LEU A 1 90  ? -3.702  -0.093  -5.981  1.00 13.37 ? 1381 LEU A CB  1 
ATOM   554  C CG  . LEU A 1 90  ? -3.025  -1.139  -5.105  1.00 13.30 ? 1381 LEU A CG  1 
ATOM   555  C CD1 . LEU A 1 90  ? -3.501  -2.535  -5.476  1.00 13.17 ? 1381 LEU A CD1 1 
ATOM   556  C CD2 . LEU A 1 90  ? -1.525  -1.014  -5.107  1.00 14.03 ? 1381 LEU A CD2 1 
ATOM   557  N N   . CYS A 1 91  ? -1.957  2.495   -5.405  0.50 13.07 ? 1382 CYS A N   1 
ATOM   558  C CA  . CYS A 1 91  ? -0.711  3.118   -4.915  0.50 13.37 ? 1382 CYS A CA  1 
ATOM   559  C C   . CYS A 1 91  ? -1.065  4.211   -3.885  0.50 13.29 ? 1382 CYS A C   1 
ATOM   560  O O   . CYS A 1 91  ? -0.388  4.303   -2.845  0.50 13.82 ? 1382 CYS A O   1 
ATOM   561  C CB  . CYS A 1 91  ? 0.106   3.622   -6.098  0.50 13.67 ? 1382 CYS A CB  1 
ATOM   562  S SG  . CYS A 1 91  ? 1.753   4.211   -5.634  0.50 15.37 ? 1382 CYS A SG  1 
ATOM   563  N N   . LYS A 1 92  ? -2.111  5.007   -4.137  1.00 13.78 ? 1383 LYS A N   1 
ATOM   564  C CA  . LYS A 1 92  ? -2.510  6.061   -3.222  1.00 14.13 ? 1383 LYS A CA  1 
ATOM   565  C C   . LYS A 1 92  ? -2.882  5.424   -1.873  1.00 13.07 ? 1383 LYS A C   1 
ATOM   566  O O   . LYS A 1 92  ? -2.520  5.943   -0.829  1.00 13.82 ? 1383 LYS A O   1 
ATOM   567  C CB  . LYS A 1 92  ? -3.650  6.835   -3.878  1.00 15.88 ? 1383 LYS A CB  1 
ATOM   568  C CG  . LYS A 1 92  ? -4.176  7.964   -3.022  1.00 18.45 ? 1383 LYS A CG  1 
ATOM   569  C CD  . LYS A 1 92  ? -5.104  8.929   -3.787  1.00 23.48 ? 1383 LYS A CD  1 
ATOM   570  C CE  . LYS A 1 92  ? -5.954  9.725   -2.800  1.00 31.81 ? 1383 LYS A CE  1 
ATOM   571  N NZ  . LYS A 1 92  ? -6.843  10.750  -3.433  1.00 36.33 ? 1383 LYS A NZ  1 
ATOM   572  N N   . ASP A 1 93  ? -3.677  4.372   -1.892  1.00 13.00 ? 1384 ASP A N   1 
ATOM   573  C CA  . ASP A 1 93  ? -4.065  3.723   -0.624  1.00 13.16 ? 1384 ASP A CA  1 
ATOM   574  C C   . ASP A 1 93  ? -2.852  3.103   0.110   1.00 11.73 ? 1384 ASP A C   1 
ATOM   575  O O   . ASP A 1 93  ? -2.742  3.209   1.310   1.00 12.20 ? 1384 ASP A O   1 
ATOM   576  C CB  . ASP A 1 93  ? -5.131  2.664   -0.824  1.00 13.59 ? 1384 ASP A CB  1 
ATOM   577  C CG  . ASP A 1 93  ? -6.536  3.180   -1.020  1.00 15.59 ? 1384 ASP A CG  1 
ATOM   578  O OD1 . ASP A 1 93  ? -6.731  4.431   -0.830  1.00 19.06 ? 1384 ASP A OD1 1 
ATOM   579  O OD2 . ASP A 1 93  ? -7.416  2.391   -1.418  1.00 16.32 ? 1384 ASP A OD2 1 
ATOM   580  N N   . VAL A 1 94  ? -1.935  2.468   -0.630  1.00 11.67 ? 1385 VAL A N   1 
ATOM   581  C CA  . VAL A 1 94  ? -0.748  1.903   0.053   1.00 12.01 ? 1385 VAL A CA  1 
ATOM   582  C C   . VAL A 1 94  ? 0.072   3.038   0.654   1.00 11.43 ? 1385 VAL A C   1 
ATOM   583  O O   . VAL A 1 94  ? 0.537   2.936   1.782   1.00 12.18 ? 1385 VAL A O   1 
ATOM   584  C CB  . VAL A 1 94  ? 0.071   1.071   -0.927  1.00 12.44 ? 1385 VAL A CB  1 
ATOM   585  C CG1 . VAL A 1 94  ? 1.405   0.694   -0.325  1.00 12.27 ? 1385 VAL A CG1 1 
ATOM   586  C CG2 . VAL A 1 94  ? -0.677  -0.183  -1.338  1.00 12.56 ? 1385 VAL A CG2 1 
ATOM   587  N N   . ARG A 1 95  ? 0.221   4.155   -0.068  1.00 12.11 ? 1386 ARG A N   1 
ATOM   588  C CA  . ARG A 1 95  ? 0.993   5.279   0.456   1.00 12.45 ? 1386 ARG A CA  1 
ATOM   589  C C   . ARG A 1 95  ? 0.313   5.844   1.703   1.00 12.45 ? 1386 ARG A C   1 
ATOM   590  O O   . ARG A 1 95  ? 1.014   6.324   2.600   1.00 13.98 ? 1386 ARG A O   1 
ATOM   591  C CB  . ARG A 1 95  ? 1.220   6.328   -0.627  1.00 12.51 ? 1386 ARG A CB  1 
ATOM   592  C CG  . ARG A 1 95  ? 2.255   5.848   -1.631  1.00 14.59 ? 1386 ARG A CG  1 
ATOM   593  C CD  . ARG A 1 95  ? 2.314   6.759   -2.823  1.00 16.02 ? 1386 ARG A CD  1 
ATOM   594  N NE  . ARG A 1 95  ? 3.375   6.382   -3.707  1.00 17.57 ? 1386 ARG A NE  1 
ATOM   595  C CZ  . ARG A 1 95  ? 3.602   6.958   -4.889  1.00 20.16 ? 1386 ARG A CZ  1 
ATOM   596  N NH1 . ARG A 1 95  ? 2.749   7.841   -5.389  1.00 20.68 ? 1386 ARG A NH1 1 
ATOM   597  N NH2 . ARG A 1 95  ? 4.618   6.565   -5.620  1.00 21.04 ? 1386 ARG A NH2 1 
ATOM   598  N N   . LEU A 1 96  ? -1.001  5.776   1.791   1.00 12.50 ? 1387 LEU A N   1 
ATOM   599  C CA  . LEU A 1 96  ? -1.752  6.196   2.987   1.00 13.69 ? 1387 LEU A CA  1 
ATOM   600  C C   . LEU A 1 96  ? -1.397  5.326   4.191   1.00 13.02 ? 1387 LEU A C   1 
ATOM   601  O O   . LEU A 1 96  ? -1.282  5.826   5.311   1.00 13.59 ? 1387 LEU A O   1 
ATOM   602  C CB  . LEU A 1 96  ? -3.247  6.105   2.699   1.00 14.25 ? 1387 LEU A CB  1 
ATOM   603  C CG  . LEU A 1 96  ? -4.179  6.564   3.795   1.00 15.44 ? 1387 LEU A CG  1 
ATOM   604  C CD1 . LEU A 1 96  ? -3.953  7.983   4.216   1.00 16.33 ? 1387 LEU A CD1 1 
ATOM   605  C CD2 . LEU A 1 96  ? -5.619  6.388   3.353   1.00 16.06 ? 1387 LEU A CD2 1 
ATOM   606  N N   . ILE A 1 97  ? -1.187  4.024   3.982   1.00 13.84 ? 1388 ILE A N   1 
ATOM   607  C CA  . ILE A 1 97  ? -0.729  3.156   5.107   1.00 12.47 ? 1388 ILE A CA  1 
ATOM   608  C C   . ILE A 1 97  ? 0.530   3.782   5.676   1.00 12.25 ? 1388 ILE A C   1 
ATOM   609  O O   . ILE A 1 97  ? 0.702   3.892   6.896   1.00 13.14 ? 1388 ILE A O   1 
ATOM   610  C CB  . ILE A 1 97  ? -0.489  1.726   4.613   1.00 13.22 ? 1388 ILE A CB  1 
ATOM   611  C CG1 . ILE A 1 97  ? -1.773  1.108   4.069   1.00 12.29 ? 1388 ILE A CG1 1 
ATOM   612  C CG2 . ILE A 1 97  ? 0.100   0.894   5.725   1.00 13.45 ? 1388 ILE A CG2 1 
ATOM   613  C CD1 . ILE A 1 97  ? -1.577  -0.253  3.384   1.00 12.69 ? 1388 ILE A CD1 1 
ATOM   614  N N   . PHE A 1 98  ? 1.444   4.149   4.807   1.00 11.85 ? 1389 PHE A N   1 
ATOM   615  C CA  . PHE A 1 98  ? 2.761   4.621   5.275   1.00 13.14 ? 1389 PHE A CA  1 
ATOM   616  C C   . PHE A 1 98  ? 2.635   6.026   5.857   1.00 13.13 ? 1389 PHE A C   1 
ATOM   617  O O   . PHE A 1 98  ? 3.276   6.304   6.882   1.00 13.66 ? 1389 PHE A O   1 
ATOM   618  C CB  . PHE A 1 98  ? 3.804   4.534   4.165   1.00 13.72 ? 1389 PHE A CB  1 
ATOM   619  C CG  . PHE A 1 98  ? 3.994   3.142   3.616   1.00 13.21 ? 1389 PHE A CG  1 
ATOM   620  C CD1 . PHE A 1 98  ? 4.129   2.058   4.458   1.00 15.33 ? 1389 PHE A CD1 1 
ATOM   621  C CD2 . PHE A 1 98  ? 3.987   2.912   2.265   1.00 14.11 ? 1389 PHE A CD2 1 
ATOM   622  C CE1 . PHE A 1 98  ? 4.322   0.765   3.977   1.00 16.60 ? 1389 PHE A CE1 1 
ATOM   623  C CE2 . PHE A 1 98  ? 4.173   1.605   1.807   1.00 14.15 ? 1389 PHE A CE2 1 
ATOM   624  C CZ  . PHE A 1 98  ? 4.323   0.567   2.654   1.00 15.73 ? 1389 PHE A CZ  1 
ATOM   625  N N   . SER A 1 99  ? 1.830   6.901   5.249   1.00 13.69 ? 1390 SER A N   1 
ATOM   626  C CA  . SER A 1 99  ? 1.727   8.255   5.837   1.00 13.97 ? 1390 SER A CA  1 
ATOM   627  C C   . SER A 1 99  ? 1.010   8.177   7.173   1.00 13.33 ? 1390 SER A C   1 
ATOM   628  O O   . SER A 1 99  ? 1.336   8.953   8.114   1.00 13.92 ? 1390 SER A O   1 
ATOM   629  C CB  . SER A 1 99  ? 1.082   9.197   4.888   1.00 14.90 ? 1390 SER A CB  1 
ATOM   630  O OG  . SER A 1 99  ? -0.216  8.848   4.536   1.00 17.21 ? 1390 SER A OG  1 
ATOM   631  N N   . ASN A 1 100 ? 0.059   7.282   7.343   1.00 13.24 ? 1391 ASN A N   1 
ATOM   632  C CA  . ASN A 1 100 ? -0.593  7.107   8.649   1.00 14.48 ? 1391 ASN A CA  1 
ATOM   633  C C   . ASN A 1 100 ? 0.434   6.696   9.679   1.00 14.92 ? 1391 ASN A C   1 
ATOM   634  O O   . ASN A 1 100 ? 0.414   7.206   10.813  1.00 15.57 ? 1391 ASN A O   1 
ATOM   635  C CB  . ASN A 1 100 ? -1.721  6.102   8.577   1.00 14.71 ? 1391 ASN A CB  1 
ATOM   636  C CG  . ASN A 1 100 ? -2.950  6.620   7.881   1.00 15.50 ? 1391 ASN A CG  1 
ATOM   637  O OD1 . ASN A 1 100 ? -3.083  7.823   7.626   1.00 15.66 ? 1391 ASN A OD1 1 
ATOM   638  N ND2 . ASN A 1 100 ? -3.868  5.725   7.596   1.00 15.72 ? 1391 ASN A ND2 1 
ATOM   639  N N   . SER A 1 101 ? 1.303   5.756   9.337   1.00 14.17 ? 1392 SER A N   1 
ATOM   640  C CA  . SER A 1 101 ? 2.326   5.327   10.316  1.00 13.67 ? 1392 SER A CA  1 
ATOM   641  C C   . SER A 1 101 ? 3.245   6.501   10.682  1.00 14.38 ? 1392 SER A C   1 
ATOM   642  O O   . SER A 1 101 ? 3.576   6.675   11.865  1.00 15.18 ? 1392 SER A O   1 
ATOM   643  C CB  . SER A 1 101 ? 3.090   4.124   9.753   1.00 14.04 ? 1392 SER A CB  1 
ATOM   644  O OG  . SER A 1 101 ? 4.054   3.673   10.693  1.00 15.73 ? 1392 SER A OG  1 
ATOM   645  N N   . LYS A 1 102 ? 3.663   7.279   9.712   1.00 14.24 ? 1393 LYS A N   1 
ATOM   646  C CA  . LYS A 1 102 ? 4.522   8.448   9.998   1.00 15.63 ? 1393 LYS A CA  1 
ATOM   647  C C   . LYS A 1 102 ? 3.777   9.470   10.858  1.00 17.30 ? 1393 LYS A C   1 
ATOM   648  O O   . LYS A 1 102 ? 4.437   10.078  11.761  1.00 18.47 ? 1393 LYS A O   1 
ATOM   649  C CB  . LYS A 1 102 ? 4.958   9.043   8.686   1.00 16.44 ? 1393 LYS A CB  1 
ATOM   650  C CG  . LYS A 1 102 ? 5.982   10.160  8.824   1.00 17.49 ? 1393 LYS A CG  1 
ATOM   651  C CD  . LYS A 1 102 ? 6.518   10.558  7.516   1.00 19.32 ? 1393 LYS A CD  1 
ATOM   652  C CE  . LYS A 1 102 ? 7.686   11.524  7.626   1.00 20.62 ? 1393 LYS A CE  1 
ATOM   653  N NZ  . LYS A 1 102 ? 8.261   11.783  6.290   1.00 25.39 ? 1393 LYS A NZ  1 
ATOM   654  N N   . ALA A 1 103 ? 2.496   9.658   10.649  1.00 16.62 ? 1394 ALA A N   1 
ATOM   655  C CA  . ALA A 1 103 ? 1.733   10.652  11.430  1.00 16.95 ? 1394 ALA A CA  1 
ATOM   656  C C   . ALA A 1 103 ? 1.525   10.121  12.843  1.00 16.91 ? 1394 ALA A C   1 
ATOM   657  O O   . ALA A 1 103 ? 1.517   10.919  13.812  1.00 18.58 ? 1394 ALA A O   1 
ATOM   658  C CB  . ALA A 1 103 ? 0.438   10.931  10.722  1.00 17.28 ? 1394 ALA A CB  1 
ATOM   659  N N   . TYR A 1 104 ? 1.302   8.832   13.042  1.00 15.64 ? 1395 TYR A N   1 
ATOM   660  C CA  . TYR A 1 104 ? 0.955   8.282   14.357  1.00 16.46 ? 1395 TYR A CA  1 
ATOM   661  C C   . TYR A 1 104 ? 2.202   8.042   15.194  1.00 16.99 ? 1395 TYR A C   1 
ATOM   662  O O   . TYR A 1 104 ? 2.099   7.947   16.416  1.00 16.69 ? 1395 TYR A O   1 
ATOM   663  C CB  . TYR A 1 104 ? 0.109   7.029   14.236  1.00 18.19 ? 1395 TYR A CB  1 
ATOM   664  C CG  . TYR A 1 104 ? -0.465  6.624   15.561  1.00 18.42 ? 1395 TYR A CG  1 
ATOM   665  C CD1 . TYR A 1 104 ? -1.402  7.391   16.240  1.00 18.95 ? 1395 TYR A CD1 1 
ATOM   666  C CD2 . TYR A 1 104 ? 0.003   5.471   16.168  1.00 20.76 ? 1395 TYR A CD2 1 
ATOM   667  C CE1 . TYR A 1 104 ? -1.837  7.043   17.512  1.00 20.03 ? 1395 TYR A CE1 1 
ATOM   668  C CE2 . TYR A 1 104 ? -0.418  5.102   17.430  1.00 21.05 ? 1395 TYR A CE2 1 
ATOM   669  C CZ  . TYR A 1 104 ? -1.371  5.865   18.082  1.00 20.26 ? 1395 TYR A CZ  1 
ATOM   670  O OH  . TYR A 1 104 ? -1.780  5.481   19.328  1.00 24.02 ? 1395 TYR A OH  1 
ATOM   671  N N   . THR A 1 105 ? 3.362   7.919   14.588  1.00 16.72 ? 1396 THR A N   1 
ATOM   672  C CA  . THR A 1 105 ? 4.538   7.502   15.359  1.00 16.16 ? 1396 THR A CA  1 
ATOM   673  C C   . THR A 1 105 ? 4.893   8.591   16.374  1.00 18.80 ? 1396 THR A C   1 
ATOM   674  O O   . THR A 1 105 ? 4.964   9.780   16.028  1.00 18.72 ? 1396 THR A O   1 
ATOM   675  C CB  . THR A 1 105 ? 5.720   7.117   14.458  1.00 16.21 ? 1396 THR A CB  1 
ATOM   676  O OG1 . THR A 1 105 ? 6.649   6.471   15.320  1.00 17.07 ? 1396 THR A OG1 1 
ATOM   677  C CG2 . THR A 1 105 ? 6.393   8.279   13.774  1.00 16.97 ? 1396 THR A CG2 1 
ATOM   678  N N   . PRO A 1 106 ? 5.291   8.206   17.605  1.00 19.36 ? 1397 PRO A N   1 
ATOM   679  C CA  . PRO A 1 106 ? 5.731   9.204   18.580  1.00 20.12 ? 1397 PRO A CA  1 
ATOM   680  C C   . PRO A 1 106 ? 7.195   9.551   18.348  1.00 20.08 ? 1397 PRO A C   1 
ATOM   681  O O   . PRO A 1 106 ? 7.697   10.531  18.920  1.00 22.32 ? 1397 PRO A O   1 
ATOM   682  C CB  . PRO A 1 106 ? 5.529   8.490   19.924  1.00 22.44 ? 1397 PRO A CB  1 
ATOM   683  C CG  . PRO A 1 106 ? 5.714   6.993   19.610  1.00 22.65 ? 1397 PRO A CG  1 
ATOM   684  C CD  . PRO A 1 106 ? 5.230   6.855   18.182  1.00 20.49 ? 1397 PRO A CD  1 
ATOM   685  N N   . SER A 1 107 ? 7.903   8.778   17.514  1.00 18.63 ? 1398 SER A N   1 
ATOM   686  C CA  . SER A 1 107 ? 9.346   8.936   17.297  1.00 20.09 ? 1398 SER A CA  1 
ATOM   687  C C   . SER A 1 107 ? 9.725   8.441   15.908  1.00 19.26 ? 1398 SER A C   1 
ATOM   688  O O   . SER A 1 107 ? 9.195   7.411   15.443  1.00 18.16 ? 1398 SER A O   1 
ATOM   689  C CB  . SER A 1 107 ? 10.093  8.183   18.353  1.00 20.91 ? 1398 SER A CB  1 
ATOM   690  O OG  . SER A 1 107 ? 11.418  8.123   18.007  1.00 23.03 ? 1398 SER A OG  1 
ATOM   691  N N   . LYS A 1 108 ? 10.708  9.066   15.288  1.00 21.88 ? 1399 LYS A N   1 
ATOM   692  C CA  . LYS A 1 108 ? 11.206  8.615   13.982  1.00 23.72 ? 1399 LYS A CA  1 
ATOM   693  C C   . LYS A 1 108 ? 12.004  7.339   14.204  1.00 22.58 ? 1399 LYS A C   1 
ATOM   694  O O   . LYS A 1 108 ? 12.255  6.673   13.188  1.00 23.59 ? 1399 LYS A O   1 
ATOM   695  C CB  . LYS A 1 108 ? 11.866  9.799   13.267  1.00 28.90 ? 1399 LYS A CB  1 
ATOM   696  C CG  . LYS A 1 108 ? 10.771  10.711  12.708  1.00 30.64 ? 1399 LYS A CG  1 
ATOM   697  C CD  . LYS A 1 108 ? 11.191  11.879  11.874  1.00 36.69 ? 1399 LYS A CD  1 
ATOM   698  C CE  . LYS A 1 108 ? 10.033  12.476  11.110  1.00 37.77 ? 1399 LYS A CE  1 
ATOM   699  N NZ  . LYS A 1 108 ? 10.508  13.463  10.110  1.00 41.52 ? 1399 LYS A NZ  1 
ATOM   700  N N   . ARG A 1 109 ? 12.334  6.992   15.451  1.00 22.49 ? 1400 ARG A N   1 
ATOM   701  C CA  . ARG A 1 109 ? 13.124  5.781   15.821  1.00 24.18 ? 1400 ARG A CA  1 
ATOM   702  C C   . ARG A 1 109 ? 12.236  4.613   16.261  1.00 23.49 ? 1400 ARG A C   1 
ATOM   703  O O   . ARG A 1 109 ? 12.751  3.610   16.665  1.00 28.61 ? 1400 ARG A O   1 
ATOM   704  C CB  . ARG A 1 109 ? 14.129  6.126   16.934  1.00 27.86 ? 1400 ARG A CB  1 
ATOM   705  C CG  . ARG A 1 109 ? 15.255  7.041   16.468  1.00 33.49 ? 1400 ARG A CG  1 
ATOM   706  C CD  . ARG A 1 109 ? 16.176  7.452   17.612  1.00 35.05 ? 1400 ARG A CD  1 
ATOM   707  N NE  . ARG A 1 109 ? 17.094  6.367   17.953  1.00 41.49 ? 1400 ARG A NE  1 
ATOM   708  C CZ  . ARG A 1 109 ? 17.064  5.637   19.071  1.00 46.53 ? 1400 ARG A CZ  1 
ATOM   709  N NH1 . ARG A 1 109 ? 16.154  5.860   20.009  1.00 55.43 ? 1400 ARG A NH1 1 
ATOM   710  N NH2 . ARG A 1 109 ? 17.954  4.669   19.248  1.00 47.21 ? 1400 ARG A NH2 1 
ATOM   711  N N   . SER A 1 110 ? 10.921  4.792   16.175  0.36 21.82 ? 1401 SER A N   1 
ATOM   712  C CA  . SER A 1 110 ? 9.888   3.772   16.480  0.36 20.22 ? 1401 SER A CA  1 
ATOM   713  C C   . SER A 1 110 ? 10.179  2.441   15.767  0.36 18.45 ? 1401 SER A C   1 
ATOM   714  O O   . SER A 1 110 ? 10.654  2.455   14.604  0.36 18.09 ? 1401 SER A O   1 
ATOM   715  C CB  . SER A 1 110 ? 8.546   4.314   16.087  0.36 20.73 ? 1401 SER A CB  1 
ATOM   716  O OG  . SER A 1 110 ? 7.650   3.276   15.757  0.36 20.64 ? 1401 SER A OG  1 
ATOM   717  N N   . ARG A 1 111 ? 9.895   1.310   16.420  1.00 17.50 ? 1402 ARG A N   1 
ATOM   718  C CA  . ARG A 1 111 ? 9.963   0.005   15.725  1.00 16.03 ? 1402 ARG A CA  1 
ATOM   719  C C   . ARG A 1 111 ? 8.996   -0.018  14.540  1.00 16.36 ? 1402 ARG A C   1 
ATOM   720  O O   . ARG A 1 111 ? 9.376   -0.382  13.453  1.00 16.73 ? 1402 ARG A O   1 
ATOM   721  C CB  . ARG A 1 111 ? 9.586   -1.111  16.706  1.00 16.93 ? 1402 ARG A CB  1 
ATOM   722  C CG  . ARG A 1 111 ? 9.578   -2.495  16.086  1.00 18.00 ? 1402 ARG A CG  1 
ATOM   723  C CD  . ARG A 1 111 ? 10.991  -2.995  15.841  1.00 20.87 ? 1402 ARG A CD  1 
ATOM   724  N NE  . ARG A 1 111 ? 11.072  -4.119  14.913  1.00 27.31 ? 1402 ARG A NE  1 
ATOM   725  C CZ  . ARG A 1 111 ? 10.896  -5.397  15.222  1.00 27.82 ? 1402 ARG A CZ  1 
ATOM   726  N NH1 . ARG A 1 111 ? 10.746  -5.777  16.475  1.00 25.65 ? 1402 ARG A NH1 1 
ATOM   727  N NH2 . ARG A 1 111 ? 10.934  -6.310  14.259  1.00 33.16 ? 1402 ARG A NH2 1 
ATOM   728  N N   . ILE A 1 112 ? 7.727   0.258   14.787  0.36 15.59 ? 1403 ILE A N   1 
ATOM   729  C CA  . ILE A 1 112 ? 6.677   0.043   13.746  0.36 15.63 ? 1403 ILE A CA  1 
ATOM   730  C C   . ILE A 1 112 ? 6.857   1.066   12.620  0.36 15.40 ? 1403 ILE A C   1 
ATOM   731  O O   . ILE A 1 112 ? 6.694   0.687   11.454  0.36 15.16 ? 1403 ILE A O   1 
ATOM   732  C CB  . ILE A 1 112 ? 5.269   0.022   14.372  0.36 15.93 ? 1403 ILE A CB  1 
ATOM   733  C CG1 . ILE A 1 112 ? 5.102   -1.248  15.212  0.36 16.10 ? 1403 ILE A CG1 1 
ATOM   734  C CG2 . ILE A 1 112 ? 4.193   0.132   13.301  0.36 16.36 ? 1403 ILE A CG2 1 
ATOM   735  C CD1 . ILE A 1 112 ? 4.085   -1.133  16.319  0.36 16.78 ? 1403 ILE A CD1 1 
ATOM   736  N N   . TYR A 1 113 ? 7.254   2.301   12.933  1.00 14.70 ? 1404 TYR A N   1 
ATOM   737  C CA  . TYR A 1 113 ? 7.579   3.301   11.896  1.00 14.04 ? 1404 TYR A CA  1 
ATOM   738  C C   . TYR A 1 113 ? 8.780   2.838   11.091  1.00 14.72 ? 1404 TYR A C   1 
ATOM   739  O O   . TYR A 1 113 ? 8.783   2.947   9.884   1.00 14.68 ? 1404 TYR A O   1 
ATOM   740  C CB  . TYR A 1 113 ? 7.798   4.673   12.516  1.00 16.15 ? 1404 TYR A CB  1 
ATOM   741  C CG  . TYR A 1 113 ? 8.203   5.716   11.506  1.00 15.16 ? 1404 TYR A CG  1 
ATOM   742  C CD1 . TYR A 1 113 ? 7.387   6.052   10.437  1.00 16.53 ? 1404 TYR A CD1 1 
ATOM   743  C CD2 . TYR A 1 113 ? 9.431   6.343   11.614  1.00 15.39 ? 1404 TYR A CD2 1 
ATOM   744  C CE1 . TYR A 1 113 ? 7.788   7.024   9.530   1.00 16.20 ? 1404 TYR A CE1 1 
ATOM   745  C CE2 . TYR A 1 113 ? 9.850   7.299   10.710  1.00 18.36 ? 1404 TYR A CE2 1 
ATOM   746  C CZ  . TYR A 1 113 ? 9.007   7.646   9.671   1.00 16.49 ? 1404 TYR A CZ  1 
ATOM   747  O OH  . TYR A 1 113 ? 9.395   8.608   8.772   1.00 20.01 ? 1404 TYR A OH  1 
ATOM   748  N N   A SER A 1 114 ? 9.810   2.302   11.747  0.18 15.21 ? 1405 SER A N   1 
ATOM   749  N N   B SER A 1 114 ? 9.806   2.302   11.741  0.18 15.06 ? 1405 SER A N   1 
ATOM   750  C CA  A SER A 1 114 ? 11.026  1.828   11.038  0.18 16.19 ? 1405 SER A CA  1 
ATOM   751  C CA  B SER A 1 114 ? 11.017  1.844   11.022  0.18 15.91 ? 1405 SER A CA  1 
ATOM   752  C C   A SER A 1 114 ? 10.652  0.702   10.060  0.18 15.54 ? 1405 SER A C   1 
ATOM   753  C C   B SER A 1 114 ? 10.658  0.696   10.062  0.18 15.39 ? 1405 SER A C   1 
ATOM   754  O O   A SER A 1 114 ? 11.225  0.647   8.965   0.18 15.36 ? 1405 SER A O   1 
ATOM   755  O O   B SER A 1 114 ? 11.240  0.627   8.972   0.18 15.17 ? 1405 SER A O   1 
ATOM   756  C CB  A SER A 1 114 ? 12.120  1.386   11.982  0.18 17.24 ? 1405 SER A CB  1 
ATOM   757  C CB  B SER A 1 114 ? 12.106  1.459   11.976  0.18 16.83 ? 1405 SER A CB  1 
ATOM   758  O OG  A SER A 1 114 ? 11.843  0.114   12.549  0.18 18.41 ? 1405 SER A OG  1 
ATOM   759  O OG  B SER A 1 114 ? 12.483  2.583   12.755  0.18 17.58 ? 1405 SER A OG  1 
ATOM   760  N N   . MET A 1 115 ? 9.738   -0.180  10.459  1.00 14.70 ? 1406 MET A N   1 
ATOM   761  C CA  . MET A 1 115 ? 9.245   -1.265  9.600   1.00 14.27 ? 1406 MET A CA  1 
ATOM   762  C C   . MET A 1 115 ? 8.529   -0.633  8.395   1.00 12.80 ? 1406 MET A C   1 
ATOM   763  O O   . MET A 1 115 ? 8.722   -1.076  7.243   1.00 13.68 ? 1406 MET A O   1 
ATOM   764  C CB  . MET A 1 115 ? 8.298   -2.158  10.368  1.00 14.36 ? 1406 MET A CB  1 
ATOM   765  C CG  . MET A 1 115 ? 8.990   -2.961  11.410  1.00 15.09 ? 1406 MET A CG  1 
ATOM   766  S SD  . MET A 1 115 ? 7.916   -3.733  12.647  1.00 18.36 ? 1406 MET A SD  1 
ATOM   767  C CE  . MET A 1 115 ? 7.353   -5.128  11.753  1.00 18.90 ? 1406 MET A CE  1 
ATOM   768  N N   . SER A 1 116 ? 7.718   0.392   8.641   1.00 13.91 ? 1407 SER A N   1 
ATOM   769  C CA  . SER A 1 116 ? 6.993   1.077   7.549   1.00 13.42 ? 1407 SER A CA  1 
ATOM   770  C C   . SER A 1 116 ? 7.963   1.644   6.520   1.00 12.88 ? 1407 SER A C   1 
ATOM   771  O O   . SER A 1 116 ? 7.676   1.573   5.350   1.00 14.08 ? 1407 SER A O   1 
ATOM   772  C CB  . SER A 1 116 ? 6.066   2.164   8.100   1.00 15.22 ? 1407 SER A CB  1 
ATOM   773  O OG  . SER A 1 116 ? 6.701   3.417   8.297   1.00 15.16 ? 1407 SER A OG  1 
ATOM   774  N N   . LEU A 1 117 ? 9.095   2.205   6.952   1.00 13.69 ? 1408 LEU A N   1 
ATOM   775  C CA  . LEU A 1 117 ? 10.008  2.816   5.978   1.00 14.58 ? 1408 LEU A CA  1 
ATOM   776  C C   . LEU A 1 117 ? 10.673  1.769   5.103   1.00 12.88 ? 1408 LEU A C   1 
ATOM   777  O O   . LEU A 1 117 ? 10.830  1.969   3.907   1.00 14.54 ? 1408 LEU A O   1 
ATOM   778  C CB  . LEU A 1 117 ? 11.062  3.643   6.690   1.00 15.71 ? 1408 LEU A CB  1 
ATOM   779  C CG  . LEU A 1 117 ? 10.556  4.880   7.423   1.00 16.56 ? 1408 LEU A CG  1 
ATOM   780  C CD1 . LEU A 1 117 ? 11.742  5.567   8.059   1.00 18.81 ? 1408 LEU A CD1 1 
ATOM   781  C CD2 . LEU A 1 117 ? 9.804   5.857   6.502   1.00 19.29 ? 1408 LEU A CD2 1 
ATOM   782  N N   . ARG A 1 118 ? 11.036  0.625   5.679   1.00 13.95 ? 1409 ARG A N   1 
ATOM   783  C CA  . ARG A 1 118 ? 11.604  -0.448  4.848   1.00 13.77 ? 1409 ARG A CA  1 
ATOM   784  C C   . ARG A 1 118 ? 10.566  -0.988  3.892   1.00 12.93 ? 1409 ARG A C   1 
ATOM   785  O O   . ARG A 1 118 ? 10.831  -1.214  2.682   1.00 14.07 ? 1409 ARG A O   1 
ATOM   786  C CB  . ARG A 1 118 ? 12.154  -1.573  5.713   1.00 14.33 ? 1409 ARG A CB  1 
ATOM   787  C CG  . ARG A 1 118 ? 13.428  -1.207  6.483   1.00 15.31 ? 1409 ARG A CG  1 
ATOM   788  C CD  . ARG A 1 118 ? 14.045  -2.416  7.164   1.00 16.15 ? 1409 ARG A CD  1 
ATOM   789  N NE  . ARG A 1 118 ? 13.210  -3.048  8.119   1.00 15.24 ? 1409 ARG A NE  1 
ATOM   790  C CZ  . ARG A 1 118 ? 13.227  -2.839  9.427   1.00 17.80 ? 1409 ARG A CZ  1 
ATOM   791  N NH1 . ARG A 1 118 ? 14.060  -1.992  9.990   1.00 19.93 ? 1409 ARG A NH1 1 
ATOM   792  N NH2 . ARG A 1 118 ? 12.349  -3.494  10.176  1.00 19.23 ? 1409 ARG A NH2 1 
ATOM   793  N N   . LEU A 1 119 ? 9.367   -1.196  4.382   1.00 12.92 ? 1410 LEU A N   1 
ATOM   794  C CA  . LEU A 1 119 ? 8.313   -1.748  3.533   1.00 13.89 ? 1410 LEU A CA  1 
ATOM   795  C C   . LEU A 1 119 ? 7.939   -0.770  2.424   1.00 12.77 ? 1410 LEU A C   1 
ATOM   796  O O   . LEU A 1 119 ? 7.698   -1.208  1.277   1.00 13.26 ? 1410 LEU A O   1 
ATOM   797  C CB  . LEU A 1 119 ? 7.104   -2.071  4.392   1.00 15.63 ? 1410 LEU A CB  1 
ATOM   798  C CG  . LEU A 1 119 ? 6.088   -2.988  3.736   1.00 15.64 ? 1410 LEU A CG  1 
ATOM   799  C CD1 . LEU A 1 119 ? 6.674   -4.372  3.437   1.00 17.65 ? 1410 LEU A CD1 1 
ATOM   800  C CD2 . LEU A 1 119 ? 4.893   -3.162  4.622   1.00 15.80 ? 1410 LEU A CD2 1 
ATOM   801  N N   . SER A 1 120 ? 7.951   0.538   2.716   1.00 12.28 ? 1411 SER A N   1 
ATOM   802  C CA  . SER A 1 120 ? 7.673   1.558   1.714   1.00 13.27 ? 1411 SER A CA  1 
ATOM   803  C C   . SER A 1 120 ? 8.738   1.479   0.630   1.00 13.57 ? 1411 SER A C   1 
ATOM   804  O O   . SER A 1 120 ? 8.411   1.600   -0.563  1.00 13.55 ? 1411 SER A O   1 
ATOM   805  C CB  . SER A 1 120 ? 7.630   2.880   2.394   1.00 13.71 ? 1411 SER A CB  1 
ATOM   806  O OG  . SER A 1 120 ? 7.537   3.908   1.417   1.00 15.43 ? 1411 SER A OG  1 
ATOM   807  N N   . ALA A 1 121 ? 10.016  1.381   1.010   1.00 13.26 ? 1412 ALA A N   1 
ATOM   808  C CA  . ALA A 1 121 ? 11.091  1.318   0.004   1.00 14.54 ? 1412 ALA A CA  1 
ATOM   809  C C   . ALA A 1 121 ? 10.888  0.122   -0.900  1.00 12.95 ? 1412 ALA A C   1 
ATOM   810  O O   . ALA A 1 121 ? 11.043  0.199   -2.112  1.00 13.42 ? 1412 ALA A O   1 
ATOM   811  C CB  . ALA A 1 121 ? 12.470  1.244   0.638   1.00 14.91 ? 1412 ALA A CB  1 
ATOM   812  N N   . PHE A 1 122 ? 10.535  -1.008  -0.307  1.00 13.97 ? 1413 PHE A N   1 
ATOM   813  C CA  . PHE A 1 122 ? 10.281  -2.250  -1.064  1.00 13.47 ? 1413 PHE A CA  1 
ATOM   814  C C   . PHE A 1 122 ? 9.108   -2.074  -2.038  1.00 14.55 ? 1413 PHE A C   1 
ATOM   815  O O   . PHE A 1 122 ? 9.146   -2.411  -3.236  1.00 13.92 ? 1413 PHE A O   1 
ATOM   816  C CB  . PHE A 1 122 ? 10.014  -3.385  -0.086  1.00 13.94 ? 1413 PHE A CB  1 
ATOM   817  C CG  . PHE A 1 122 ? 9.655   -4.681  -0.757  1.00 15.43 ? 1413 PHE A CG  1 
ATOM   818  C CD1 . PHE A 1 122 ? 10.626  -5.474  -1.340  1.00 18.79 ? 1413 PHE A CD1 1 
ATOM   819  C CD2 . PHE A 1 122 ? 8.344   -5.075  -0.921  1.00 16.58 ? 1413 PHE A CD2 1 
ATOM   820  C CE1 . PHE A 1 122 ? 10.292  -6.658  -1.988  1.00 19.94 ? 1413 PHE A CE1 1 
ATOM   821  C CE2 . PHE A 1 122 ? 8.018   -6.272  -1.558  1.00 19.40 ? 1413 PHE A CE2 1 
ATOM   822  C CZ  . PHE A 1 122 ? 8.992   -7.062  -2.096  1.00 21.58 ? 1413 PHE A CZ  1 
ATOM   823  N N   . PHE A 1 123 ? 8.004   -1.508  -1.495  1.00 13.46 ? 1414 PHE A N   1 
ATOM   824  C CA  . PHE A 1 123 ? 6.816   -1.236  -2.316  1.00 14.02 ? 1414 PHE A CA  1 
ATOM   825  C C   . PHE A 1 123 ? 7.147   -0.327  -3.481  1.00 12.76 ? 1414 PHE A C   1 
ATOM   826  O O   . PHE A 1 123 ? 6.770   -0.615  -4.645  1.00 13.91 ? 1414 PHE A O   1 
ATOM   827  C CB  . PHE A 1 123 ? 5.701   -0.632  -1.462  1.00 13.93 ? 1414 PHE A CB  1 
ATOM   828  C CG  . PHE A 1 123 ? 4.487   -0.231  -2.275  1.00 14.46 ? 1414 PHE A CG  1 
ATOM   829  C CD1 . PHE A 1 123 ? 3.623   -1.189  -2.783  1.00 13.74 ? 1414 PHE A CD1 1 
ATOM   830  C CD2 . PHE A 1 123 ? 4.276   1.121   -2.565  1.00 14.29 ? 1414 PHE A CD2 1 
ATOM   831  C CE1 . PHE A 1 123 ? 2.548   -0.779  -3.568  1.00 15.12 ? 1414 PHE A CE1 1 
ATOM   832  C CE2 . PHE A 1 123 ? 3.185   1.514   -3.339  1.00 14.75 ? 1414 PHE A CE2 1 
ATOM   833  C CZ  . PHE A 1 123 ? 2.371   0.545   -3.842  1.00 14.51 ? 1414 PHE A CZ  1 
ATOM   834  N N   . GLU A 1 124 ? 7.786   0.800   -3.220  1.00 13.38 ? 1415 GLU A N   1 
ATOM   835  C CA  . GLU A 1 124 ? 8.098   1.797   -4.268  1.00 14.32 ? 1415 GLU A CA  1 
ATOM   836  C C   . GLU A 1 124 ? 9.001   1.180   -5.323  1.00 15.18 ? 1415 GLU A C   1 
ATOM   837  O O   . GLU A 1 124 ? 8.818   1.439   -6.503  1.00 16.59 ? 1415 GLU A O   1 
ATOM   838  C CB  . GLU A 1 124 ? 8.718   3.048   -3.664  1.00 16.02 ? 1415 GLU A CB  1 
ATOM   839  C CG  . GLU A 1 124 ? 7.704   3.825   -2.819  1.00 17.31 ? 1415 GLU A CG  1 
ATOM   840  C CD  . GLU A 1 124 ? 6.488   4.405   -3.546  1.00 17.68 ? 1415 GLU A CD  1 
ATOM   841  O OE1 . GLU A 1 124 ? 6.594   4.662   -4.775  1.00 20.07 ? 1415 GLU A OE1 1 
ATOM   842  O OE2 . GLU A 1 124 ? 5.470   4.603   -2.887  1.00 17.42 ? 1415 GLU A OE2 1 
ATOM   843  N N   . GLU A 1 125 ? 9.945   0.341   -4.909  1.00 15.11 ? 1416 GLU A N   1 
ATOM   844  C CA  . GLU A 1 125 ? 10.893  -0.286  -5.870  1.00 16.77 ? 1416 GLU A CA  1 
ATOM   845  C C   . GLU A 1 125 ? 10.119  -1.180  -6.818  1.00 16.10 ? 1416 GLU A C   1 
ATOM   846  O O   . GLU A 1 125 ? 10.424  -1.210  -8.019  1.00 18.49 ? 1416 GLU A O   1 
ATOM   847  C CB  . GLU A 1 125 ? 11.847  -1.106  -5.011  1.00 16.70 ? 1416 GLU A CB  1 
ATOM   848  C CG  . GLU A 1 125 ? 12.801  -2.000  -5.760  1.00 18.45 ? 1416 GLU A CG  1 
ATOM   849  C CD  . GLU A 1 125 ? 13.749  -2.689  -4.788  1.00 18.64 ? 1416 GLU A CD  1 
ATOM   850  O OE1 . GLU A 1 125 ? 14.548  -1.938  -4.135  1.00 19.20 ? 1416 GLU A OE1 1 
ATOM   851  O OE2 . GLU A 1 125 ? 13.613  -3.909  -4.579  1.00 20.04 ? 1416 GLU A OE2 1 
ATOM   852  N N   . HIS A 1 126 ? 9.073   -1.838  -6.343  1.00 16.32 ? 1417 HIS A N   1 
ATOM   853  C CA  . HIS A 1 126 ? 8.292   -2.801  -7.154  1.00 17.55 ? 1417 HIS A CA  1 
ATOM   854  C C   . HIS A 1 126 ? 7.131   -2.141  -7.910  1.00 17.45 ? 1417 HIS A C   1 
ATOM   855  O O   . HIS A 1 126 ? 6.800   -2.585  -9.044  1.00 19.83 ? 1417 HIS A O   1 
ATOM   856  C CB  . HIS A 1 126 ? 7.827   -3.968  -6.279  1.00 18.08 ? 1417 HIS A CB  1 
ATOM   857  C CG  . HIS A 1 126 ? 8.925   -4.898  -5.906  1.00 22.17 ? 1417 HIS A CG  1 
ATOM   858  N ND1 . HIS A 1 126 ? 9.915   -4.578  -5.018  1.00 23.02 ? 1417 HIS A ND1 1 
ATOM   859  C CD2 . HIS A 1 126 ? 9.151   -6.162  -6.310  1.00 27.22 ? 1417 HIS A CD2 1 
ATOM   860  C CE1 . HIS A 1 126 ? 10.782  -5.585  -4.984  1.00 27.04 ? 1417 HIS A CE1 1 
ATOM   861  N NE2 . HIS A 1 126 ? 10.285  -6.582  -5.678  1.00 31.02 ? 1417 HIS A NE2 1 
ATOM   862  N N   . ILE A 1 127 ? 6.509   -1.109  -7.351  1.00 16.12 ? 1418 ILE A N   1 
ATOM   863  C CA  . ILE A 1 127 ? 5.317   -0.519  -8.017  1.00 15.70 ? 1418 ILE A CA  1 
ATOM   864  C C   . ILE A 1 127 ? 5.688   0.345   -9.225  1.00 15.64 ? 1418 ILE A C   1 
ATOM   865  O O   . ILE A 1 127 ? 4.869   0.566   -10.099 1.00 15.22 ? 1418 ILE A O   1 
ATOM   866  C CB  . ILE A 1 127 ? 4.465   0.278   -7.012  1.00 15.12 ? 1418 ILE A CB  1 
ATOM   867  C CG1 . ILE A 1 127 ? 2.992   0.397   -7.447  1.00 16.94 ? 1418 ILE A CG1 1 
ATOM   868  C CG2 . ILE A 1 127 ? 5.043   1.647   -6.766  1.00 15.55 ? 1418 ILE A CG2 1 
ATOM   869  C CD1 . ILE A 1 127 ? 2.298   -0.883  -7.612  1.00 18.44 ? 1418 ILE A CD1 1 
ATOM   870  N N   A SER A 1 128 ? 6.918   0.853   -9.278  0.25 15.77 ? 1419 SER A N   1 
ATOM   871  N N   B SER A 1 128 ? 6.927   0.840   -9.252  0.25 16.44 ? 1419 SER A N   1 
ATOM   872  C CA  A SER A 1 128 ? 7.315   1.813   -10.333 0.25 15.51 ? 1419 SER A CA  1 
ATOM   873  C CA  B SER A 1 128 ? 7.429   1.746   -10.313 0.25 16.67 ? 1419 SER A CA  1 
ATOM   874  C C   A SER A 1 128 ? 7.077   1.201   -11.731 0.25 15.55 ? 1419 SER A C   1 
ATOM   875  C C   B SER A 1 128 ? 7.079   1.189   -11.702 0.25 16.24 ? 1419 SER A C   1 
ATOM   876  O O   A SER A 1 128 ? 6.439   1.884   -12.557 0.25 15.99 ? 1419 SER A O   1 
ATOM   877  O O   B SER A 1 128 ? 6.410   1.902   -12.482 0.25 16.47 ? 1419 SER A O   1 
ATOM   878  C CB  A SER A 1 128 ? 8.727   2.281   -10.093 0.25 15.97 ? 1419 SER A CB  1 
ATOM   879  C CB  B SER A 1 128 ? 8.911   1.970   -10.138 0.25 18.07 ? 1419 SER A CB  1 
ATOM   880  O OG  A SER A 1 128 ? 9.602   1.169   -10.058 0.25 17.31 ? 1419 SER A OG  1 
ATOM   881  O OG  B SER A 1 128 ? 9.434   2.650   -11.264 0.25 21.05 ? 1419 SER A OG  1 
ATOM   882  N N   . SER A 1 129 ? 7.467   -0.051  -11.971 1.00 15.60 ? 1420 SER A N   1 
ATOM   883  C CA  . SER A 1 129 ? 7.286   -0.656  -13.304 1.00 17.20 ? 1420 SER A CA  1 
ATOM   884  C C   . SER A 1 129 ? 5.790   -0.870  -13.563 1.00 15.75 ? 1420 SER A C   1 
ATOM   885  O O   . SER A 1 129 ? 5.385   -0.785  -14.708 1.00 16.45 ? 1420 SER A O   1 
ATOM   886  C CB  . SER A 1 129 ? 8.036   -1.928  -13.488 1.00 19.11 ? 1420 SER A CB  1 
ATOM   887  O OG  . SER A 1 129 ? 7.720   -2.898  -12.529 1.00 24.76 ? 1420 SER A OG  1 
ATOM   888  N N   . VAL A 1 130 ? 5.043   -1.249  -12.517 1.00 15.28 ? 1421 VAL A N   1 
ATOM   889  C CA  . VAL A 1 130 ? 3.585   -1.470  -12.700 1.00 15.53 ? 1421 VAL A CA  1 
ATOM   890  C C   . VAL A 1 130 ? 2.949   -0.185  -13.169 1.00 14.62 ? 1421 VAL A C   1 
ATOM   891  O O   . VAL A 1 130 ? 2.152   -0.204  -14.156 1.00 15.14 ? 1421 VAL A O   1 
ATOM   892  C CB  . VAL A 1 130 ? 2.986   -1.947  -11.396 1.00 14.21 ? 1421 VAL A CB  1 
ATOM   893  C CG1 . VAL A 1 130 ? 1.469   -2.141  -11.551 1.00 14.66 ? 1421 VAL A CG1 1 
ATOM   894  C CG2 . VAL A 1 130 ? 3.608   -3.233  -10.948 1.00 15.52 ? 1421 VAL A CG2 1 
ATOM   895  N N   . LEU A 1 131 ? 3.251   0.923   -12.534 1.00 14.59 ? 1422 LEU A N   1 
ATOM   896  C CA  . LEU A 1 131 ? 2.700   2.210   -12.948 1.00 14.10 ? 1422 LEU A CA  1 
ATOM   897  C C   . LEU A 1 131 ? 3.172   2.586   -14.344 1.00 15.18 ? 1422 LEU A C   1 
ATOM   898  O O   . LEU A 1 131 ? 2.370   3.029   -15.147 1.00 15.98 ? 1422 LEU A O   1 
ATOM   899  C CB  . LEU A 1 131 ? 3.097   3.301   -11.939 1.00 15.64 ? 1422 LEU A CB  1 
ATOM   900  C CG  . LEU A 1 131 ? 2.546   3.145   -10.528 1.00 15.88 ? 1422 LEU A CG  1 
ATOM   901  C CD1 . LEU A 1 131 ? 3.263   4.059   -9.556  1.00 17.48 ? 1422 LEU A CD1 1 
ATOM   902  C CD2 . LEU A 1 131 ? 1.044   3.376   -10.521 1.00 18.13 ? 1422 LEU A CD2 1 
ATOM   903  N N   . SER A 1 132 ? 4.467   2.455   -14.595 1.00 15.33 ? 1423 SER A N   1 
ATOM   904  C CA  . SER A 1 132 ? 4.986   2.897   -15.905 1.00 15.69 ? 1423 SER A CA  1 
ATOM   905  C C   . SER A 1 132 ? 4.334   2.072   -17.015 1.00 16.76 ? 1423 SER A C   1 
ATOM   906  O O   . SER A 1 132 ? 3.958   2.654   -18.029 1.00 16.20 ? 1423 SER A O   1 
ATOM   907  C CB  . SER A 1 132 ? 6.500   2.761   -15.986 1.00 17.63 ? 1423 SER A CB  1 
ATOM   908  O OG  . SER A 1 132 ? 7.139   3.601   -15.081 1.00 20.49 ? 1423 SER A OG  1 
ATOM   909  N N   . ASP A 1 133 ? 4.222   0.763   -16.831 1.00 15.66 ? 1424 ASP A N   1 
ATOM   910  C CA  . ASP A 1 133 ? 3.667   -0.088  -17.900 1.00 16.07 ? 1424 ASP A CA  1 
ATOM   911  C C   . ASP A 1 133 ? 2.204   0.233   -18.130 1.00 16.04 ? 1424 ASP A C   1 
ATOM   912  O O   . ASP A 1 133 ? 1.731   0.304   -19.273 1.00 17.04 ? 1424 ASP A O   1 
ATOM   913  C CB  . ASP A 1 133 ? 3.797   -1.578  -17.612 1.00 18.34 ? 1424 ASP A CB  1 
ATOM   914  C CG  . ASP A 1 133 ? 5.189   -2.166  -17.666 1.00 23.74 ? 1424 ASP A CG  1 
ATOM   915  O OD1 . ASP A 1 133 ? 6.167   -1.446  -17.954 1.00 24.73 ? 1424 ASP A OD1 1 
ATOM   916  O OD2 . ASP A 1 133 ? 5.276   -3.353  -17.383 1.00 27.73 ? 1424 ASP A OD2 1 
ATOM   917  N N   . TYR A 1 134 ? 1.469   0.450   -17.039 1.00 15.35 ? 1425 TYR A N   1 
ATOM   918  C CA  . TYR A 1 134 ? 0.046   0.776   -17.180 1.00 14.66 ? 1425 TYR A CA  1 
ATOM   919  C C   . TYR A 1 134 ? -0.081  2.068   -17.962 1.00 15.97 ? 1425 TYR A C   1 
ATOM   920  O O   . TYR A 1 134 ? -0.904  2.200   -18.887 1.00 15.42 ? 1425 TYR A O   1 
ATOM   921  C CB  . TYR A 1 134 ? -0.661  0.887   -15.818 1.00 14.51 ? 1425 TYR A CB  1 
ATOM   922  C CG  . TYR A 1 134 ? -2.071  1.352   -15.922 1.00 14.66 ? 1425 TYR A CG  1 
ATOM   923  C CD1 . TYR A 1 134 ? -3.070  0.465   -16.288 1.00 15.55 ? 1425 TYR A CD1 1 
ATOM   924  C CD2 . TYR A 1 134 ? -2.402  2.666   -15.681 1.00 16.04 ? 1425 TYR A CD2 1 
ATOM   925  C CE1 . TYR A 1 134 ? -4.381  0.869   -16.396 1.00 17.56 ? 1425 TYR A CE1 1 
ATOM   926  C CE2 . TYR A 1 134 ? -3.703  3.080   -15.757 1.00 16.94 ? 1425 TYR A CE2 1 
ATOM   927  C CZ  . TYR A 1 134 ? -4.680  2.191   -16.138 1.00 17.09 ? 1425 TYR A CZ  1 
ATOM   928  O OH  . TYR A 1 134 ? -5.980  2.608   -16.228 1.00 20.62 ? 1425 TYR A OH  1 
ATOM   929  N N   . LYS A 1 135 ? 0.678   3.094   -17.558 1.00 15.59 ? 1426 LYS A N   1 
ATOM   930  C CA  . LYS A 1 135 ? 0.483   4.413   -18.171 1.00 14.58 ? 1426 LYS A CA  1 
ATOM   931  C C   . LYS A 1 135 ? 0.905   4.357   -19.647 1.00 13.99 ? 1426 LYS A C   1 
ATOM   932  O O   . LYS A 1 135 ? 0.252   4.992   -20.468 1.00 14.75 ? 1426 LYS A O   1 
ATOM   933  C CB  . LYS A 1 135 ? 1.271   5.498   -17.411 1.00 16.15 ? 1426 LYS A CB  1 
ATOM   934  C CG  . LYS A 1 135 ? 0.740   5.680   -15.994 1.00 17.37 ? 1426 LYS A CG  1 
ATOM   935  C CD  . LYS A 1 135 ? 1.529   6.751   -15.206 1.00 19.10 ? 1426 LYS A CD  1 
ATOM   936  C CE  . LYS A 1 135 ? 1.168   6.803   -13.732 1.00 22.64 ? 1426 LYS A CE  1 
ATOM   937  N NZ  . LYS A 1 135 ? 2.180   7.607   -13.014 1.00 27.12 ? 1426 LYS A NZ  1 
ATOM   938  N N   . SER A 1 136 ? 1.928   3.612   -19.942 1.00 15.29 ? 1427 SER A N   1 
ATOM   939  C CA  . SER A 1 136 ? 2.377   3.426   -21.355 1.00 15.66 ? 1427 SER A CA  1 
ATOM   940  C C   . SER A 1 136 ? 1.287   2.708   -22.154 1.00 16.91 ? 1427 SER A C   1 
ATOM   941  O O   . SER A 1 136 ? 0.996   3.087   -23.279 1.00 15.64 ? 1427 SER A O   1 
ATOM   942  C CB  . SER A 1 136 ? 3.639   2.628   -21.371 1.00 18.85 ? 1427 SER A CB  1 
ATOM   943  O OG  . SER A 1 136 ? 3.905   2.168   -22.690 1.00 25.72 ? 1427 SER A OG  1 
ATOM   944  N N   . ALA A 1 137 ? 0.686   1.668   -21.587 1.00 17.18 ? 1428 ALA A N   1 
ATOM   945  C CA  . ALA A 1 137 ? -0.363  0.858   -22.247 1.00 17.63 ? 1428 ALA A CA  1 
ATOM   946  C C   . ALA A 1 137 ? -1.521  1.754   -22.539 1.00 17.10 ? 1428 ALA A C   1 
ATOM   947  O O   . ALA A 1 137 ? -2.154  1.680   -23.616 1.00 17.88 ? 1428 ALA A O   1 
ATOM   948  C CB  . ALA A 1 137 ? -0.832  -0.277  -21.348 1.00 19.55 ? 1428 ALA A CB  1 
ATOM   949  N N   . LEU A 1 138 ? -1.871  2.624   -21.607 0.50 18.01 ? 1429 LEU A N   1 
ATOM   950  C CA  . LEU A 1 138 ? -3.043  3.494   -21.796 0.50 19.05 ? 1429 LEU A CA  1 
ATOM   951  C C   . LEU A 1 138 ? -2.720  4.556   -22.848 0.50 16.96 ? 1429 LEU A C   1 
ATOM   952  O O   . LEU A 1 138 ? -3.606  4.901   -23.653 0.50 17.81 ? 1429 LEU A O   1 
ATOM   953  C CB  . LEU A 1 138 ? -3.447  4.088   -20.449 0.50 21.29 ? 1429 LEU A CB  1 
ATOM   954  C CG  . LEU A 1 138 ? -4.935  4.366   -20.308 0.50 21.77 ? 1429 LEU A CG  1 
ATOM   955  C CD1 . LEU A 1 138 ? -5.753  3.088   -20.425 0.50 22.09 ? 1429 LEU A CD1 1 
ATOM   956  C CD2 . LEU A 1 138 ? -5.194  5.053   -18.985 0.50 21.40 ? 1429 LEU A CD2 1 
ATOM   957  N N   . ARG A 1 139 ? -1.477  5.057   -22.874 1.00 15.56 ? 1430 ARG A N   1 
ATOM   958  C CA  . ARG A 1 139 ? -1.115  6.013   -23.937 1.00 15.50 ? 1430 ARG A CA  1 
ATOM   959  C C   . ARG A 1 139 ? -1.189  5.310   -25.309 1.00 13.69 ? 1430 ARG A C   1 
ATOM   960  O O   . ARG A 1 139 ? -1.702  5.924   -26.254 1.00 16.78 ? 1430 ARG A O   1 
ATOM   961  C CB  . ARG A 1 139 ? 0.276   6.599   -23.731 1.00 15.59 ? 1430 ARG A CB  1 
ATOM   962  C CG  . ARG A 1 139 ? 0.382   7.554   -22.557 1.00 16.05 ? 1430 ARG A CG  1 
ATOM   963  C CD  . ARG A 1 139 ? 1.739   8.263   -22.506 1.00 17.08 ? 1430 ARG A CD  1 
ATOM   964  N NE  . ARG A 1 139 ? 2.839   7.410   -22.211 1.00 17.12 ? 1430 ARG A NE  1 
ATOM   965  C CZ  . ARG A 1 139 ? 3.379   7.158   -21.012 1.00 16.69 ? 1430 ARG A CZ  1 
ATOM   966  N NH1 . ARG A 1 139 ? 2.814   7.644   -19.913 1.00 19.29 ? 1430 ARG A NH1 1 
ATOM   967  N NH2 . ARG A 1 139 ? 4.469   6.441   -20.910 1.00 17.40 ? 1430 ARG A NH2 1 
ATOM   968  N N   . PHE A 1 140 ? -0.741  4.053   -25.378 1.00 13.65 ? 1431 PHE A N   1 
ATOM   969  C CA  . PHE A 1 140 ? -0.801  3.312   -26.638 1.00 15.41 ? 1431 PHE A CA  1 
ATOM   970  C C   . PHE A 1 140 ? -2.257  3.176   -27.059 1.00 16.07 ? 1431 PHE A C   1 
ATOM   971  O O   . PHE A 1 140 ? -2.622  3.392   -28.201 1.00 15.93 ? 1431 PHE A O   1 
ATOM   972  C CB  . PHE A 1 140 ? -0.070  1.997   -26.532 1.00 15.25 ? 1431 PHE A CB  1 
ATOM   973  C CG  . PHE A 1 140 ? 0.019   1.257   -27.836 1.00 17.14 ? 1431 PHE A CG  1 
ATOM   974  C CD1 . PHE A 1 140 ? 0.989   1.628   -28.762 1.00 18.77 ? 1431 PHE A CD1 1 
ATOM   975  C CD2 . PHE A 1 140 ? -0.851  0.236   -28.161 1.00 18.12 ? 1431 PHE A CD2 1 
ATOM   976  C CE1 . PHE A 1 140 ? 1.074   0.977   -29.986 1.00 19.16 ? 1431 PHE A CE1 1 
ATOM   977  C CE2 . PHE A 1 140 ? -0.768  -0.403  -29.393 1.00 19.65 ? 1431 PHE A CE2 1 
ATOM   978  C CZ  . PHE A 1 140 ? 0.228   -0.054  -30.285 1.00 19.75 ? 1431 PHE A CZ  1 
ATOM   979  N N   . HIS A 1 141 ? -3.104  2.815   -26.100 0.50 17.86 ? 1432 HIS A N   1 
ATOM   980  C CA  . HIS A 1 141 ? -4.542  2.560   -26.354 0.50 19.68 ? 1432 HIS A CA  1 
ATOM   981  C C   . HIS A 1 141 ? -5.179  3.802   -26.976 0.50 21.34 ? 1432 HIS A C   1 
ATOM   982  O O   . HIS A 1 141 ? -6.019  3.659   -27.885 0.50 23.93 ? 1432 HIS A O   1 
ATOM   983  C CB  . HIS A 1 141 ? -5.252  2.160   -25.067 0.50 20.18 ? 1432 HIS A CB  1 
ATOM   984  C CG  . HIS A 1 141 ? -6.678  1.828   -25.329 0.50 19.84 ? 1432 HIS A CG  1 
ATOM   985  N ND1 . HIS A 1 141 ? -7.030  0.667   -25.974 0.50 19.19 ? 1432 HIS A ND1 1 
ATOM   986  C CD2 . HIS A 1 141 ? -7.818  2.491   -25.054 0.50 21.15 ? 1432 HIS A CD2 1 
ATOM   987  C CE1 . HIS A 1 141 ? -8.346  0.626   -26.092 0.50 18.93 ? 1432 HIS A CE1 1 
ATOM   988  N NE2 . HIS A 1 141 ? -8.849  1.731   -25.540 0.50 19.41 ? 1432 HIS A NE2 1 
ATOM   989  N N   . LYS A 1 142 ? -4.786  4.984   -26.513 0.50 21.95 ? 1433 LYS A N   1 
ATOM   990  C CA  . LYS A 1 142 ? -5.412  6.272   -26.894 0.50 25.25 ? 1433 LYS A CA  1 
ATOM   991  C C   . LYS A 1 142 ? -4.559  6.981   -27.947 0.50 26.86 ? 1433 LYS A C   1 
ATOM   992  O O   . LYS A 1 142 ? -4.804  8.181   -28.178 0.50 30.68 ? 1433 LYS A O   1 
ATOM   993  C CB  . LYS A 1 142 ? -5.632  7.100   -25.622 0.50 27.35 ? 1433 LYS A CB  1 
ATOM   994  C CG  . LYS A 1 142 ? -6.462  6.394   -24.558 0.50 28.69 ? 1433 LYS A CG  1 
ATOM   995  C CD  . LYS A 1 142 ? -6.611  7.169   -23.271 0.50 29.07 ? 1433 LYS A CD  1 
ATOM   996  C CE  . LYS A 1 142 ? -7.303  6.364   -22.194 0.50 30.75 ? 1433 LYS A CE  1 
ATOM   997  N NZ  . LYS A 1 142 ? -8.520  5.691   -22.711 0.50 30.86 ? 1433 LYS A NZ  1 
ATOM   998  N N   . ARG A 1 143 ? -3.596  6.286   -28.560 1.00 26.25 ? 1434 ARG A N   1 
ATOM   999  C CA  . ARG A 1 143 ? -2.674  6.897   -29.562 1.00 25.48 ? 1434 ARG A CA  1 
ATOM   1000 C C   . ARG A 1 143 ? -3.406  7.486   -30.786 1.00 28.00 ? 1434 ARG A C   1 
ATOM   1001 O O   . ARG A 1 143 ? -4.372  6.916   -31.232 1.00 36.29 ? 1434 ARG A O   1 
ATOM   1002 C CB  . ARG A 1 143 ? -1.586  5.923   -30.025 1.00 23.95 ? 1434 ARG A CB  1 
ATOM   1003 C CG  . ARG A 1 143 ? -2.128  4.799   -30.893 1.00 22.94 ? 1434 ARG A CG  1 
ATOM   1004 C CD  . ARG A 1 143 ? -1.154  3.670   -31.033 1.00 25.24 ? 1434 ARG A CD  1 
ATOM   1005 N NE  . ARG A 1 143 ? -1.614  2.642   -31.941 1.00 23.27 ? 1434 ARG A NE  1 
ATOM   1006 C CZ  . ARG A 1 143 ? -2.494  1.710   -31.703 1.00 23.33 ? 1434 ARG A CZ  1 
ATOM   1007 N NH1 . ARG A 1 143 ? -3.097  1.636   -30.534 1.00 21.53 ? 1434 ARG A NH1 1 
ATOM   1008 N NH2 . ARG A 1 143 ? -2.785  0.803   -32.635 1.00 26.55 ? 1434 ARG A NH2 1 
HETATM 1009 N N1  . Y1D B 2 .   ? -0.317  -0.649  14.606  0.36 27.53 ? 1501 Y1D A N1  1 
HETATM 1010 C C4  . Y1D B 2 .   ? -4.168  -5.918  14.650  0.36 34.71 ? 1501 Y1D A C4  1 
HETATM 1011 C C5  . Y1D B 2 .   ? -4.305  -4.872  15.581  0.36 33.81 ? 1501 Y1D A C5  1 
HETATM 1012 C C6  . Y1D B 2 .   ? -3.553  -3.695  15.369  0.36 33.12 ? 1501 Y1D A C6  1 
HETATM 1013 C C7  . Y1D B 2 .   ? -0.652  0.622   15.361  0.36 26.77 ? 1501 Y1D A C7  1 
HETATM 1014 C C8  . Y1D B 2 .   ? -0.279  1.943   14.663  0.36 25.45 ? 1501 Y1D A C8  1 
HETATM 1015 C C10 . Y1D B 2 .   ? 2.696   3.144   14.561  0.36 19.59 ? 1501 Y1D A C10 1 
HETATM 1016 C C13 . Y1D B 2 .   ? 3.626   3.125   16.514  0.36 19.29 ? 1501 Y1D A C13 1 
HETATM 1017 C C15 . Y1D B 2 .   ? -0.063  -0.511  13.160  0.36 25.86 ? 1501 Y1D A C15 1 
HETATM 1018 N N   . Y1D B 2 .   ? -1.926  -2.405  14.039  0.36 31.96 ? 1501 Y1D A N   1 
HETATM 1019 C C   . Y1D B 2 .   ? -1.029  -1.883  14.991  0.36 30.34 ? 1501 Y1D A C   1 
HETATM 1020 O O   . Y1D B 2 .   ? -0.848  -2.447  16.055  0.36 33.35 ? 1501 Y1D A O   1 
HETATM 1021 C C1  . Y1D B 2 .   ? -2.674  -3.587  14.260  0.36 33.12 ? 1501 Y1D A C1  1 
HETATM 1022 C C11 . Y1D B 2 .   ? 3.757   3.982   14.492  0.36 18.53 ? 1501 Y1D A C11 1 
HETATM 1023 C C12 . Y1D B 2 .   ? 4.365   3.954   15.764  0.36 17.60 ? 1501 Y1D A C12 1 
HETATM 1024 C C14 . Y1D B 2 .   ? 0.647   0.734   12.746  0.36 25.37 ? 1501 Y1D A C14 1 
HETATM 1025 C C2  . Y1D B 2 .   ? -2.568  -4.659  13.356  0.36 34.01 ? 1501 Y1D A C2  1 
HETATM 1026 C C3  . Y1D B 2 .   ? -3.316  -5.822  13.539  0.36 35.06 ? 1501 Y1D A C3  1 
HETATM 1027 C C9  . Y1D B 2 .   ? 1.796   2.653   13.544  0.36 21.04 ? 1501 Y1D A C9  1 
HETATM 1028 F F   . Y1D B 2 .   ? -4.850  -7.033  14.824  0.36 36.50 ? 1501 Y1D A F   1 
HETATM 1029 F F1  . Y1D B 2 .   ? -3.688  -2.653  16.213  0.36 29.50 ? 1501 Y1D A F1  1 
HETATM 1030 N N2  . Y1D B 2 .   ? 0.918   1.662   13.858  0.36 23.28 ? 1501 Y1D A N2  1 
HETATM 1031 O O1  . Y1D B 2 .   ? 1.867   3.021   12.407  0.36 20.04 ? 1501 Y1D A O1  1 
HETATM 1032 O O2  . Y1D B 2 .   ? 2.570   2.610   15.785  0.36 17.84 ? 1501 Y1D A O2  1 
HETATM 1033 O O   . HOH C 3 .   ? 1.644   -14.583 -5.480  1.00 39.32 ? 1601 HOH A O   1 
HETATM 1034 O O   . HOH C 3 .   ? 8.656   14.771  9.711   1.00 38.96 ? 1602 HOH A O   1 
HETATM 1035 O O   . HOH C 3 .   ? 12.063  -2.202  12.947  1.00 31.20 ? 1603 HOH A O   1 
HETATM 1036 O O   . HOH C 3 .   ? -13.112 5.162   -16.863 1.00 37.07 ? 1604 HOH A O   1 
HETATM 1037 O O   . HOH C 3 .   ? -7.877  1.026   -16.420 1.00 30.82 ? 1605 HOH A O   1 
HETATM 1038 O O   . HOH C 3 .   ? -10.991 9.061   18.999  1.00 42.13 ? 1606 HOH A O   1 
HETATM 1039 O O   . HOH C 3 .   ? -3.192  11.257  21.292  1.00 28.06 ? 1607 HOH A O   1 
HETATM 1040 O O   . HOH C 3 .   ? -1.258  8.166   22.687  1.00 38.96 ? 1608 HOH A O   1 
HETATM 1041 O O   . HOH C 3 .   ? -3.682  14.450  12.757  1.00 58.06 ? 1609 HOH A O   1 
HETATM 1042 O O   . HOH C 3 .   ? 0.434   -3.607  17.920  1.00 27.72 ? 1610 HOH A O   1 
HETATM 1043 O O   . HOH C 3 .   ? 3.343   -0.417  19.739  1.00 45.21 ? 1611 HOH A O   1 
HETATM 1044 O O   . HOH C 3 .   ? -0.630  3.894   11.353  1.00 19.34 ? 1612 HOH A O   1 
HETATM 1045 O O   . HOH C 3 .   ? 15.311  0.403   -4.888  1.00 30.04 ? 1613 HOH A O   1 
HETATM 1046 O O   . HOH C 3 .   ? 7.297   -4.875  -10.118 1.00 31.11 ? 1614 HOH A O   1 
HETATM 1047 O O   . HOH C 3 .   ? 5.515   -0.740  -29.926 1.00 43.82 ? 1615 HOH A O   1 
HETATM 1048 O O   . HOH C 3 .   ? -10.542 3.865   5.812   1.00 34.37 ? 1616 HOH A O   1 
HETATM 1049 O O   . HOH C 3 .   ? -2.437  -13.530 -8.511  1.00 43.78 ? 1617 HOH A O   1 
HETATM 1050 O O   . HOH C 3 .   ? -7.920  1.284   12.295  1.00 28.19 ? 1618 HOH A O   1 
HETATM 1051 O O   . HOH C 3 .   ? -9.914  2.907   -1.865  1.00 35.42 ? 1619 HOH A O   1 
HETATM 1052 O O   . HOH C 3 .   ? -5.094  12.643  -3.171  1.00 33.47 ? 1620 HOH A O   1 
HETATM 1053 O O   . HOH C 3 .   ? 0.892   13.438  13.840  1.00 22.09 ? 1621 HOH A O   1 
HETATM 1054 O O   . HOH C 3 .   ? 11.865  9.398   8.587   1.00 33.00 ? 1622 HOH A O   1 
HETATM 1055 O O   . HOH C 3 .   ? 4.638   11.769  14.361  1.00 20.75 ? 1623 HOH A O   1 
HETATM 1056 O O   . HOH C 3 .   ? -7.454  1.941   -29.242 1.00 46.42 ? 1624 HOH A O   1 
HETATM 1057 O O   . HOH C 3 .   ? 7.785   3.996   -7.043  1.00 19.70 ? 1625 HOH A O   1 
HETATM 1058 O O   . HOH C 3 .   ? 9.841   12.085  18.848  1.00 25.61 ? 1626 HOH A O   1 
HETATM 1059 O O   . HOH C 3 .   ? 11.160  11.919  8.046   1.00 36.79 ? 1627 HOH A O   1 
HETATM 1060 O O   . HOH C 3 .   ? -6.627  6.465   -11.930 1.00 30.45 ? 1628 HOH A O   1 
HETATM 1061 O O   . HOH C 3 .   ? 5.352   4.451   -0.234  1.00 19.57 ? 1629 HOH A O   1 
HETATM 1062 O O   . HOH C 3 .   ? -1.557  2.796   22.851  1.00 50.26 ? 1630 HOH A O   1 
HETATM 1063 O O   . HOH C 3 .   ? -2.198  0.496   8.834   1.00 19.91 ? 1631 HOH A O   1 
HETATM 1064 O O   . HOH C 3 .   ? -7.441  0.229   8.057   1.00 19.91 ? 1632 HOH A O   1 
HETATM 1065 O O   . HOH C 3 .   ? -5.785  12.217  21.675  1.00 30.88 ? 1633 HOH A O   1 
HETATM 1066 O O   . HOH C 3 .   ? -1.757  9.872   6.539   1.00 19.95 ? 1634 HOH A O   1 
HETATM 1067 O O   . HOH C 3 .   ? -2.160  5.223   22.023  1.00 55.08 ? 1635 HOH A O   1 
HETATM 1068 O O   . HOH C 3 .   ? 13.944  6.226   11.158  1.00 32.51 ? 1636 HOH A O   1 
HETATM 1069 O O   . HOH C 3 .   ? -7.751  -5.157  13.565  1.00 38.01 ? 1637 HOH A O   1 
HETATM 1070 O O   . HOH C 3 .   ? -12.204 -8.859  -9.180  1.00 20.23 ? 1638 HOH A O   1 
HETATM 1071 O O   . HOH C 3 .   ? 14.725  3.204   14.102  1.00 38.60 ? 1639 HOH A O   1 
HETATM 1072 O O   . HOH C 3 .   ? -9.461  6.962   18.598  1.00 35.19 ? 1640 HOH A O   1 
HETATM 1073 O O   . HOH C 3 .   ? -6.827  5.122   -15.791 1.00 27.40 ? 1641 HOH A O   1 
HETATM 1074 O O   . HOH C 3 .   ? 7.161   -14.026 6.910   1.00 26.28 ? 1642 HOH A O   1 
HETATM 1075 O O   . HOH C 3 .   ? -2.707  -0.611  -25.049 1.00 19.69 ? 1643 HOH A O   1 
HETATM 1076 O O   . HOH C 3 .   ? -2.502  -1.542  10.547  1.00 18.60 ? 1644 HOH A O   1 
HETATM 1077 O O   . HOH C 3 .   ? -11.193 -1.222  5.760   1.00 34.92 ? 1645 HOH A O   1 
HETATM 1078 O O   . HOH C 3 .   ? 6.197   -16.401 5.658   1.00 20.04 ? 1646 HOH A O   1 
HETATM 1079 O O   . HOH C 3 .   ? -4.056  2.958   9.271   1.00 17.56 ? 1647 HOH A O   1 
HETATM 1080 O O   . HOH C 3 .   ? -12.579 10.432  8.747   1.00 42.92 ? 1648 HOH A O   1 
HETATM 1081 O O   . HOH C 3 .   ? -1.283  8.570   -26.630 1.00 34.70 ? 1649 HOH A O   1 
HETATM 1082 O O   . HOH C 3 .   ? -4.177  -8.568  -14.526 1.00 17.56 ? 1650 HOH A O   1 
HETATM 1083 O O   . HOH C 3 .   ? -4.889  -0.824  -26.727 1.00 18.50 ? 1651 HOH A O   1 
HETATM 1084 O O   . HOH C 3 .   ? 14.321  -5.126  -6.908  1.00 28.81 ? 1652 HOH A O   1 
HETATM 1085 O O   . HOH C 3 .   ? -10.891 10.517  12.656  1.00 35.99 ? 1653 HOH A O   1 
HETATM 1086 O O   . HOH C 3 .   ? -17.116 -7.113  -6.235  1.00 29.97 ? 1654 HOH A O   1 
HETATM 1087 O O   . HOH C 3 .   ? 3.838   6.419   -24.564 1.00 21.32 ? 1655 HOH A O   1 
HETATM 1088 O O   . HOH C 3 .   ? 4.256   -7.892  -9.289  1.00 27.00 ? 1656 HOH A O   1 
HETATM 1089 O O   . HOH C 3 .   ? 9.505   2.474   -14.273 1.00 23.24 ? 1657 HOH A O   1 
HETATM 1090 O O   . HOH C 3 .   ? -6.465  7.094   -0.228  1.00 31.75 ? 1658 HOH A O   1 
HETATM 1091 O O   . HOH C 3 .   ? -14.148 -3.027  -2.056  1.00 45.20 ? 1659 HOH A O   1 
HETATM 1092 O O   . HOH C 3 .   ? -0.734  9.512   1.923   1.00 18.69 ? 1660 HOH A O   1 
HETATM 1093 O O   . HOH C 3 .   ? 11.109  -9.035  11.857  1.00 41.04 ? 1661 HOH A O   1 
HETATM 1094 O O   . HOH C 3 .   ? 11.346  4.425   2.783   1.00 25.60 ? 1662 HOH A O   1 
HETATM 1095 O O   . HOH C 3 .   ? 1.264   -12.861 5.957   1.00 31.16 ? 1663 HOH A O   1 
HETATM 1096 O O   . HOH C 3 .   ? 5.999   5.639   6.829   1.00 17.21 ? 1664 HOH A O   1 
HETATM 1097 O O   . HOH C 3 .   ? -10.780 5.027   21.811  1.00 30.80 ? 1665 HOH A O   1 
HETATM 1098 O O   . HOH C 3 .   ? 3.230   7.892   2.092   1.00 16.15 ? 1666 HOH A O   1 
HETATM 1099 O O   . HOH C 3 .   ? 15.225  2.757   12.449  1.00 39.19 ? 1667 HOH A O   1 
HETATM 1100 O O   . HOH C 3 .   ? 7.631   6.410   2.608   1.00 30.46 ? 1668 HOH A O   1 
HETATM 1101 O O   . HOH C 3 .   ? -0.288  -9.281  -15.273 1.00 27.29 ? 1669 HOH A O   1 
HETATM 1102 O O   . HOH C 3 .   ? -12.918 -8.438  -2.027  1.00 29.70 ? 1670 HOH A O   1 
HETATM 1103 O O   . HOH C 3 .   ? -2.014  8.591   -0.172  1.00 17.09 ? 1671 HOH A O   1 
HETATM 1104 O O   . HOH C 3 .   ? 12.975  -2.910  2.201   1.00 20.89 ? 1672 HOH A O   1 
HETATM 1105 O O   . HOH C 3 .   ? 10.629  -6.694  11.220  1.00 36.61 ? 1673 HOH A O   1 
HETATM 1106 O O   . HOH C 3 .   ? 14.117  -4.525  -1.908  1.00 18.94 ? 1674 HOH A O   1 
HETATM 1107 O O   . HOH C 3 .   ? 6.695   4.668   -12.235 1.00 23.28 ? 1675 HOH A O   1 
HETATM 1108 O O   . HOH C 3 .   ? -1.120  7.319   -7.015  1.00 23.09 ? 1676 HOH A O   1 
HETATM 1109 O O   . HOH C 3 .   ? -1.401  7.011   -19.462 1.00 22.89 ? 1677 HOH A O   1 
HETATM 1110 O O   . HOH C 3 .   ? -0.434  2.584   9.097   1.00 20.90 ? 1678 HOH A O   1 
HETATM 1111 O O   . HOH C 3 .   ? -9.522  0.709   -0.124  1.00 30.87 ? 1679 HOH A O   1 
HETATM 1112 O O   . HOH C 3 .   ? 1.076   -2.561  -15.442 1.00 15.44 ? 1680 HOH A O   1 
HETATM 1113 O O   . HOH C 3 .   ? -9.692  -3.739  -8.571  1.00 14.83 ? 1681 HOH A O   1 
HETATM 1114 O O   . HOH C 3 .   ? -11.306 2.387   -4.557  1.00 28.01 ? 1682 HOH A O   1 
HETATM 1115 O O   . HOH C 3 .   ? -3.351  -10.997 7.395   1.00 45.76 ? 1683 HOH A O   1 
HETATM 1116 O O   . HOH C 3 .   ? -10.386 -9.222  -12.850 1.00 21.94 ? 1684 HOH A O   1 
HETATM 1117 O O   . HOH C 3 .   ? 2.496   11.436  7.478   1.00 25.34 ? 1685 HOH A O   1 
HETATM 1118 O O   . HOH C 3 .   ? 13.736  1.856   8.554   1.00 19.59 ? 1686 HOH A O   1 
HETATM 1119 O O   . HOH C 3 .   ? -10.391 2.076   -17.186 0.50 28.14 ? 1687 HOH A O   1 
HETATM 1120 O O   . HOH C 3 .   ? 8.935   9.171   5.469   1.00 30.69 ? 1688 HOH A O   1 
HETATM 1121 O O   . HOH C 3 .   ? 9.563   -1.664  -10.667 1.00 24.16 ? 1689 HOH A O   1 
HETATM 1122 O O   . HOH C 3 .   ? 1.717   -14.055 0.809   1.00 25.77 ? 1690 HOH A O   1 
HETATM 1123 O O   . HOH C 3 .   ? 6.694   1.332   -25.847 1.00 30.89 ? 1691 HOH A O   1 
HETATM 1124 O O   . HOH C 3 .   ? 9.982   4.753   0.275   1.00 21.86 ? 1692 HOH A O   1 
HETATM 1125 O O   . HOH C 3 .   ? 12.501  2.420   -3.096  1.00 25.96 ? 1693 HOH A O   1 
HETATM 1126 O O   . HOH C 3 .   ? -2.849  -10.460 -3.207  1.00 32.84 ? 1694 HOH A O   1 
HETATM 1127 O O   . HOH C 3 .   ? -6.876  11.524  -6.161  1.00 41.96 ? 1695 HOH A O   1 
HETATM 1128 O O   . HOH C 3 .   ? -0.326  -12.121 9.858   1.00 30.40 ? 1696 HOH A O   1 
HETATM 1129 O O   . HOH C 3 .   ? -7.288  5.292   -3.851  1.00 23.59 ? 1697 HOH A O   1 
HETATM 1130 O O   . HOH C 3 .   ? 1.101   -3.449  -19.353 1.00 22.24 ? 1698 HOH A O   1 
HETATM 1131 O O   . HOH C 3 .   ? -12.525 -3.101  0.370   1.00 38.90 ? 1699 HOH A O   1 
HETATM 1132 O O   . HOH C 3 .   ? -11.307 0.778   -0.162  1.00 30.48 ? 1700 HOH A O   1 
HETATM 1133 O O   . HOH C 3 .   ? -6.028  1.019   10.208  1.00 21.29 ? 1701 HOH A O   1 
HETATM 1134 O O   . HOH C 3 .   ? -5.404  9.528   7.506   1.00 21.77 ? 1702 HOH A O   1 
HETATM 1135 O O   . HOH C 3 .   ? 15.837  0.001   8.932   1.00 19.38 ? 1703 HOH A O   1 
HETATM 1136 O O   . HOH C 3 .   ? -9.887  -5.264  5.911   1.00 35.74 ? 1704 HOH A O   1 
HETATM 1137 O O   . HOH C 3 .   ? 2.725   4.132   -25.333 1.00 17.85 ? 1705 HOH A O   1 
HETATM 1138 O O   . HOH C 3 .   ? -14.158 -10.921 -5.852  1.00 40.88 ? 1706 HOH A O   1 
HETATM 1139 O O   . HOH C 3 .   ? 12.773  0.199   -8.932  1.00 34.32 ? 1707 HOH A O   1 
HETATM 1140 O O   . HOH C 3 .   ? 2.820   -4.806  -17.862 1.00 25.05 ? 1708 HOH A O   1 
HETATM 1141 O O   . HOH C 3 .   ? 6.897   -8.723  12.266  1.00 28.36 ? 1709 HOH A O   1 
HETATM 1142 O O   . HOH C 3 .   ? 8.300   -15.000 9.483   1.00 28.24 ? 1710 HOH A O   1 
HETATM 1143 O O   . HOH C 3 .   ? -4.919  11.661  9.098   1.00 29.63 ? 1711 HOH A O   1 
HETATM 1144 O O   . HOH C 3 .   ? -7.827  -9.204  2.155   1.00 34.13 ? 1712 HOH A O   1 
HETATM 1145 O O   . HOH C 3 .   ? 0.880   -12.158 12.755  1.00 50.54 ? 1713 HOH A O   1 
HETATM 1146 O O   . HOH C 3 .   ? 5.182   -11.721 9.973   1.00 55.19 ? 1714 HOH A O   1 
HETATM 1147 O O   . HOH C 3 .   ? -4.543  -6.998  21.184  1.00 47.61 ? 1715 HOH A O   1 
HETATM 1148 O O   . HOH C 3 .   ? -9.093  5.350   0.605   1.00 36.72 ? 1716 HOH A O   1 
HETATM 1149 O O   . HOH C 3 .   ? -7.042  12.832  -1.394  1.00 32.77 ? 1717 HOH A O   1 
HETATM 1150 O O   . HOH C 3 .   ? 3.100   7.966   -8.291  1.00 40.58 ? 1718 HOH A O   1 
HETATM 1151 O O   . HOH C 3 .   ? -6.986  -10.718 -11.384 1.00 37.91 ? 1719 HOH A O   1 
HETATM 1152 O O   . HOH C 3 .   ? -10.828 -1.474  16.473  1.00 51.99 ? 1720 HOH A O   1 
HETATM 1153 O O   . HOH C 3 .   ? 10.659  -4.440  4.025   1.00 25.21 ? 1721 HOH A O   1 
HETATM 1154 O O   . HOH C 3 .   ? 6.148   3.585   18.268  0.36 28.77 ? 1722 HOH A O   1 
HETATM 1155 O O   . HOH C 3 .   ? -1.381  -2.692  -16.916 1.00 15.92 ? 1723 HOH A O   1 
HETATM 1156 O O   . HOH C 3 .   ? -7.059  -5.755  21.491  1.00 44.18 ? 1724 HOH A O   1 
HETATM 1157 O O   . HOH C 3 .   ? 0.301   9.086   -19.384 1.00 22.67 ? 1725 HOH A O   1 
HETATM 1158 O O   . HOH C 3 .   ? -9.668  -1.863  -18.389 1.00 24.09 ? 1726 HOH A O   1 
HETATM 1159 O O   . HOH C 3 .   ? 0.018   -9.633  15.800  1.00 43.81 ? 1727 HOH A O   1 
HETATM 1160 O O   . HOH C 3 .   ? 8.549   -11.090 0.259   1.00 34.34 ? 1728 HOH A O   1 
HETATM 1161 O O   . HOH C 3 .   ? 11.034  0.491   -12.585 1.00 32.10 ? 1729 HOH A O   1 
HETATM 1162 O O   . HOH C 3 .   ? 8.534   -16.116 1.831   1.00 38.26 ? 1730 HOH A O   1 
HETATM 1163 O O   . HOH C 3 .   ? -4.012  -8.673  -17.969 1.00 22.23 ? 1731 HOH A O   1 
HETATM 1164 O O   . HOH C 3 .   ? 6.741   0.984   17.510  1.00 18.95 ? 1732 HOH A O   1 
HETATM 1165 O O   . HOH C 3 .   ? -7.994  -2.961  -15.713 1.00 22.46 ? 1733 HOH A O   1 
HETATM 1166 O O   . HOH C 3 .   ? -7.332  -5.475  -14.728 1.00 18.49 ? 1734 HOH A O   1 
HETATM 1167 O O   . HOH C 3 .   ? 5.117   -4.068  -14.469 1.00 29.41 ? 1735 HOH A O   1 
HETATM 1168 O O   . HOH C 3 .   ? 5.342   -13.061 8.143   1.00 34.50 ? 1736 HOH A O   1 
HETATM 1169 O O   . HOH C 3 .   ? 0.206   -6.266  14.549  1.00 31.78 ? 1737 HOH A O   1 
HETATM 1170 O O   . HOH C 3 .   ? 3.922   -13.156 -5.041  1.00 29.21 ? 1738 HOH A O   1 
HETATM 1171 O O   . HOH C 3 .   ? 5.338   7.292   -8.464  1.00 28.80 ? 1739 HOH A O   1 
HETATM 1172 O O   . HOH C 3 .   ? 10.811  -8.792  16.756  1.00 33.05 ? 1740 HOH A O   1 
HETATM 1173 O O   . HOH C 3 .   ? 10.754  -10.949 5.821   1.00 31.35 ? 1741 HOH A O   1 
HETATM 1174 O O   . HOH C 3 .   ? 1.787   -5.879  -21.740 1.00 28.68 ? 1742 HOH A O   1 
HETATM 1175 O O   . HOH C 3 .   ? -0.147  8.406   -4.653  1.00 18.32 ? 1743 HOH A O   1 
HETATM 1176 O O   . HOH C 3 .   ? 7.344   11.044  11.863  1.00 29.76 ? 1744 HOH A O   1 
HETATM 1177 O O   . HOH C 3 .   ? 9.341   -8.622  13.030  1.00 39.81 ? 1745 HOH A O   1 
HETATM 1178 O O   . HOH C 3 .   ? -5.620  -10.414 3.336   1.00 37.69 ? 1746 HOH A O   1 
HETATM 1179 O O   . HOH C 3 .   ? 4.489   -0.761  -21.644 1.00 43.91 ? 1747 HOH A O   1 
HETATM 1180 O O   . HOH C 3 .   ? -11.531 3.198   12.376  1.00 45.30 ? 1748 HOH A O   1 
HETATM 1181 O O   . HOH C 3 .   ? 0.150   4.442   21.625  1.00 54.80 ? 1749 HOH A O   1 
HETATM 1182 O O   . HOH C 3 .   ? 0.069   9.000   -11.032 1.00 33.67 ? 1750 HOH A O   1 
HETATM 1183 O O   . HOH C 3 .   ? -4.856  -11.546 -4.442  1.00 37.67 ? 1751 HOH A O   1 
HETATM 1184 O O   . HOH C 3 .   ? -7.405  15.291  18.468  1.00 41.12 ? 1752 HOH A O   1 
HETATM 1185 O O   . HOH C 3 .   ? -2.720  -10.825 9.407   1.00 40.64 ? 1753 HOH A O   1 
HETATM 1186 O O   . HOH C 3 .   ? -1.569  13.866  12.111  1.00 43.59 ? 1754 HOH A O   1 
HETATM 1187 O O   . HOH C 3 .   ? 1.632   5.194   -27.756 1.00 18.65 ? 1755 HOH A O   1 
HETATM 1188 O O   . HOH C 3 .   ? 2.776   -14.534 7.488   1.00 28.79 ? 1756 HOH A O   1 
HETATM 1189 O O   . HOH C 3 .   ? -5.136  7.865   -8.090  1.00 30.23 ? 1757 HOH A O   1 
HETATM 1190 O O   . HOH C 3 .   ? 4.699   8.820   4.246   1.00 18.02 ? 1758 HOH A O   1 
HETATM 1191 O O   . HOH C 3 .   ? -3.351  7.624   -21.189 1.00 35.54 ? 1759 HOH A O   1 
HETATM 1192 O O   . HOH C 3 .   ? 14.543  3.881   10.043  1.00 26.65 ? 1760 HOH A O   1 
HETATM 1193 O O   . HOH C 3 .   ? 0.928   -14.745 9.490   1.00 30.82 ? 1761 HOH A O   1 
HETATM 1194 O O   . HOH C 3 .   ? 0.922   7.928   -27.984 1.00 41.97 ? 1762 HOH A O   1 
HETATM 1195 O O   . HOH C 3 .   ? 14.630  1.575   3.739   1.00 27.09 ? 1763 HOH A O   1 
HETATM 1196 O O   . HOH C 3 .   ? -8.695  14.801  20.716  1.00 38.19 ? 1764 HOH A O   1 
HETATM 1197 O O   . HOH C 3 .   ? 5.794   -11.037 12.533  1.00 40.48 ? 1765 HOH A O   1 
HETATM 1198 O O   . HOH C 3 .   ? 1.439   -16.959 -2.970  1.00 31.39 ? 1766 HOH A O   1 
HETATM 1199 O O   . HOH C 3 .   ? 3.602   13.176  9.160   1.00 32.00 ? 1767 HOH A O   1 
HETATM 1200 O O   . HOH C 3 .   ? 5.241   7.045   0.502   1.00 22.81 ? 1768 HOH A O   1 
HETATM 1201 O O   . HOH C 3 .   ? -4.770  12.296  -0.361  1.00 35.24 ? 1769 HOH A O   1 
HETATM 1202 O O   . HOH C 3 .   ? -10.323 1.077   11.462  1.00 43.96 ? 1770 HOH A O   1 
HETATM 1203 O O   . HOH C 3 .   ? 12.495  -8.301  7.379   1.00 44.02 ? 1771 HOH A O   1 
HETATM 1204 O O   . HOH C 3 .   ? 6.871   5.233   -9.439  1.00 21.27 ? 1772 HOH A O   1 
HETATM 1205 O O   . HOH C 3 .   ? 13.729  8.308   9.747   1.00 37.91 ? 1773 HOH A O   1 
HETATM 1206 O O   . HOH C 3 .   ? 14.444  2.979   6.079   1.00 31.62 ? 1774 HOH A O   1 
HETATM 1207 O O   . HOH C 3 .   ? 0.701   6.996   -8.919  1.00 28.44 ? 1775 HOH A O   1 
HETATM 1208 O O   . HOH C 3 .   ? -10.104 0.364   8.398   1.00 35.56 ? 1776 HOH A O   1 
HETATM 1209 O O   . HOH C 3 .   ? -6.527  -9.763  -13.674 1.00 24.22 ? 1777 HOH A O   1 
HETATM 1210 O O   . HOH C 3 .   ? -2.623  -10.380 -16.140 1.00 29.84 ? 1778 HOH A O   1 
HETATM 1211 O O   . HOH C 3 .   ? 6.947   7.396   4.964   1.00 18.35 ? 1779 HOH A O   1 
HETATM 1212 O O   . HOH C 3 .   ? -4.643  9.489   0.369   1.00 27.34 ? 1780 HOH A O   1 
HETATM 1213 O O   . HOH C 3 .   ? 11.557  8.841   4.980   1.00 39.11 ? 1781 HOH A O   1 
HETATM 1214 O O   . HOH C 3 .   ? -2.941  9.235   -23.397 1.00 39.27 ? 1782 HOH A O   1 
HETATM 1215 O O   . HOH C 3 .   ? 7.925   4.098   20.102  1.00 50.02 ? 1783 HOH A O   1 
HETATM 1216 O O   . HOH C 3 .   ? 2.191   11.079  -24.808 1.00 36.18 ? 1784 HOH A O   1 
HETATM 1217 O O   . HOH C 3 .   ? -11.585 1.619   1.862   1.00 36.82 ? 1785 HOH A O   1 
HETATM 1218 O O   . HOH C 3 .   ? 11.345  4.965   -1.864  1.00 31.28 ? 1786 HOH A O   1 
HETATM 1219 O O   . HOH C 3 .   ? -5.302  7.207   -16.390 1.00 27.31 ? 1787 HOH A O   1 
HETATM 1220 O O   . HOH C 3 .   ? -8.749  -8.026  -15.414 0.50 14.57 ? 1788 HOH A O   1 
HETATM 1221 O O   . HOH C 3 .   ? -0.198  11.016  -21.064 1.00 43.47 ? 1789 HOH A O   1 
HETATM 1222 O O   . HOH C 3 .   ? 12.577  6.512   3.763   1.00 37.47 ? 1790 HOH A O   1 
HETATM 1223 O O   . HOH C 3 .   ? -2.605  6.864   -16.850 1.00 24.99 ? 1791 HOH A O   1 
# 
